data_2HLV
# 
_entry.id   2HLV 
# 
_audit_conform.dict_name       mmcif_pdbx.dic 
_audit_conform.dict_version    5.397 
_audit_conform.dict_location   http://mmcif.pdb.org/dictionaries/ascii/mmcif_pdbx.dic 
# 
loop_
_database_2.database_id 
_database_2.database_code 
_database_2.pdbx_database_accession 
_database_2.pdbx_DOI 
PDB   2HLV         pdb_00002hlv 10.2210/pdb2hlv/pdb 
RCSB  RCSB038495   ?            ?                   
WWPDB D_1000038495 ?            ?                   
# 
loop_
_pdbx_audit_revision_history.ordinal 
_pdbx_audit_revision_history.data_content_type 
_pdbx_audit_revision_history.major_revision 
_pdbx_audit_revision_history.minor_revision 
_pdbx_audit_revision_history.revision_date 
1 'Structure model' 1 0 2008-03-25 
2 'Structure model' 1 1 2011-07-13 
3 'Structure model' 1 2 2021-10-20 
4 'Structure model' 1 3 2023-08-30 
5 'Structure model' 1 4 2024-10-09 
# 
_pdbx_audit_revision_details.ordinal             1 
_pdbx_audit_revision_details.revision_ordinal    1 
_pdbx_audit_revision_details.data_content_type   'Structure model' 
_pdbx_audit_revision_details.provider            repository 
_pdbx_audit_revision_details.type                'Initial release' 
_pdbx_audit_revision_details.description         ? 
_pdbx_audit_revision_details.details             ? 
# 
loop_
_pdbx_audit_revision_group.ordinal 
_pdbx_audit_revision_group.revision_ordinal 
_pdbx_audit_revision_group.data_content_type 
_pdbx_audit_revision_group.group 
1 2 'Structure model' 'Non-polymer description'   
2 2 'Structure model' 'Version format compliance' 
3 3 'Structure model' 'Database references'       
4 3 'Structure model' 'Derived calculations'      
5 4 'Structure model' 'Data collection'           
6 4 'Structure model' 'Refinement description'    
7 5 'Structure model' 'Structure summary'         
# 
loop_
_pdbx_audit_revision_category.ordinal 
_pdbx_audit_revision_category.revision_ordinal 
_pdbx_audit_revision_category.data_content_type 
_pdbx_audit_revision_category.category 
1 3 'Structure model' database_2                    
2 3 'Structure model' struct_ref_seq_dif            
3 3 'Structure model' struct_site                   
4 4 'Structure model' chem_comp_atom                
5 4 'Structure model' chem_comp_bond                
6 4 'Structure model' pdbx_initial_refinement_model 
7 5 'Structure model' pdbx_entry_details            
8 5 'Structure model' pdbx_modification_feature     
# 
loop_
_pdbx_audit_revision_item.ordinal 
_pdbx_audit_revision_item.revision_ordinal 
_pdbx_audit_revision_item.data_content_type 
_pdbx_audit_revision_item.item 
1 3 'Structure model' '_database_2.pdbx_DOI'                
2 3 'Structure model' '_database_2.pdbx_database_accession' 
3 3 'Structure model' '_struct_ref_seq_dif.details'         
4 3 'Structure model' '_struct_site.pdbx_auth_asym_id'      
5 3 'Structure model' '_struct_site.pdbx_auth_comp_id'      
6 3 'Structure model' '_struct_site.pdbx_auth_seq_id'       
# 
_pdbx_database_status.status_code                     REL 
_pdbx_database_status.entry_id                        2HLV 
_pdbx_database_status.recvd_initial_deposition_date   2006-07-10 
_pdbx_database_status.deposit_site                    RCSB 
_pdbx_database_status.process_site                    RCSB 
_pdbx_database_status.status_code_sf                  REL 
_pdbx_database_status.status_code_mr                  ? 
_pdbx_database_status.SG_entry                        ? 
_pdbx_database_status.pdb_format_compatible           Y 
_pdbx_database_status.status_code_cs                  ? 
_pdbx_database_status.status_code_nmr_data            ? 
_pdbx_database_status.methods_development_category    ? 
# 
_pdbx_database_related.db_name        PDB 
_pdbx_database_related.db_id          1OBP 
_pdbx_database_related.details        'native bovine OBP' 
_pdbx_database_related.content_type   unspecified 
# 
loop_
_audit_author.name 
_audit_author.pdbx_ordinal 
'Spinelli, S.'  1 
'Tegoni, M.'    2 
'Cambillau, C.' 3 
# 
_citation.id                        primary 
_citation.title                     'Deswapping bovine odorant binding protein.' 
_citation.journal_abbrev            Biochim.Biophys.Acta 
_citation.journal_volume            1784 
_citation.page_first                651 
_citation.page_last                 657 
_citation.year                      2008 
_citation.journal_id_ASTM           BBACAQ 
_citation.country                   NE 
_citation.journal_id_ISSN           0006-3002 
_citation.journal_id_CSD            0113 
_citation.book_publisher            ? 
_citation.pdbx_database_id_PubMed   18269920 
_citation.pdbx_database_id_DOI      10.1016/j.bbapap.2008.01.010 
# 
loop_
_citation_author.citation_id 
_citation_author.name 
_citation_author.ordinal 
_citation_author.identifier_ORCID 
primary 'Ramoni, R.'    1 ? 
primary 'Spinelli, S.'  2 ? 
primary 'Grolli, S.'    3 ? 
primary 'Conti, V.'     4 ? 
primary 'Merli, E.'     5 ? 
primary 'Cambillau, C.' 6 ? 
primary 'Tegoni, M.'    7 ? 
# 
loop_
_entity.id 
_entity.type 
_entity.src_method 
_entity.pdbx_description 
_entity.formula_weight 
_entity.pdbx_number_of_molecules 
_entity.pdbx_ec 
_entity.pdbx_mutation 
_entity.pdbx_fragment 
_entity.details 
1 polymer     man 'Odorant-binding protein'         18468.350 1   ? 'Gly121+, Trp64Cys, His155Cys' ? ? 
2 non-polymer syn '3,6-BIS(METHYLENE)DECANOIC ACID' 196.286   1   ? ?                              ? ? 
3 non-polymer syn GLYCEROL                          92.094    1   ? ?                              ? ? 
4 water       nat water                             18.015    131 ? ?                              ? ? 
# 
_entity_name_com.entity_id   1 
_entity_name_com.name        'OBP, Olfactory mucosa pyrazine-binding protein' 
# 
_entity_poly.entity_id                      1 
_entity_poly.type                           'polypeptide(L)' 
_entity_poly.nstd_linkage                   no 
_entity_poly.nstd_monomer                   no 
_entity_poly.pdbx_seq_one_letter_code       
;AQEEEAEQNLSELSGPWRTVYIGSTNPEKIQENGPFRTYFRELVFDDEKGTVDFYFSVKRDGKCKNVHVKATKQDDGTYV
ADYEGQNVFKIVSLSRTHLVAHNINVDKHGQTTELTELFVKGLNVEDEDLEKFWKLTEDKGIDKKNVVNFLENEDCPHPE
;
_entity_poly.pdbx_seq_one_letter_code_can   
;AQEEEAEQNLSELSGPWRTVYIGSTNPEKIQENGPFRTYFRELVFDDEKGTVDFYFSVKRDGKCKNVHVKATKQDDGTYV
ADYEGQNVFKIVSLSRTHLVAHNINVDKHGQTTELTELFVKGLNVEDEDLEKFWKLTEDKGIDKKNVVNFLENEDCPHPE
;
_entity_poly.pdbx_strand_id                 A 
_entity_poly.pdbx_target_identifier         ? 
# 
loop_
_pdbx_entity_nonpoly.entity_id 
_pdbx_entity_nonpoly.name 
_pdbx_entity_nonpoly.comp_id 
2 '3,6-BIS(METHYLENE)DECANOIC ACID' LIK 
3 GLYCEROL                          GOL 
4 water                             HOH 
# 
loop_
_entity_poly_seq.entity_id 
_entity_poly_seq.num 
_entity_poly_seq.mon_id 
_entity_poly_seq.hetero 
1 1   ALA n 
1 2   GLN n 
1 3   GLU n 
1 4   GLU n 
1 5   GLU n 
1 6   ALA n 
1 7   GLU n 
1 8   GLN n 
1 9   ASN n 
1 10  LEU n 
1 11  SER n 
1 12  GLU n 
1 13  LEU n 
1 14  SER n 
1 15  GLY n 
1 16  PRO n 
1 17  TRP n 
1 18  ARG n 
1 19  THR n 
1 20  VAL n 
1 21  TYR n 
1 22  ILE n 
1 23  GLY n 
1 24  SER n 
1 25  THR n 
1 26  ASN n 
1 27  PRO n 
1 28  GLU n 
1 29  LYS n 
1 30  ILE n 
1 31  GLN n 
1 32  GLU n 
1 33  ASN n 
1 34  GLY n 
1 35  PRO n 
1 36  PHE n 
1 37  ARG n 
1 38  THR n 
1 39  TYR n 
1 40  PHE n 
1 41  ARG n 
1 42  GLU n 
1 43  LEU n 
1 44  VAL n 
1 45  PHE n 
1 46  ASP n 
1 47  ASP n 
1 48  GLU n 
1 49  LYS n 
1 50  GLY n 
1 51  THR n 
1 52  VAL n 
1 53  ASP n 
1 54  PHE n 
1 55  TYR n 
1 56  PHE n 
1 57  SER n 
1 58  VAL n 
1 59  LYS n 
1 60  ARG n 
1 61  ASP n 
1 62  GLY n 
1 63  LYS n 
1 64  CYS n 
1 65  LYS n 
1 66  ASN n 
1 67  VAL n 
1 68  HIS n 
1 69  VAL n 
1 70  LYS n 
1 71  ALA n 
1 72  THR n 
1 73  LYS n 
1 74  GLN n 
1 75  ASP n 
1 76  ASP n 
1 77  GLY n 
1 78  THR n 
1 79  TYR n 
1 80  VAL n 
1 81  ALA n 
1 82  ASP n 
1 83  TYR n 
1 84  GLU n 
1 85  GLY n 
1 86  GLN n 
1 87  ASN n 
1 88  VAL n 
1 89  PHE n 
1 90  LYS n 
1 91  ILE n 
1 92  VAL n 
1 93  SER n 
1 94  LEU n 
1 95  SER n 
1 96  ARG n 
1 97  THR n 
1 98  HIS n 
1 99  LEU n 
1 100 VAL n 
1 101 ALA n 
1 102 HIS n 
1 103 ASN n 
1 104 ILE n 
1 105 ASN n 
1 106 VAL n 
1 107 ASP n 
1 108 LYS n 
1 109 HIS n 
1 110 GLY n 
1 111 GLN n 
1 112 THR n 
1 113 THR n 
1 114 GLU n 
1 115 LEU n 
1 116 THR n 
1 117 GLU n 
1 118 LEU n 
1 119 PHE n 
1 120 VAL n 
1 121 LYS n 
1 122 GLY n 
1 123 LEU n 
1 124 ASN n 
1 125 VAL n 
1 126 GLU n 
1 127 ASP n 
1 128 GLU n 
1 129 ASP n 
1 130 LEU n 
1 131 GLU n 
1 132 LYS n 
1 133 PHE n 
1 134 TRP n 
1 135 LYS n 
1 136 LEU n 
1 137 THR n 
1 138 GLU n 
1 139 ASP n 
1 140 LYS n 
1 141 GLY n 
1 142 ILE n 
1 143 ASP n 
1 144 LYS n 
1 145 LYS n 
1 146 ASN n 
1 147 VAL n 
1 148 VAL n 
1 149 ASN n 
1 150 PHE n 
1 151 LEU n 
1 152 GLU n 
1 153 ASN n 
1 154 GLU n 
1 155 ASP n 
1 156 CYS n 
1 157 PRO n 
1 158 HIS n 
1 159 PRO n 
1 160 GLU n 
# 
_entity_src_gen.entity_id                          1 
_entity_src_gen.pdbx_src_id                        1 
_entity_src_gen.pdbx_alt_source_flag               sample 
_entity_src_gen.pdbx_seq_type                      ? 
_entity_src_gen.pdbx_beg_seq_num                   ? 
_entity_src_gen.pdbx_end_seq_num                   ? 
_entity_src_gen.gene_src_common_name               cattle 
_entity_src_gen.gene_src_genus                     Bos 
_entity_src_gen.pdbx_gene_src_gene                 ? 
_entity_src_gen.gene_src_species                   ? 
_entity_src_gen.gene_src_strain                    ? 
_entity_src_gen.gene_src_tissue                    ? 
_entity_src_gen.gene_src_tissue_fraction           ? 
_entity_src_gen.gene_src_details                   ? 
_entity_src_gen.pdbx_gene_src_fragment             ? 
_entity_src_gen.pdbx_gene_src_scientific_name      'Bos taurus' 
_entity_src_gen.pdbx_gene_src_ncbi_taxonomy_id     9913 
_entity_src_gen.pdbx_gene_src_variant              ? 
_entity_src_gen.pdbx_gene_src_cell_line            ? 
_entity_src_gen.pdbx_gene_src_atcc                 ? 
_entity_src_gen.pdbx_gene_src_organ                ? 
_entity_src_gen.pdbx_gene_src_organelle            ? 
_entity_src_gen.pdbx_gene_src_cell                 ? 
_entity_src_gen.pdbx_gene_src_cellular_location    ? 
_entity_src_gen.host_org_common_name               ? 
_entity_src_gen.pdbx_host_org_scientific_name      'Escherichia coli BL21(DE3)' 
_entity_src_gen.pdbx_host_org_ncbi_taxonomy_id     469008 
_entity_src_gen.host_org_genus                     Escherichia 
_entity_src_gen.pdbx_host_org_gene                 ? 
_entity_src_gen.pdbx_host_org_organ                ? 
_entity_src_gen.host_org_species                   'Escherichia coli' 
_entity_src_gen.pdbx_host_org_tissue               ? 
_entity_src_gen.pdbx_host_org_tissue_fraction      ? 
_entity_src_gen.pdbx_host_org_strain               BL21-DE3 
_entity_src_gen.pdbx_host_org_variant              ? 
_entity_src_gen.pdbx_host_org_cell_line            ? 
_entity_src_gen.pdbx_host_org_atcc                 ? 
_entity_src_gen.pdbx_host_org_culture_collection   ? 
_entity_src_gen.pdbx_host_org_cell                 ? 
_entity_src_gen.pdbx_host_org_organelle            ? 
_entity_src_gen.pdbx_host_org_cellular_location    ? 
_entity_src_gen.pdbx_host_org_vector_type          plasmid 
_entity_src_gen.pdbx_host_org_vector               pT7-7 
_entity_src_gen.host_org_details                   ? 
_entity_src_gen.expression_system_id               ? 
_entity_src_gen.plasmid_name                       ? 
_entity_src_gen.plasmid_details                    ? 
_entity_src_gen.pdbx_description                   ? 
# 
loop_
_chem_comp.id 
_chem_comp.type 
_chem_comp.mon_nstd_flag 
_chem_comp.name 
_chem_comp.pdbx_synonyms 
_chem_comp.formula 
_chem_comp.formula_weight 
ALA 'L-peptide linking' y ALANINE                           ?                               'C3 H7 N O2'     89.093  
ARG 'L-peptide linking' y ARGININE                          ?                               'C6 H15 N4 O2 1' 175.209 
ASN 'L-peptide linking' y ASPARAGINE                        ?                               'C4 H8 N2 O3'    132.118 
ASP 'L-peptide linking' y 'ASPARTIC ACID'                   ?                               'C4 H7 N O4'     133.103 
CYS 'L-peptide linking' y CYSTEINE                          ?                               'C3 H7 N O2 S'   121.158 
GLN 'L-peptide linking' y GLUTAMINE                         ?                               'C5 H10 N2 O3'   146.144 
GLU 'L-peptide linking' y 'GLUTAMIC ACID'                   ?                               'C5 H9 N O4'     147.129 
GLY 'peptide linking'   y GLYCINE                           ?                               'C2 H5 N O2'     75.067  
GOL non-polymer         . GLYCEROL                          'GLYCERIN; PROPANE-1,2,3-TRIOL' 'C3 H8 O3'       92.094  
HIS 'L-peptide linking' y HISTIDINE                         ?                               'C6 H10 N3 O2 1' 156.162 
HOH non-polymer         . WATER                             ?                               'H2 O'           18.015  
ILE 'L-peptide linking' y ISOLEUCINE                        ?                               'C6 H13 N O2'    131.173 
LEU 'L-peptide linking' y LEUCINE                           ?                               'C6 H13 N O2'    131.173 
LIK non-polymer         . '3,6-BIS(METHYLENE)DECANOIC ACID' ?                               'C12 H20 O2'     196.286 
LYS 'L-peptide linking' y LYSINE                            ?                               'C6 H15 N2 O2 1' 147.195 
PHE 'L-peptide linking' y PHENYLALANINE                     ?                               'C9 H11 N O2'    165.189 
PRO 'L-peptide linking' y PROLINE                           ?                               'C5 H9 N O2'     115.130 
SER 'L-peptide linking' y SERINE                            ?                               'C3 H7 N O3'     105.093 
THR 'L-peptide linking' y THREONINE                         ?                               'C4 H9 N O3'     119.119 
TRP 'L-peptide linking' y TRYPTOPHAN                        ?                               'C11 H12 N2 O2'  204.225 
TYR 'L-peptide linking' y TYROSINE                          ?                               'C9 H11 N O3'    181.189 
VAL 'L-peptide linking' y VALINE                            ?                               'C5 H11 N O2'    117.146 
# 
loop_
_pdbx_poly_seq_scheme.asym_id 
_pdbx_poly_seq_scheme.entity_id 
_pdbx_poly_seq_scheme.seq_id 
_pdbx_poly_seq_scheme.mon_id 
_pdbx_poly_seq_scheme.ndb_seq_num 
_pdbx_poly_seq_scheme.pdb_seq_num 
_pdbx_poly_seq_scheme.auth_seq_num 
_pdbx_poly_seq_scheme.pdb_mon_id 
_pdbx_poly_seq_scheme.auth_mon_id 
_pdbx_poly_seq_scheme.pdb_strand_id 
_pdbx_poly_seq_scheme.pdb_ins_code 
_pdbx_poly_seq_scheme.hetero 
A 1 1   ALA 1   1   ?   ?   ?   A . n 
A 1 2   GLN 2   2   ?   ?   ?   A . n 
A 1 3   GLU 3   3   ?   ?   ?   A . n 
A 1 4   GLU 4   4   ?   ?   ?   A . n 
A 1 5   GLU 5   5   ?   ?   ?   A . n 
A 1 6   ALA 6   6   ?   ?   ?   A . n 
A 1 7   GLU 7   7   ?   ?   ?   A . n 
A 1 8   GLN 8   8   ?   ?   ?   A . n 
A 1 9   ASN 9   9   ?   ?   ?   A . n 
A 1 10  LEU 10  10  ?   ?   ?   A . n 
A 1 11  SER 11  11  11  SER SER A . n 
A 1 12  GLU 12  12  12  GLU GLU A . n 
A 1 13  LEU 13  13  13  LEU LEU A . n 
A 1 14  SER 14  14  14  SER SER A . n 
A 1 15  GLY 15  15  15  GLY GLY A . n 
A 1 16  PRO 16  16  16  PRO PRO A . n 
A 1 17  TRP 17  17  17  TRP TRP A . n 
A 1 18  ARG 18  18  18  ARG ARG A . n 
A 1 19  THR 19  19  19  THR THR A . n 
A 1 20  VAL 20  20  20  VAL VAL A . n 
A 1 21  TYR 21  21  21  TYR TYR A . n 
A 1 22  ILE 22  22  22  ILE ILE A . n 
A 1 23  GLY 23  23  23  GLY GLY A . n 
A 1 24  SER 24  24  24  SER SER A . n 
A 1 25  THR 25  25  25  THR THR A . n 
A 1 26  ASN 26  26  26  ASN ASN A . n 
A 1 27  PRO 27  27  27  PRO PRO A . n 
A 1 28  GLU 28  28  28  GLU GLU A . n 
A 1 29  LYS 29  29  29  LYS LYS A . n 
A 1 30  ILE 30  30  30  ILE ILE A . n 
A 1 31  GLN 31  31  31  GLN GLN A . n 
A 1 32  GLU 32  32  32  GLU GLU A . n 
A 1 33  ASN 33  33  33  ASN ASN A . n 
A 1 34  GLY 34  34  34  GLY GLY A . n 
A 1 35  PRO 35  35  35  PRO PRO A . n 
A 1 36  PHE 36  36  36  PHE PHE A . n 
A 1 37  ARG 37  37  37  ARG ARG A . n 
A 1 38  THR 38  38  38  THR THR A . n 
A 1 39  TYR 39  39  39  TYR TYR A . n 
A 1 40  PHE 40  40  40  PHE PHE A . n 
A 1 41  ARG 41  41  41  ARG ARG A . n 
A 1 42  GLU 42  42  42  GLU GLU A . n 
A 1 43  LEU 43  43  43  LEU LEU A . n 
A 1 44  VAL 44  44  44  VAL VAL A . n 
A 1 45  PHE 45  45  45  PHE PHE A . n 
A 1 46  ASP 46  46  46  ASP ASP A . n 
A 1 47  ASP 47  47  47  ASP ASP A . n 
A 1 48  GLU 48  48  48  GLU GLU A . n 
A 1 49  LYS 49  49  49  LYS LYS A . n 
A 1 50  GLY 50  50  50  GLY GLY A . n 
A 1 51  THR 51  51  51  THR THR A . n 
A 1 52  VAL 52  52  52  VAL VAL A . n 
A 1 53  ASP 53  53  53  ASP ASP A . n 
A 1 54  PHE 54  54  54  PHE PHE A . n 
A 1 55  TYR 55  55  55  TYR TYR A . n 
A 1 56  PHE 56  56  56  PHE PHE A . n 
A 1 57  SER 57  57  57  SER SER A . n 
A 1 58  VAL 58  58  58  VAL VAL A . n 
A 1 59  LYS 59  59  59  LYS LYS A . n 
A 1 60  ARG 60  60  60  ARG ARG A . n 
A 1 61  ASP 61  61  61  ASP ASP A . n 
A 1 62  GLY 62  62  62  GLY GLY A . n 
A 1 63  LYS 63  63  63  LYS LYS A . n 
A 1 64  CYS 64  64  64  CYS CYS A . n 
A 1 65  LYS 65  65  65  LYS LYS A . n 
A 1 66  ASN 66  66  66  ASN ASN A . n 
A 1 67  VAL 67  67  67  VAL VAL A . n 
A 1 68  HIS 68  68  68  HIS HIS A . n 
A 1 69  VAL 69  69  69  VAL VAL A . n 
A 1 70  LYS 70  70  70  LYS LYS A . n 
A 1 71  ALA 71  71  71  ALA ALA A . n 
A 1 72  THR 72  72  72  THR THR A . n 
A 1 73  LYS 73  73  73  LYS LYS A . n 
A 1 74  GLN 74  74  74  GLN GLN A . n 
A 1 75  ASP 75  75  75  ASP ASP A . n 
A 1 76  ASP 76  76  76  ASP ASP A . n 
A 1 77  GLY 77  77  77  GLY GLY A . n 
A 1 78  THR 78  78  78  THR THR A . n 
A 1 79  TYR 79  79  79  TYR TYR A . n 
A 1 80  VAL 80  80  80  VAL VAL A . n 
A 1 81  ALA 81  81  81  ALA ALA A . n 
A 1 82  ASP 82  82  82  ASP ASP A . n 
A 1 83  TYR 83  83  83  TYR TYR A . n 
A 1 84  GLU 84  84  84  GLU GLU A . n 
A 1 85  GLY 85  85  85  GLY GLY A . n 
A 1 86  GLN 86  86  86  GLN GLN A . n 
A 1 87  ASN 87  87  87  ASN ASN A . n 
A 1 88  VAL 88  88  88  VAL VAL A . n 
A 1 89  PHE 89  89  89  PHE PHE A . n 
A 1 90  LYS 90  90  90  LYS LYS A . n 
A 1 91  ILE 91  91  91  ILE ILE A . n 
A 1 92  VAL 92  92  92  VAL VAL A . n 
A 1 93  SER 93  93  93  SER SER A . n 
A 1 94  LEU 94  94  94  LEU LEU A . n 
A 1 95  SER 95  95  95  SER SER A . n 
A 1 96  ARG 96  96  96  ARG ARG A . n 
A 1 97  THR 97  97  97  THR THR A . n 
A 1 98  HIS 98  98  98  HIS HIS A . n 
A 1 99  LEU 99  99  99  LEU LEU A . n 
A 1 100 VAL 100 100 100 VAL VAL A . n 
A 1 101 ALA 101 101 101 ALA ALA A . n 
A 1 102 HIS 102 102 102 HIS HIS A . n 
A 1 103 ASN 103 103 103 ASN ASN A . n 
A 1 104 ILE 104 104 104 ILE ILE A . n 
A 1 105 ASN 105 105 105 ASN ASN A . n 
A 1 106 VAL 106 106 106 VAL VAL A . n 
A 1 107 ASP 107 107 107 ASP ASP A . n 
A 1 108 LYS 108 108 108 LYS LYS A . n 
A 1 109 HIS 109 109 109 HIS HIS A . n 
A 1 110 GLY 110 110 110 GLY GLY A . n 
A 1 111 GLN 111 111 111 GLN GLN A . n 
A 1 112 THR 112 112 112 THR THR A . n 
A 1 113 THR 113 113 113 THR THR A . n 
A 1 114 GLU 114 114 114 GLU GLU A . n 
A 1 115 LEU 115 115 115 LEU LEU A . n 
A 1 116 THR 116 116 116 THR THR A . n 
A 1 117 GLU 117 117 117 GLU GLU A . n 
A 1 118 LEU 118 118 118 LEU LEU A . n 
A 1 119 PHE 119 119 119 PHE PHE A . n 
A 1 120 VAL 120 120 120 VAL VAL A . n 
A 1 121 LYS 121 121 121 LYS LYS A . n 
A 1 122 GLY 122 121 121 GLY GLY A B n 
A 1 123 LEU 123 122 122 LEU LEU A . n 
A 1 124 ASN 124 123 123 ASN ASN A . n 
A 1 125 VAL 125 124 124 VAL VAL A . n 
A 1 126 GLU 126 125 125 GLU GLU A . n 
A 1 127 ASP 127 126 126 ASP ASP A . n 
A 1 128 GLU 128 127 127 GLU GLU A . n 
A 1 129 ASP 129 128 128 ASP ASP A . n 
A 1 130 LEU 130 129 129 LEU LEU A . n 
A 1 131 GLU 131 130 130 GLU GLU A . n 
A 1 132 LYS 132 131 131 LYS LYS A . n 
A 1 133 PHE 133 132 132 PHE PHE A . n 
A 1 134 TRP 134 133 133 TRP TRP A . n 
A 1 135 LYS 135 134 134 LYS LYS A . n 
A 1 136 LEU 136 135 135 LEU LEU A . n 
A 1 137 THR 137 136 136 THR THR A . n 
A 1 138 GLU 138 137 137 GLU GLU A . n 
A 1 139 ASP 139 138 138 ASP ASP A . n 
A 1 140 LYS 140 139 139 LYS LYS A . n 
A 1 141 GLY 141 140 140 GLY GLY A . n 
A 1 142 ILE 142 141 141 ILE ILE A . n 
A 1 143 ASP 143 142 142 ASP ASP A . n 
A 1 144 LYS 144 143 143 LYS LYS A . n 
A 1 145 LYS 145 144 144 LYS LYS A . n 
A 1 146 ASN 146 145 145 ASN ASN A . n 
A 1 147 VAL 147 146 146 VAL VAL A . n 
A 1 148 VAL 148 147 147 VAL VAL A . n 
A 1 149 ASN 149 148 148 ASN ASN A . n 
A 1 150 PHE 150 149 149 PHE PHE A . n 
A 1 151 LEU 151 150 150 LEU LEU A . n 
A 1 152 GLU 152 151 151 GLU GLU A . n 
A 1 153 ASN 153 152 152 ASN ASN A . n 
A 1 154 GLU 154 153 153 GLU GLU A . n 
A 1 155 ASP 155 154 154 ASP ASP A . n 
A 1 156 CYS 156 155 155 CYS CYS A . n 
A 1 157 PRO 157 156 156 PRO PRO A . n 
A 1 158 HIS 158 157 157 HIS HIS A . n 
A 1 159 PRO 159 158 158 PRO PRO A . n 
A 1 160 GLU 160 159 ?   ?   ?   A . n 
# 
loop_
_pdbx_nonpoly_scheme.asym_id 
_pdbx_nonpoly_scheme.entity_id 
_pdbx_nonpoly_scheme.mon_id 
_pdbx_nonpoly_scheme.ndb_seq_num 
_pdbx_nonpoly_scheme.pdb_seq_num 
_pdbx_nonpoly_scheme.auth_seq_num 
_pdbx_nonpoly_scheme.pdb_mon_id 
_pdbx_nonpoly_scheme.auth_mon_id 
_pdbx_nonpoly_scheme.pdb_strand_id 
_pdbx_nonpoly_scheme.pdb_ins_code 
B 2 LIK 1   999  999 LIK LIK A . 
C 3 GOL 1   201  201 GOL GOL A . 
D 4 HOH 1   1000 1   HOH HOH A . 
D 4 HOH 2   1001 2   HOH HOH A . 
D 4 HOH 3   1002 3   HOH HOH A . 
D 4 HOH 4   1003 4   HOH HOH A . 
D 4 HOH 5   1004 5   HOH HOH A . 
D 4 HOH 6   1005 6   HOH HOH A . 
D 4 HOH 7   1006 7   HOH HOH A . 
D 4 HOH 8   1007 8   HOH HOH A . 
D 4 HOH 9   1008 9   HOH HOH A . 
D 4 HOH 10  1009 10  HOH HOH A . 
D 4 HOH 11  1010 11  HOH HOH A . 
D 4 HOH 12  1011 12  HOH HOH A . 
D 4 HOH 13  1012 13  HOH HOH A . 
D 4 HOH 14  1013 14  HOH HOH A . 
D 4 HOH 15  1014 15  HOH HOH A . 
D 4 HOH 16  1015 16  HOH HOH A . 
D 4 HOH 17  1016 17  HOH HOH A . 
D 4 HOH 18  1017 18  HOH HOH A . 
D 4 HOH 19  1018 19  HOH HOH A . 
D 4 HOH 20  1019 20  HOH HOH A . 
D 4 HOH 21  1020 21  HOH HOH A . 
D 4 HOH 22  1021 22  HOH HOH A . 
D 4 HOH 23  1022 23  HOH HOH A . 
D 4 HOH 24  1023 24  HOH HOH A . 
D 4 HOH 25  1024 25  HOH HOH A . 
D 4 HOH 26  1025 26  HOH HOH A . 
D 4 HOH 27  1026 27  HOH HOH A . 
D 4 HOH 28  1027 28  HOH HOH A . 
D 4 HOH 29  1028 29  HOH HOH A . 
D 4 HOH 30  1029 30  HOH HOH A . 
D 4 HOH 31  1030 31  HOH HOH A . 
D 4 HOH 32  1031 32  HOH HOH A . 
D 4 HOH 33  1032 33  HOH HOH A . 
D 4 HOH 34  1033 34  HOH HOH A . 
D 4 HOH 35  1034 35  HOH HOH A . 
D 4 HOH 36  1035 36  HOH HOH A . 
D 4 HOH 37  1036 37  HOH HOH A . 
D 4 HOH 38  1037 38  HOH HOH A . 
D 4 HOH 39  1038 39  HOH HOH A . 
D 4 HOH 40  1039 40  HOH HOH A . 
D 4 HOH 41  1040 41  HOH HOH A . 
D 4 HOH 42  1041 42  HOH HOH A . 
D 4 HOH 43  1042 43  HOH HOH A . 
D 4 HOH 44  1043 44  HOH HOH A . 
D 4 HOH 45  1044 45  HOH HOH A . 
D 4 HOH 46  1045 46  HOH HOH A . 
D 4 HOH 47  1046 47  HOH HOH A . 
D 4 HOH 48  1047 48  HOH HOH A . 
D 4 HOH 49  1048 49  HOH HOH A . 
D 4 HOH 50  1049 50  HOH HOH A . 
D 4 HOH 51  1050 51  HOH HOH A . 
D 4 HOH 52  1051 52  HOH HOH A . 
D 4 HOH 53  1052 53  HOH HOH A . 
D 4 HOH 54  1053 54  HOH HOH A . 
D 4 HOH 55  1054 55  HOH HOH A . 
D 4 HOH 56  1055 56  HOH HOH A . 
D 4 HOH 57  1056 57  HOH HOH A . 
D 4 HOH 58  1057 58  HOH HOH A . 
D 4 HOH 59  1058 59  HOH HOH A . 
D 4 HOH 60  1059 60  HOH HOH A . 
D 4 HOH 61  1060 61  HOH HOH A . 
D 4 HOH 62  1061 62  HOH HOH A . 
D 4 HOH 63  1062 63  HOH HOH A . 
D 4 HOH 64  1063 64  HOH HOH A . 
D 4 HOH 65  1064 65  HOH HOH A . 
D 4 HOH 66  1065 66  HOH HOH A . 
D 4 HOH 67  1066 67  HOH HOH A . 
D 4 HOH 68  1067 68  HOH HOH A . 
D 4 HOH 69  1068 69  HOH HOH A . 
D 4 HOH 70  1069 70  HOH HOH A . 
D 4 HOH 71  1070 71  HOH HOH A . 
D 4 HOH 72  1071 72  HOH HOH A . 
D 4 HOH 73  1072 73  HOH HOH A . 
D 4 HOH 74  1073 74  HOH HOH A . 
D 4 HOH 75  1074 75  HOH HOH A . 
D 4 HOH 76  1075 76  HOH HOH A . 
D 4 HOH 77  1076 77  HOH HOH A . 
D 4 HOH 78  1077 78  HOH HOH A . 
D 4 HOH 79  1078 79  HOH HOH A . 
D 4 HOH 80  1079 80  HOH HOH A . 
D 4 HOH 81  1080 81  HOH HOH A . 
D 4 HOH 82  1081 82  HOH HOH A . 
D 4 HOH 83  1082 83  HOH HOH A . 
D 4 HOH 84  1083 84  HOH HOH A . 
D 4 HOH 85  1084 85  HOH HOH A . 
D 4 HOH 86  1085 86  HOH HOH A . 
D 4 HOH 87  1086 87  HOH HOH A . 
D 4 HOH 88  1087 88  HOH HOH A . 
D 4 HOH 89  1088 89  HOH HOH A . 
D 4 HOH 90  1089 90  HOH HOH A . 
D 4 HOH 91  1090 91  HOH HOH A . 
D 4 HOH 92  1091 92  HOH HOH A . 
D 4 HOH 93  1092 93  HOH HOH A . 
D 4 HOH 94  1093 94  HOH HOH A . 
D 4 HOH 95  1094 95  HOH HOH A . 
D 4 HOH 96  1095 96  HOH HOH A . 
D 4 HOH 97  1096 97  HOH HOH A . 
D 4 HOH 98  1097 98  HOH HOH A . 
D 4 HOH 99  1098 99  HOH HOH A . 
D 4 HOH 100 1099 100 HOH HOH A . 
D 4 HOH 101 1100 101 HOH HOH A . 
D 4 HOH 102 1101 102 HOH HOH A . 
D 4 HOH 103 1102 103 HOH HOH A . 
D 4 HOH 104 1103 104 HOH HOH A . 
D 4 HOH 105 1104 105 HOH HOH A . 
D 4 HOH 106 1105 106 HOH HOH A . 
D 4 HOH 107 1106 107 HOH HOH A . 
D 4 HOH 108 1107 108 HOH HOH A . 
D 4 HOH 109 1108 109 HOH HOH A . 
D 4 HOH 110 1109 110 HOH HOH A . 
D 4 HOH 111 1110 111 HOH HOH A . 
D 4 HOH 112 1111 112 HOH HOH A . 
D 4 HOH 113 1112 113 HOH HOH A . 
D 4 HOH 114 1113 114 HOH HOH A . 
D 4 HOH 115 1114 115 HOH HOH A . 
D 4 HOH 116 1115 116 HOH HOH A . 
D 4 HOH 117 1116 117 HOH HOH A . 
D 4 HOH 118 1117 118 HOH HOH A . 
D 4 HOH 119 1118 119 HOH HOH A . 
D 4 HOH 120 1119 120 HOH HOH A . 
D 4 HOH 121 1120 121 HOH HOH A . 
D 4 HOH 122 1121 122 HOH HOH A . 
D 4 HOH 123 1122 123 HOH HOH A . 
D 4 HOH 124 1123 124 HOH HOH A . 
D 4 HOH 125 1124 125 HOH HOH A . 
D 4 HOH 126 1125 126 HOH HOH A . 
D 4 HOH 127 1126 127 HOH HOH A . 
D 4 HOH 128 1127 128 HOH HOH A . 
D 4 HOH 129 1128 129 HOH HOH A . 
D 4 HOH 130 1129 130 HOH HOH A . 
D 4 HOH 131 1130 131 HOH HOH A . 
# 
loop_
_pdbx_unobs_or_zero_occ_atoms.id 
_pdbx_unobs_or_zero_occ_atoms.PDB_model_num 
_pdbx_unobs_or_zero_occ_atoms.polymer_flag 
_pdbx_unobs_or_zero_occ_atoms.occupancy_flag 
_pdbx_unobs_or_zero_occ_atoms.auth_asym_id 
_pdbx_unobs_or_zero_occ_atoms.auth_comp_id 
_pdbx_unobs_or_zero_occ_atoms.auth_seq_id 
_pdbx_unobs_or_zero_occ_atoms.PDB_ins_code 
_pdbx_unobs_or_zero_occ_atoms.auth_atom_id 
_pdbx_unobs_or_zero_occ_atoms.label_alt_id 
_pdbx_unobs_or_zero_occ_atoms.label_asym_id 
_pdbx_unobs_or_zero_occ_atoms.label_comp_id 
_pdbx_unobs_or_zero_occ_atoms.label_seq_id 
_pdbx_unobs_or_zero_occ_atoms.label_atom_id 
1  1 Y 0 A GLU 28  ? CG  ? A GLU 28  CG  
2  1 Y 0 A GLU 28  ? CD  ? A GLU 28  CD  
3  1 Y 0 A GLU 28  ? OE1 ? A GLU 28  OE1 
4  1 Y 0 A GLU 28  ? OE2 ? A GLU 28  OE2 
5  1 Y 0 A ASP 47  ? CG  ? A ASP 47  CG  
6  1 Y 0 A ASP 47  ? OD1 ? A ASP 47  OD1 
7  1 Y 0 A ASP 47  ? OD2 ? A ASP 47  OD2 
8  1 Y 0 A GLU 48  ? CD  ? A GLU 48  CD  
9  1 Y 0 A GLU 48  ? OE1 ? A GLU 48  OE1 
10 1 Y 0 A GLU 48  ? OE2 ? A GLU 48  OE2 
11 1 Y 1 A GLU 117 ? CB  ? A GLU 117 CB  
12 1 Y 1 A GLU 117 ? CG  ? A GLU 117 CG  
13 1 Y 1 A GLU 117 ? CD  ? A GLU 117 CD  
14 1 Y 1 A GLU 117 ? OE1 ? A GLU 117 OE1 
15 1 Y 1 A GLU 117 ? OE2 ? A GLU 117 OE2 
16 1 Y 1 A PRO 158 ? CB  ? A PRO 159 CB  
17 1 Y 1 A PRO 158 ? CG  ? A PRO 159 CG  
18 1 Y 1 A PRO 158 ? CD  ? A PRO 159 CD  
# 
loop_
_software.name 
_software.classification 
_software.version 
_software.citation_id 
_software.pdbx_ordinal 
REFMAC refinement       5.2.0005 ? 1 
DENZO  'data reduction' .        ? 2 
SCALA  'data scaling'   .        ? 3 
AMoRE  phasing          .        ? 4 
# 
_cell.entry_id           2HLV 
_cell.length_a           83.501 
_cell.length_b           83.501 
_cell.length_c           48.964 
_cell.angle_alpha        90.00 
_cell.angle_beta         90.00 
_cell.angle_gamma        90.00 
_cell.Z_PDB              8 
_cell.pdbx_unique_axis   ? 
_cell.length_a_esd       ? 
_cell.length_b_esd       ? 
_cell.length_c_esd       ? 
_cell.angle_alpha_esd    ? 
_cell.angle_beta_esd     ? 
_cell.angle_gamma_esd    ? 
# 
_symmetry.entry_id                         2HLV 
_symmetry.space_group_name_H-M             'P 41 21 2' 
_symmetry.pdbx_full_space_group_name_H-M   ? 
_symmetry.cell_setting                     ? 
_symmetry.Int_Tables_number                92 
_symmetry.space_group_name_Hall            ? 
# 
_exptl.entry_id          2HLV 
_exptl.method            'X-RAY DIFFRACTION' 
_exptl.crystals_number   1 
# 
_exptl_crystal.id                    1 
_exptl_crystal.density_meas          ? 
_exptl_crystal.density_Matthews      2.31 
_exptl_crystal.density_percent_sol   46.75 
_exptl_crystal.description           ? 
_exptl_crystal.F_000                 ? 
_exptl_crystal.preparation           ? 
# 
_exptl_crystal_grow.crystal_id      1 
_exptl_crystal_grow.method          'VAPOR DIFFUSION, HANGING DROP' 
_exptl_crystal_grow.temp            298 
_exptl_crystal_grow.temp_details    ? 
_exptl_crystal_grow.pH              7.5 
_exptl_crystal_grow.pdbx_details    
;26% (W/V) PEG 8000, 200 mM Ammonium Sulfate and 10 mM Na Acetate (pH 4.8), protein at 7.5 mg/ml, VAPOR DIFFUSION, HANGING DROP, temperature 298K
;
_exptl_crystal_grow.pdbx_pH_range   . 
# 
_diffrn.id                     1 
_diffrn.ambient_temp           100 
_diffrn.ambient_temp_details   ? 
_diffrn.crystal_id             1 
# 
_diffrn_detector.diffrn_id              1 
_diffrn_detector.detector               CCD 
_diffrn_detector.type                   'ADSC QUANTUM 4' 
_diffrn_detector.pdbx_collection_date   2003-06-23 
_diffrn_detector.details                ? 
# 
_diffrn_radiation.diffrn_id                        1 
_diffrn_radiation.wavelength_id                    1 
_diffrn_radiation.pdbx_monochromatic_or_laue_m_l   M 
_diffrn_radiation.monochromator                    mirrors 
_diffrn_radiation.pdbx_diffrn_protocol             'SINGLE WAVELENGTH' 
_diffrn_radiation.pdbx_scattering_type             x-ray 
# 
_diffrn_radiation_wavelength.id           1 
_diffrn_radiation_wavelength.wavelength   0.933 
_diffrn_radiation_wavelength.wt           1.0 
# 
_diffrn_source.diffrn_id                   1 
_diffrn_source.source                      SYNCHROTRON 
_diffrn_source.type                        'ESRF BEAMLINE ID14-2' 
_diffrn_source.pdbx_synchrotron_site       ESRF 
_diffrn_source.pdbx_synchrotron_beamline   ID14-2 
_diffrn_source.pdbx_wavelength             ? 
_diffrn_source.pdbx_wavelength_list        0.933 
# 
_reflns.entry_id                     2HLV 
_reflns.observed_criterion_sigma_F   0 
_reflns.observed_criterion_sigma_I   0 
_reflns.d_resolution_high            1.65 
_reflns.d_resolution_low             57 
_reflns.number_all                   21290 
_reflns.number_obs                   21290 
_reflns.percent_possible_obs         99.9 
_reflns.pdbx_Rmerge_I_obs            ? 
_reflns.pdbx_Rsym_value              0.089 
_reflns.pdbx_netI_over_sigmaI        5.2 
_reflns.B_iso_Wilson_estimate        ? 
_reflns.pdbx_redundancy              ? 
_reflns.R_free_details               ? 
_reflns.limit_h_max                  ? 
_reflns.limit_h_min                  ? 
_reflns.limit_k_max                  ? 
_reflns.limit_k_min                  ? 
_reflns.limit_l_max                  ? 
_reflns.limit_l_min                  ? 
_reflns.observed_criterion_F_max     ? 
_reflns.observed_criterion_F_min     ? 
_reflns.pdbx_chi_squared             ? 
_reflns.pdbx_scaling_rejects         ? 
_reflns.pdbx_ordinal                 1 
_reflns.pdbx_diffrn_id               1 
# 
_reflns_shell.d_res_high             1.65 
_reflns_shell.d_res_low              1.70 
_reflns_shell.percent_possible_all   99.8 
_reflns_shell.Rmerge_I_obs           ? 
_reflns_shell.pdbx_Rsym_value        0.28 
_reflns_shell.meanI_over_sigI_obs    2 
_reflns_shell.pdbx_redundancy        20 
_reflns_shell.percent_possible_obs   ? 
_reflns_shell.number_unique_all      ? 
_reflns_shell.number_measured_all    ? 
_reflns_shell.number_measured_obs    ? 
_reflns_shell.number_unique_obs      ? 
_reflns_shell.pdbx_chi_squared       ? 
_reflns_shell.pdbx_ordinal           1 
_reflns_shell.pdbx_diffrn_id         1 
# 
_refine.entry_id                                 2HLV 
_refine.ls_number_reflns_obs                     20168 
_refine.ls_number_reflns_all                     21260 
_refine.pdbx_ls_sigma_I                          ? 
_refine.pdbx_ls_sigma_F                          0 
_refine.pdbx_data_cutoff_high_absF               ? 
_refine.pdbx_data_cutoff_low_absF                ? 
_refine.pdbx_data_cutoff_high_rms_absF           ? 
_refine.ls_d_res_low                             30.00 
_refine.ls_d_res_high                            1.65 
_refine.ls_percent_reflns_obs                    99.88 
_refine.ls_R_factor_obs                          0.18589 
_refine.ls_R_factor_all                          0.18589 
_refine.ls_R_factor_R_work                       0.18451 
_refine.ls_R_factor_R_free                       0.21224 
_refine.ls_R_factor_R_free_error                 ? 
_refine.ls_R_factor_R_free_error_details         ? 
_refine.ls_percent_reflns_R_free                 5.1 
_refine.ls_number_reflns_R_free                  1091 
_refine.ls_number_parameters                     ? 
_refine.ls_number_restraints                     ? 
_refine.occupancy_min                            ? 
_refine.occupancy_max                            ? 
_refine.correlation_coeff_Fo_to_Fc               .957 
_refine.correlation_coeff_Fo_to_Fc_free          .948 
_refine.B_iso_mean                               17.493 
_refine.aniso_B[1][1]                            -.89 
_refine.aniso_B[2][2]                            -.89 
_refine.aniso_B[3][3]                            1.78 
_refine.aniso_B[1][2]                            .00 
_refine.aniso_B[1][3]                            .00 
_refine.aniso_B[2][3]                            .00 
_refine.solvent_model_details                    MASK 
_refine.solvent_model_param_ksol                 ? 
_refine.solvent_model_param_bsol                 ? 
_refine.pdbx_solvent_vdw_probe_radii             1.20 
_refine.pdbx_solvent_ion_probe_radii             .80 
_refine.pdbx_solvent_shrinkage_radii             .80 
_refine.pdbx_ls_cross_valid_method               THROUGHOUT 
_refine.details                                  'HYDROGENS HAVE BEEN ADDED IN THE RIDING POSITIONS' 
_refine.pdbx_starting_model                      1G85 
_refine.pdbx_method_to_determine_struct          'MOLECULAR REPLACEMENT' 
_refine.pdbx_isotropic_thermal_model             ? 
_refine.pdbx_stereochemistry_target_values       'MAXIMUM LIKELIHOOD' 
_refine.pdbx_stereochem_target_val_spec_case     ? 
_refine.pdbx_R_Free_selection_details            RANDOM 
_refine.pdbx_overall_ESU_R                       .094 
_refine.pdbx_overall_ESU_R_Free                  .092 
_refine.overall_SU_ML                            .053 
_refine.overall_SU_B                             1.495 
_refine.ls_redundancy_reflns_obs                 ? 
_refine.B_iso_min                                ? 
_refine.B_iso_max                                ? 
_refine.overall_SU_R_Cruickshank_DPI             ? 
_refine.overall_SU_R_free                        ? 
_refine.ls_wR_factor_R_free                      ? 
_refine.ls_wR_factor_R_work                      ? 
_refine.overall_FOM_free_R_set                   ? 
_refine.overall_FOM_work_R_set                   ? 
_refine.pdbx_overall_phase_error                 ? 
_refine.pdbx_refine_id                           'X-RAY DIFFRACTION' 
_refine.pdbx_diffrn_id                           1 
_refine.pdbx_TLS_residual_ADP_flag               ? 
_refine.pdbx_overall_SU_R_free_Cruickshank_DPI   ? 
_refine.pdbx_overall_SU_R_Blow_DPI               ? 
_refine.pdbx_overall_SU_R_free_Blow_DPI          ? 
# 
_refine_analyze.entry_id                        2HLV 
_refine_analyze.Luzzati_coordinate_error_obs    0.18 
_refine_analyze.Luzzati_sigma_a_obs             ? 
_refine_analyze.Luzzati_d_res_low_obs           ? 
_refine_analyze.Luzzati_coordinate_error_free   ? 
_refine_analyze.Luzzati_sigma_a_free            ? 
_refine_analyze.Luzzati_d_res_low_free          ? 
_refine_analyze.number_disordered_residues      ? 
_refine_analyze.occupancy_sum_non_hydrogen      ? 
_refine_analyze.occupancy_sum_hydrogen          ? 
_refine_analyze.pdbx_Luzzati_d_res_high_obs     ? 
_refine_analyze.pdbx_refine_id                  'X-RAY DIFFRACTION' 
# 
_refine_hist.pdbx_refine_id                   'X-RAY DIFFRACTION' 
_refine_hist.cycle_id                         LAST 
_refine_hist.pdbx_number_atoms_protein        1205 
_refine_hist.pdbx_number_atoms_nucleic_acid   0 
_refine_hist.pdbx_number_atoms_ligand         20 
_refine_hist.number_atoms_solvent             131 
_refine_hist.number_atoms_total               1356 
_refine_hist.d_res_high                       1.65 
_refine_hist.d_res_low                        30.00 
# 
loop_
_refine_ls_restr.type 
_refine_ls_restr.dev_ideal 
_refine_ls_restr.dev_ideal_target 
_refine_ls_restr.weight 
_refine_ls_restr.number 
_refine_ls_restr.pdbx_refine_id 
_refine_ls_restr.pdbx_restraint_function 
r_bond_refined_d         .012   .022   ? 1240 'X-RAY DIFFRACTION' ? 
r_bond_other_d           .003   .020   ? 1082 'X-RAY DIFFRACTION' ? 
r_angle_refined_deg      1.317  1.946  ? 1671 'X-RAY DIFFRACTION' ? 
r_angle_other_deg        .785   3.000  ? 2531 'X-RAY DIFFRACTION' ? 
r_dihedral_angle_1_deg   5.871  5.000  ? 148  'X-RAY DIFFRACTION' ? 
r_dihedral_angle_2_deg   35.411 25.079 ? 63   'X-RAY DIFFRACTION' ? 
r_dihedral_angle_3_deg   14.954 15.000 ? 213  'X-RAY DIFFRACTION' ? 
r_dihedral_angle_4_deg   17.919 15.000 ? 5    'X-RAY DIFFRACTION' ? 
r_chiral_restr           .100   .200   ? 178  'X-RAY DIFFRACTION' ? 
r_gen_planes_refined     .005   .020   ? 1378 'X-RAY DIFFRACTION' ? 
r_gen_planes_other       .001   .020   ? 253  'X-RAY DIFFRACTION' ? 
r_nbd_refined            .203   .200   ? 190  'X-RAY DIFFRACTION' ? 
r_nbd_other              .210   .200   ? 984  'X-RAY DIFFRACTION' ? 
r_nbtor_refined          .171   .200   ? 572  'X-RAY DIFFRACTION' ? 
r_nbtor_other            .082   .200   ? 661  'X-RAY DIFFRACTION' ? 
r_xyhbond_nbd_refined    .169   .200   ? 78   'X-RAY DIFFRACTION' ? 
r_xyhbond_nbd_other      .319   .200   ? 1    'X-RAY DIFFRACTION' ? 
r_symmetry_vdw_refined   .228   .200   ? 14   'X-RAY DIFFRACTION' ? 
r_symmetry_vdw_other     .218   .200   ? 22   'X-RAY DIFFRACTION' ? 
r_symmetry_hbond_refined .211   .200   ? 16   'X-RAY DIFFRACTION' ? 
r_mcbond_it              1.570  1.500  ? 970  'X-RAY DIFFRACTION' ? 
r_mcbond_other           .215   1.500  ? 308  'X-RAY DIFFRACTION' ? 
r_mcangle_it             1.662  2.000  ? 1191 'X-RAY DIFFRACTION' ? 
r_scbond_it              2.875  3.000  ? 639  'X-RAY DIFFRACTION' ? 
r_scangle_it             3.596  4.500  ? 480  'X-RAY DIFFRACTION' ? 
# 
_refine_ls_shell.pdbx_total_number_of_bins_used   20 
_refine_ls_shell.d_res_high                       1.650 
_refine_ls_shell.d_res_low                        1.693 
_refine_ls_shell.number_reflns_R_work             1370 
_refine_ls_shell.R_factor_R_work                  0.186 
_refine_ls_shell.percent_reflns_obs               99.93 
_refine_ls_shell.R_factor_R_free                  0.226 
_refine_ls_shell.R_factor_R_free_error            ? 
_refine_ls_shell.percent_reflns_R_free            ? 
_refine_ls_shell.number_reflns_R_free             75 
_refine_ls_shell.number_reflns_all                ? 
_refine_ls_shell.R_factor_all                     ? 
_refine_ls_shell.number_reflns_obs                ? 
_refine_ls_shell.redundancy_reflns_obs            ? 
_refine_ls_shell.pdbx_refine_id                   'X-RAY DIFFRACTION' 
# 
_struct.entry_id                  2HLV 
_struct.title                     'Bovine Odorant Binding Protein deswapped triple mutant' 
_struct.pdbx_model_details        ? 
_struct.pdbx_CASP_flag            ? 
_struct.pdbx_model_type_details   ? 
# 
_struct_keywords.entry_id        2HLV 
_struct_keywords.pdbx_keywords   'TRANSPORT PROTEIN' 
_struct_keywords.text            'Odorant binding protein, domain swapping, TRANSPORT PROTEIN' 
# 
loop_
_struct_asym.id 
_struct_asym.pdbx_blank_PDB_chainid_flag 
_struct_asym.pdbx_modified 
_struct_asym.entity_id 
_struct_asym.details 
A N N 1 ? 
B N N 2 ? 
C N N 3 ? 
D N N 4 ? 
# 
_struct_ref.id                         1 
_struct_ref.db_name                    UNP 
_struct_ref.db_code                    OBP_BOVIN 
_struct_ref.pdbx_db_accession          P07435 
_struct_ref.entity_id                  1 
_struct_ref.pdbx_seq_one_letter_code   
;AQEEEAEQNLSELSGPWRTVYIGSTNPEKIQENGPFRTYFRELVFDDEKGTVDFYFSVKRDGKWKNVHVKATKQDDGTYV
ADYEGQNVFKIVSLSRTHLVAHNINVDKHGQTTELTELFVK-LNVEDEDLEKFWKLTEDKGIDKKNVVNFLENEDHPHPE

;
_struct_ref.pdbx_align_begin           1 
_struct_ref.pdbx_db_isoform            ? 
# 
_struct_ref_seq.align_id                      1 
_struct_ref_seq.ref_id                        1 
_struct_ref_seq.pdbx_PDB_id_code              2HLV 
_struct_ref_seq.pdbx_strand_id                A 
_struct_ref_seq.seq_align_beg                 1 
_struct_ref_seq.pdbx_seq_align_beg_ins_code   ? 
_struct_ref_seq.seq_align_end                 160 
_struct_ref_seq.pdbx_seq_align_end_ins_code   ? 
_struct_ref_seq.pdbx_db_accession             P07435 
_struct_ref_seq.db_align_beg                  1 
_struct_ref_seq.pdbx_db_align_beg_ins_code    ? 
_struct_ref_seq.db_align_end                  160 
_struct_ref_seq.pdbx_db_align_end_ins_code    ? 
_struct_ref_seq.pdbx_auth_seq_align_beg       1 
_struct_ref_seq.pdbx_auth_seq_align_end       159 
# 
loop_
_struct_ref_seq_dif.align_id 
_struct_ref_seq_dif.pdbx_pdb_id_code 
_struct_ref_seq_dif.mon_id 
_struct_ref_seq_dif.pdbx_pdb_strand_id 
_struct_ref_seq_dif.seq_num 
_struct_ref_seq_dif.pdbx_pdb_ins_code 
_struct_ref_seq_dif.pdbx_seq_db_name 
_struct_ref_seq_dif.pdbx_seq_db_accession_code 
_struct_ref_seq_dif.db_mon_id 
_struct_ref_seq_dif.pdbx_seq_db_seq_num 
_struct_ref_seq_dif.details 
_struct_ref_seq_dif.pdbx_auth_seq_num 
_struct_ref_seq_dif.pdbx_ordinal 
1 2HLV CYS A 64  ? UNP P07435 TRP 64  'engineered mutation' 64  1 
1 2HLV GLY A 122 B UNP P07435 ?   121 insertion             121 2 
1 2HLV CYS A 156 ? UNP P07435 HIS 155 'engineered mutation' 155 3 
# 
_pdbx_struct_assembly.id                   1 
_pdbx_struct_assembly.details              author_defined_assembly 
_pdbx_struct_assembly.method_details       ? 
_pdbx_struct_assembly.oligomeric_details   monomeric 
_pdbx_struct_assembly.oligomeric_count     1 
# 
_pdbx_struct_assembly_gen.assembly_id       1 
_pdbx_struct_assembly_gen.oper_expression   1 
_pdbx_struct_assembly_gen.asym_id_list      A,B,C,D 
# 
_pdbx_struct_oper_list.id                   1 
_pdbx_struct_oper_list.type                 'identity operation' 
_pdbx_struct_oper_list.name                 1_555 
_pdbx_struct_oper_list.symmetry_operation   x,y,z 
_pdbx_struct_oper_list.matrix[1][1]         1.0000000000 
_pdbx_struct_oper_list.matrix[1][2]         0.0000000000 
_pdbx_struct_oper_list.matrix[1][3]         0.0000000000 
_pdbx_struct_oper_list.vector[1]            0.0000000000 
_pdbx_struct_oper_list.matrix[2][1]         0.0000000000 
_pdbx_struct_oper_list.matrix[2][2]         1.0000000000 
_pdbx_struct_oper_list.matrix[2][3]         0.0000000000 
_pdbx_struct_oper_list.vector[2]            0.0000000000 
_pdbx_struct_oper_list.matrix[3][1]         0.0000000000 
_pdbx_struct_oper_list.matrix[3][2]         0.0000000000 
_pdbx_struct_oper_list.matrix[3][3]         1.0000000000 
_pdbx_struct_oper_list.vector[3]            0.0000000000 
# 
_struct_biol.id        1 
_struct_biol.details   ? 
# 
loop_
_struct_conf.conf_type_id 
_struct_conf.id 
_struct_conf.pdbx_PDB_helix_id 
_struct_conf.beg_label_comp_id 
_struct_conf.beg_label_asym_id 
_struct_conf.beg_label_seq_id 
_struct_conf.pdbx_beg_PDB_ins_code 
_struct_conf.end_label_comp_id 
_struct_conf.end_label_asym_id 
_struct_conf.end_label_seq_id 
_struct_conf.pdbx_end_PDB_ins_code 
_struct_conf.beg_auth_comp_id 
_struct_conf.beg_auth_asym_id 
_struct_conf.beg_auth_seq_id 
_struct_conf.end_auth_comp_id 
_struct_conf.end_auth_asym_id 
_struct_conf.end_auth_seq_id 
_struct_conf.pdbx_PDB_helix_class 
_struct_conf.details 
_struct_conf.pdbx_PDB_helix_length 
HELX_P HELX_P1 1 ASN A 26  ? ILE A 30  ? ASN A 26  ILE A 30  5 ? 5  
HELX_P HELX_P2 2 GLU A 126 ? LYS A 140 ? GLU A 125 LYS A 139 1 ? 15 
HELX_P HELX_P3 3 ASP A 143 ? LYS A 145 ? ASP A 142 LYS A 144 5 ? 3  
# 
_struct_conf_type.id          HELX_P 
_struct_conf_type.criteria    ? 
_struct_conf_type.reference   ? 
# 
_struct_conn.id                            disulf1 
_struct_conn.conn_type_id                  disulf 
_struct_conn.pdbx_leaving_atom_flag        ? 
_struct_conn.pdbx_PDB_id                   ? 
_struct_conn.ptnr1_label_asym_id           A 
_struct_conn.ptnr1_label_comp_id           CYS 
_struct_conn.ptnr1_label_seq_id            64 
_struct_conn.ptnr1_label_atom_id           SG 
_struct_conn.pdbx_ptnr1_label_alt_id       ? 
_struct_conn.pdbx_ptnr1_PDB_ins_code       ? 
_struct_conn.pdbx_ptnr1_standard_comp_id   ? 
_struct_conn.ptnr1_symmetry                1_555 
_struct_conn.ptnr2_label_asym_id           A 
_struct_conn.ptnr2_label_comp_id           CYS 
_struct_conn.ptnr2_label_seq_id            156 
_struct_conn.ptnr2_label_atom_id           SG 
_struct_conn.pdbx_ptnr2_label_alt_id       ? 
_struct_conn.pdbx_ptnr2_PDB_ins_code       ? 
_struct_conn.ptnr1_auth_asym_id            A 
_struct_conn.ptnr1_auth_comp_id            CYS 
_struct_conn.ptnr1_auth_seq_id             64 
_struct_conn.ptnr2_auth_asym_id            A 
_struct_conn.ptnr2_auth_comp_id            CYS 
_struct_conn.ptnr2_auth_seq_id             155 
_struct_conn.ptnr2_symmetry                1_555 
_struct_conn.pdbx_ptnr3_label_atom_id      ? 
_struct_conn.pdbx_ptnr3_label_seq_id       ? 
_struct_conn.pdbx_ptnr3_label_comp_id      ? 
_struct_conn.pdbx_ptnr3_label_asym_id      ? 
_struct_conn.pdbx_ptnr3_label_alt_id       ? 
_struct_conn.pdbx_ptnr3_PDB_ins_code       ? 
_struct_conn.details                       ? 
_struct_conn.pdbx_dist_value               2.056 
_struct_conn.pdbx_value_order              ? 
_struct_conn.pdbx_role                     ? 
# 
_struct_conn_type.id          disulf 
_struct_conn_type.criteria    ? 
_struct_conn_type.reference   ? 
# 
_pdbx_modification_feature.ordinal                            1 
_pdbx_modification_feature.label_comp_id                      CYS 
_pdbx_modification_feature.label_asym_id                      A 
_pdbx_modification_feature.label_seq_id                       64 
_pdbx_modification_feature.label_alt_id                       ? 
_pdbx_modification_feature.modified_residue_label_comp_id     CYS 
_pdbx_modification_feature.modified_residue_label_asym_id     A 
_pdbx_modification_feature.modified_residue_label_seq_id      156 
_pdbx_modification_feature.modified_residue_label_alt_id      ? 
_pdbx_modification_feature.auth_comp_id                       CYS 
_pdbx_modification_feature.auth_asym_id                       A 
_pdbx_modification_feature.auth_seq_id                        64 
_pdbx_modification_feature.PDB_ins_code                       ? 
_pdbx_modification_feature.symmetry                           1_555 
_pdbx_modification_feature.modified_residue_auth_comp_id      CYS 
_pdbx_modification_feature.modified_residue_auth_asym_id      A 
_pdbx_modification_feature.modified_residue_auth_seq_id       155 
_pdbx_modification_feature.modified_residue_PDB_ins_code      ? 
_pdbx_modification_feature.modified_residue_symmetry          1_555 
_pdbx_modification_feature.comp_id_linking_atom               SG 
_pdbx_modification_feature.modified_residue_id_linking_atom   SG 
_pdbx_modification_feature.modified_residue_id                . 
_pdbx_modification_feature.ref_pcm_id                         . 
_pdbx_modification_feature.ref_comp_id                        . 
_pdbx_modification_feature.type                               None 
_pdbx_modification_feature.category                           'Disulfide bridge' 
# 
_struct_sheet.id               A 
_struct_sheet.type             ? 
_struct_sheet.number_strands   9 
_struct_sheet.details          ? 
# 
loop_
_struct_sheet_order.sheet_id 
_struct_sheet_order.range_id_1 
_struct_sheet_order.range_id_2 
_struct_sheet_order.offset 
_struct_sheet_order.sense 
A 1 2 ? anti-parallel 
A 2 3 ? anti-parallel 
A 3 4 ? anti-parallel 
A 4 5 ? anti-parallel 
A 5 6 ? anti-parallel 
A 6 7 ? anti-parallel 
A 7 8 ? anti-parallel 
A 8 9 ? anti-parallel 
# 
loop_
_struct_sheet_range.sheet_id 
_struct_sheet_range.id 
_struct_sheet_range.beg_label_comp_id 
_struct_sheet_range.beg_label_asym_id 
_struct_sheet_range.beg_label_seq_id 
_struct_sheet_range.pdbx_beg_PDB_ins_code 
_struct_sheet_range.end_label_comp_id 
_struct_sheet_range.end_label_asym_id 
_struct_sheet_range.end_label_seq_id 
_struct_sheet_range.pdbx_end_PDB_ins_code 
_struct_sheet_range.beg_auth_comp_id 
_struct_sheet_range.beg_auth_asym_id 
_struct_sheet_range.beg_auth_seq_id 
_struct_sheet_range.end_auth_comp_id 
_struct_sheet_range.end_auth_asym_id 
_struct_sheet_range.end_auth_seq_id 
A 1 TYR A 39  ? ASP A 46  ? TYR A 39  ASP A 46  
A 2 THR A 51  ? ARG A 60  ? THR A 51  ARG A 60  
A 3 LYS A 63  ? LYS A 73  ? LYS A 63  LYS A 73  
A 4 TYR A 79  ? ASP A 82  ? TYR A 79  ASP A 82  
A 5 GLN A 86  ? LEU A 94  ? GLN A 86  LEU A 94  
A 6 HIS A 98  ? VAL A 106 ? HIS A 98  VAL A 106 
A 7 THR A 112 ? VAL A 120 ? THR A 112 VAL A 120 
A 8 ARG A 18  ? SER A 24  ? ARG A 18  SER A 24  
A 9 VAL A 147 ? ASN A 149 ? VAL A 146 ASN A 148 
# 
loop_
_pdbx_struct_sheet_hbond.sheet_id 
_pdbx_struct_sheet_hbond.range_id_1 
_pdbx_struct_sheet_hbond.range_id_2 
_pdbx_struct_sheet_hbond.range_1_label_atom_id 
_pdbx_struct_sheet_hbond.range_1_label_comp_id 
_pdbx_struct_sheet_hbond.range_1_label_asym_id 
_pdbx_struct_sheet_hbond.range_1_label_seq_id 
_pdbx_struct_sheet_hbond.range_1_PDB_ins_code 
_pdbx_struct_sheet_hbond.range_1_auth_atom_id 
_pdbx_struct_sheet_hbond.range_1_auth_comp_id 
_pdbx_struct_sheet_hbond.range_1_auth_asym_id 
_pdbx_struct_sheet_hbond.range_1_auth_seq_id 
_pdbx_struct_sheet_hbond.range_2_label_atom_id 
_pdbx_struct_sheet_hbond.range_2_label_comp_id 
_pdbx_struct_sheet_hbond.range_2_label_asym_id 
_pdbx_struct_sheet_hbond.range_2_label_seq_id 
_pdbx_struct_sheet_hbond.range_2_PDB_ins_code 
_pdbx_struct_sheet_hbond.range_2_auth_atom_id 
_pdbx_struct_sheet_hbond.range_2_auth_comp_id 
_pdbx_struct_sheet_hbond.range_2_auth_asym_id 
_pdbx_struct_sheet_hbond.range_2_auth_seq_id 
A 1 2 N TYR A 39  ? N TYR A 39  O SER A 57  ? O SER A 57  
A 2 3 N PHE A 54  ? N PHE A 54  O VAL A 69  ? O VAL A 69  
A 3 4 N THR A 72  ? N THR A 72  O VAL A 80  ? O VAL A 80  
A 4 5 N TYR A 79  ? N TYR A 79  O PHE A 89  ? O PHE A 89  
A 5 6 N GLN A 86  ? N GLN A 86  O VAL A 106 ? O VAL A 106 
A 6 7 N ASN A 105 ? N ASN A 105 O THR A 113 ? O THR A 113 
A 7 8 O LEU A 118 ? O LEU A 118 N VAL A 20  ? N VAL A 20  
A 8 9 N ILE A 22  ? N ILE A 22  O VAL A 148 ? O VAL A 147 
# 
loop_
_struct_site.id 
_struct_site.pdbx_evidence_code 
_struct_site.pdbx_auth_asym_id 
_struct_site.pdbx_auth_comp_id 
_struct_site.pdbx_auth_seq_id 
_struct_site.pdbx_auth_ins_code 
_struct_site.pdbx_num_residues 
_struct_site.details 
AC1 Software A LIK 999 ? 9 'BINDING SITE FOR RESIDUE LIK A 999' 
AC2 Software A GOL 201 ? 8 'BINDING SITE FOR RESIDUE GOL A 201' 
# 
loop_
_struct_site_gen.id 
_struct_site_gen.site_id 
_struct_site_gen.pdbx_num_res 
_struct_site_gen.label_comp_id 
_struct_site_gen.label_asym_id 
_struct_site_gen.label_seq_id 
_struct_site_gen.pdbx_auth_ins_code 
_struct_site_gen.auth_comp_id 
_struct_site_gen.auth_asym_id 
_struct_site_gen.auth_seq_id 
_struct_site_gen.label_atom_id 
_struct_site_gen.label_alt_id 
_struct_site_gen.symmetry 
_struct_site_gen.details 
1  AC1 9 THR A 38  ? THR A 38   . ? 1_555 ? 
2  AC1 9 PHE A 89  ? PHE A 89   . ? 1_555 ? 
3  AC1 9 ALA A 101 ? ALA A 101  . ? 1_555 ? 
4  AC1 9 HIS A 102 ? HIS A 102  . ? 1_555 ? 
5  AC1 9 ASN A 103 ? ASN A 103  . ? 1_555 ? 
6  AC1 9 LEU A 115 ? LEU A 115  . ? 1_555 ? 
7  AC1 9 THR A 116 ? THR A 116  . ? 1_555 ? 
8  AC1 9 GLU A 117 ? GLU A 117  . ? 1_555 ? 
9  AC1 9 HOH D .   ? HOH A 1095 . ? 1_555 ? 
10 AC2 8 THR A 78  ? THR A 78   . ? 1_555 ? 
11 AC2 8 HIS A 102 ? HIS A 102  . ? 1_555 ? 
12 AC2 8 ILE A 104 ? ILE A 104  . ? 1_555 ? 
13 AC2 8 TRP A 134 ? TRP A 133  . ? 4_454 ? 
14 AC2 8 LYS A 135 ? LYS A 134  . ? 4_454 ? 
15 AC2 8 HOH D .   ? HOH A 1009 . ? 1_555 ? 
16 AC2 8 HOH D .   ? HOH A 1077 . ? 1_555 ? 
17 AC2 8 HOH D .   ? HOH A 1105 . ? 1_555 ? 
# 
_pdbx_entry_details.entry_id                   2HLV 
_pdbx_entry_details.compound_details           ? 
_pdbx_entry_details.source_details             ? 
_pdbx_entry_details.nonpolymer_details         ? 
_pdbx_entry_details.sequence_details           ? 
_pdbx_entry_details.has_ligand_of_interest     ? 
_pdbx_entry_details.has_protein_modification   Y 
# 
_pdbx_validate_close_contact.id               1 
_pdbx_validate_close_contact.PDB_model_num    1 
_pdbx_validate_close_contact.auth_atom_id_1   N 
_pdbx_validate_close_contact.auth_asym_id_1   A 
_pdbx_validate_close_contact.auth_comp_id_1   PRO 
_pdbx_validate_close_contact.auth_seq_id_1    158 
_pdbx_validate_close_contact.PDB_ins_code_1   ? 
_pdbx_validate_close_contact.label_alt_id_1   ? 
_pdbx_validate_close_contact.auth_atom_id_2   O 
_pdbx_validate_close_contact.auth_asym_id_2   A 
_pdbx_validate_close_contact.auth_comp_id_2   HOH 
_pdbx_validate_close_contact.auth_seq_id_2    1111 
_pdbx_validate_close_contact.PDB_ins_code_2   ? 
_pdbx_validate_close_contact.label_alt_id_2   ? 
_pdbx_validate_close_contact.dist             2.16 
# 
_pdbx_validate_symm_contact.id                1 
_pdbx_validate_symm_contact.PDB_model_num     1 
_pdbx_validate_symm_contact.auth_atom_id_1    O 
_pdbx_validate_symm_contact.auth_asym_id_1    A 
_pdbx_validate_symm_contact.auth_comp_id_1    HOH 
_pdbx_validate_symm_contact.auth_seq_id_1     1111 
_pdbx_validate_symm_contact.PDB_ins_code_1    ? 
_pdbx_validate_symm_contact.label_alt_id_1    ? 
_pdbx_validate_symm_contact.site_symmetry_1   1_555 
_pdbx_validate_symm_contact.auth_atom_id_2    O 
_pdbx_validate_symm_contact.auth_asym_id_2    A 
_pdbx_validate_symm_contact.auth_comp_id_2    HOH 
_pdbx_validate_symm_contact.auth_seq_id_2     1111 
_pdbx_validate_symm_contact.PDB_ins_code_2    ? 
_pdbx_validate_symm_contact.label_alt_id_2    ? 
_pdbx_validate_symm_contact.site_symmetry_2   7_556 
_pdbx_validate_symm_contact.dist              2.12 
# 
loop_
_pdbx_validate_rmsd_bond.id 
_pdbx_validate_rmsd_bond.PDB_model_num 
_pdbx_validate_rmsd_bond.auth_atom_id_1 
_pdbx_validate_rmsd_bond.auth_asym_id_1 
_pdbx_validate_rmsd_bond.auth_comp_id_1 
_pdbx_validate_rmsd_bond.auth_seq_id_1 
_pdbx_validate_rmsd_bond.PDB_ins_code_1 
_pdbx_validate_rmsd_bond.label_alt_id_1 
_pdbx_validate_rmsd_bond.auth_atom_id_2 
_pdbx_validate_rmsd_bond.auth_asym_id_2 
_pdbx_validate_rmsd_bond.auth_comp_id_2 
_pdbx_validate_rmsd_bond.auth_seq_id_2 
_pdbx_validate_rmsd_bond.PDB_ins_code_2 
_pdbx_validate_rmsd_bond.label_alt_id_2 
_pdbx_validate_rmsd_bond.bond_value 
_pdbx_validate_rmsd_bond.bond_target_value 
_pdbx_validate_rmsd_bond.bond_deviation 
_pdbx_validate_rmsd_bond.bond_standard_deviation 
_pdbx_validate_rmsd_bond.linker_flag 
1 1 CB A ASP 47 ? ? CG A ASP 47 ? ? 1.299 1.513 -0.214 0.021 N 
2 1 CG A GLU 48 ? ? CD A GLU 48 ? ? 1.855 1.515 0.340  0.015 N 
# 
loop_
_pdbx_validate_rmsd_angle.id 
_pdbx_validate_rmsd_angle.PDB_model_num 
_pdbx_validate_rmsd_angle.auth_atom_id_1 
_pdbx_validate_rmsd_angle.auth_asym_id_1 
_pdbx_validate_rmsd_angle.auth_comp_id_1 
_pdbx_validate_rmsd_angle.auth_seq_id_1 
_pdbx_validate_rmsd_angle.PDB_ins_code_1 
_pdbx_validate_rmsd_angle.label_alt_id_1 
_pdbx_validate_rmsd_angle.auth_atom_id_2 
_pdbx_validate_rmsd_angle.auth_asym_id_2 
_pdbx_validate_rmsd_angle.auth_comp_id_2 
_pdbx_validate_rmsd_angle.auth_seq_id_2 
_pdbx_validate_rmsd_angle.PDB_ins_code_2 
_pdbx_validate_rmsd_angle.label_alt_id_2 
_pdbx_validate_rmsd_angle.auth_atom_id_3 
_pdbx_validate_rmsd_angle.auth_asym_id_3 
_pdbx_validate_rmsd_angle.auth_comp_id_3 
_pdbx_validate_rmsd_angle.auth_seq_id_3 
_pdbx_validate_rmsd_angle.PDB_ins_code_3 
_pdbx_validate_rmsd_angle.label_alt_id_3 
_pdbx_validate_rmsd_angle.angle_value 
_pdbx_validate_rmsd_angle.angle_target_value 
_pdbx_validate_rmsd_angle.angle_deviation 
_pdbx_validate_rmsd_angle.angle_standard_deviation 
_pdbx_validate_rmsd_angle.linker_flag 
1 1 CB A ASP 47 ? ? CG A ASP 47 ? ? OD1 A ASP 47 ? ? 126.91 118.30 8.61  0.90 N 
2 1 CB A ASP 47 ? ? CG A ASP 47 ? ? OD2 A ASP 47 ? ? 109.47 118.30 -8.83 0.90 N 
# 
loop_
_pdbx_validate_torsion.id 
_pdbx_validate_torsion.PDB_model_num 
_pdbx_validate_torsion.auth_comp_id 
_pdbx_validate_torsion.auth_asym_id 
_pdbx_validate_torsion.auth_seq_id 
_pdbx_validate_torsion.PDB_ins_code 
_pdbx_validate_torsion.label_alt_id 
_pdbx_validate_torsion.phi 
_pdbx_validate_torsion.psi 
1 1 VAL A 20 ? ? -106.16 -60.74 
2 1 TYR A 83 ? ? -165.94 116.36 
# 
loop_
_pdbx_struct_special_symmetry.id 
_pdbx_struct_special_symmetry.PDB_model_num 
_pdbx_struct_special_symmetry.auth_asym_id 
_pdbx_struct_special_symmetry.auth_comp_id 
_pdbx_struct_special_symmetry.auth_seq_id 
_pdbx_struct_special_symmetry.PDB_ins_code 
_pdbx_struct_special_symmetry.label_asym_id 
_pdbx_struct_special_symmetry.label_comp_id 
_pdbx_struct_special_symmetry.label_seq_id 
1 1 A HOH 1073 ? D HOH . 
2 1 A HOH 1099 ? D HOH . 
# 
loop_
_pdbx_unobs_or_zero_occ_residues.id 
_pdbx_unobs_or_zero_occ_residues.PDB_model_num 
_pdbx_unobs_or_zero_occ_residues.polymer_flag 
_pdbx_unobs_or_zero_occ_residues.occupancy_flag 
_pdbx_unobs_or_zero_occ_residues.auth_asym_id 
_pdbx_unobs_or_zero_occ_residues.auth_comp_id 
_pdbx_unobs_or_zero_occ_residues.auth_seq_id 
_pdbx_unobs_or_zero_occ_residues.PDB_ins_code 
_pdbx_unobs_or_zero_occ_residues.label_asym_id 
_pdbx_unobs_or_zero_occ_residues.label_comp_id 
_pdbx_unobs_or_zero_occ_residues.label_seq_id 
1  1 Y 1 A ALA 1   ? A ALA 1   
2  1 Y 1 A GLN 2   ? A GLN 2   
3  1 Y 1 A GLU 3   ? A GLU 3   
4  1 Y 1 A GLU 4   ? A GLU 4   
5  1 Y 1 A GLU 5   ? A GLU 5   
6  1 Y 1 A ALA 6   ? A ALA 6   
7  1 Y 1 A GLU 7   ? A GLU 7   
8  1 Y 1 A GLN 8   ? A GLN 8   
9  1 Y 1 A ASN 9   ? A ASN 9   
10 1 Y 1 A LEU 10  ? A LEU 10  
11 1 Y 1 A GLU 159 ? A GLU 160 
# 
loop_
_chem_comp_atom.comp_id 
_chem_comp_atom.atom_id 
_chem_comp_atom.type_symbol 
_chem_comp_atom.pdbx_aromatic_flag 
_chem_comp_atom.pdbx_stereo_config 
_chem_comp_atom.pdbx_ordinal 
ALA N    N N N 1   
ALA CA   C N S 2   
ALA C    C N N 3   
ALA O    O N N 4   
ALA CB   C N N 5   
ALA OXT  O N N 6   
ALA H    H N N 7   
ALA H2   H N N 8   
ALA HA   H N N 9   
ALA HB1  H N N 10  
ALA HB2  H N N 11  
ALA HB3  H N N 12  
ALA HXT  H N N 13  
ARG N    N N N 14  
ARG CA   C N S 15  
ARG C    C N N 16  
ARG O    O N N 17  
ARG CB   C N N 18  
ARG CG   C N N 19  
ARG CD   C N N 20  
ARG NE   N N N 21  
ARG CZ   C N N 22  
ARG NH1  N N N 23  
ARG NH2  N N N 24  
ARG OXT  O N N 25  
ARG H    H N N 26  
ARG H2   H N N 27  
ARG HA   H N N 28  
ARG HB2  H N N 29  
ARG HB3  H N N 30  
ARG HG2  H N N 31  
ARG HG3  H N N 32  
ARG HD2  H N N 33  
ARG HD3  H N N 34  
ARG HE   H N N 35  
ARG HH11 H N N 36  
ARG HH12 H N N 37  
ARG HH21 H N N 38  
ARG HH22 H N N 39  
ARG HXT  H N N 40  
ASN N    N N N 41  
ASN CA   C N S 42  
ASN C    C N N 43  
ASN O    O N N 44  
ASN CB   C N N 45  
ASN CG   C N N 46  
ASN OD1  O N N 47  
ASN ND2  N N N 48  
ASN OXT  O N N 49  
ASN H    H N N 50  
ASN H2   H N N 51  
ASN HA   H N N 52  
ASN HB2  H N N 53  
ASN HB3  H N N 54  
ASN HD21 H N N 55  
ASN HD22 H N N 56  
ASN HXT  H N N 57  
ASP N    N N N 58  
ASP CA   C N S 59  
ASP C    C N N 60  
ASP O    O N N 61  
ASP CB   C N N 62  
ASP CG   C N N 63  
ASP OD1  O N N 64  
ASP OD2  O N N 65  
ASP OXT  O N N 66  
ASP H    H N N 67  
ASP H2   H N N 68  
ASP HA   H N N 69  
ASP HB2  H N N 70  
ASP HB3  H N N 71  
ASP HD2  H N N 72  
ASP HXT  H N N 73  
CYS N    N N N 74  
CYS CA   C N R 75  
CYS C    C N N 76  
CYS O    O N N 77  
CYS CB   C N N 78  
CYS SG   S N N 79  
CYS OXT  O N N 80  
CYS H    H N N 81  
CYS H2   H N N 82  
CYS HA   H N N 83  
CYS HB2  H N N 84  
CYS HB3  H N N 85  
CYS HG   H N N 86  
CYS HXT  H N N 87  
GLN N    N N N 88  
GLN CA   C N S 89  
GLN C    C N N 90  
GLN O    O N N 91  
GLN CB   C N N 92  
GLN CG   C N N 93  
GLN CD   C N N 94  
GLN OE1  O N N 95  
GLN NE2  N N N 96  
GLN OXT  O N N 97  
GLN H    H N N 98  
GLN H2   H N N 99  
GLN HA   H N N 100 
GLN HB2  H N N 101 
GLN HB3  H N N 102 
GLN HG2  H N N 103 
GLN HG3  H N N 104 
GLN HE21 H N N 105 
GLN HE22 H N N 106 
GLN HXT  H N N 107 
GLU N    N N N 108 
GLU CA   C N S 109 
GLU C    C N N 110 
GLU O    O N N 111 
GLU CB   C N N 112 
GLU CG   C N N 113 
GLU CD   C N N 114 
GLU OE1  O N N 115 
GLU OE2  O N N 116 
GLU OXT  O N N 117 
GLU H    H N N 118 
GLU H2   H N N 119 
GLU HA   H N N 120 
GLU HB2  H N N 121 
GLU HB3  H N N 122 
GLU HG2  H N N 123 
GLU HG3  H N N 124 
GLU HE2  H N N 125 
GLU HXT  H N N 126 
GLY N    N N N 127 
GLY CA   C N N 128 
GLY C    C N N 129 
GLY O    O N N 130 
GLY OXT  O N N 131 
GLY H    H N N 132 
GLY H2   H N N 133 
GLY HA2  H N N 134 
GLY HA3  H N N 135 
GLY HXT  H N N 136 
GOL C1   C N N 137 
GOL O1   O N N 138 
GOL C2   C N N 139 
GOL O2   O N N 140 
GOL C3   C N N 141 
GOL O3   O N N 142 
GOL H11  H N N 143 
GOL H12  H N N 144 
GOL HO1  H N N 145 
GOL H2   H N N 146 
GOL HO2  H N N 147 
GOL H31  H N N 148 
GOL H32  H N N 149 
GOL HO3  H N N 150 
HIS N    N N N 151 
HIS CA   C N S 152 
HIS C    C N N 153 
HIS O    O N N 154 
HIS CB   C N N 155 
HIS CG   C Y N 156 
HIS ND1  N Y N 157 
HIS CD2  C Y N 158 
HIS CE1  C Y N 159 
HIS NE2  N Y N 160 
HIS OXT  O N N 161 
HIS H    H N N 162 
HIS H2   H N N 163 
HIS HA   H N N 164 
HIS HB2  H N N 165 
HIS HB3  H N N 166 
HIS HD1  H N N 167 
HIS HD2  H N N 168 
HIS HE1  H N N 169 
HIS HE2  H N N 170 
HIS HXT  H N N 171 
HOH O    O N N 172 
HOH H1   H N N 173 
HOH H2   H N N 174 
ILE N    N N N 175 
ILE CA   C N S 176 
ILE C    C N N 177 
ILE O    O N N 178 
ILE CB   C N S 179 
ILE CG1  C N N 180 
ILE CG2  C N N 181 
ILE CD1  C N N 182 
ILE OXT  O N N 183 
ILE H    H N N 184 
ILE H2   H N N 185 
ILE HA   H N N 186 
ILE HB   H N N 187 
ILE HG12 H N N 188 
ILE HG13 H N N 189 
ILE HG21 H N N 190 
ILE HG22 H N N 191 
ILE HG23 H N N 192 
ILE HD11 H N N 193 
ILE HD12 H N N 194 
ILE HD13 H N N 195 
ILE HXT  H N N 196 
LEU N    N N N 197 
LEU CA   C N S 198 
LEU C    C N N 199 
LEU O    O N N 200 
LEU CB   C N N 201 
LEU CG   C N N 202 
LEU CD1  C N N 203 
LEU CD2  C N N 204 
LEU OXT  O N N 205 
LEU H    H N N 206 
LEU H2   H N N 207 
LEU HA   H N N 208 
LEU HB2  H N N 209 
LEU HB3  H N N 210 
LEU HG   H N N 211 
LEU HD11 H N N 212 
LEU HD12 H N N 213 
LEU HD13 H N N 214 
LEU HD21 H N N 215 
LEU HD22 H N N 216 
LEU HD23 H N N 217 
LEU HXT  H N N 218 
LIK O1   O N N 219 
LIK C21  C N N 220 
LIK O2   O N N 221 
LIK C14  C N N 222 
LIK C12  C N N 223 
LIK CC1  C N N 224 
LIK C7   C N N 225 
LIK C1   C N N 226 
LIK C2   C N N 227 
LIK CC3  C N N 228 
LIK C3   C N N 229 
LIK C4   C N N 230 
LIK C5   C N N 231 
LIK C6   C N N 232 
LIK HO1  H N N 233 
LIK H141 H N N 234 
LIK H142 H N N 235 
LIK HC11 H N N 236 
LIK HC12 H N N 237 
LIK H71  H N N 238 
LIK H72  H N N 239 
LIK H11  H N N 240 
LIK H12  H N N 241 
LIK HC31 H N N 242 
LIK HC32 H N N 243 
LIK H31  H N N 244 
LIK H32  H N N 245 
LIK H41  H N N 246 
LIK H42  H N N 247 
LIK H51  H N N 248 
LIK H52  H N N 249 
LIK H61  H N N 250 
LIK H62  H N N 251 
LIK H63  H N N 252 
LYS N    N N N 253 
LYS CA   C N S 254 
LYS C    C N N 255 
LYS O    O N N 256 
LYS CB   C N N 257 
LYS CG   C N N 258 
LYS CD   C N N 259 
LYS CE   C N N 260 
LYS NZ   N N N 261 
LYS OXT  O N N 262 
LYS H    H N N 263 
LYS H2   H N N 264 
LYS HA   H N N 265 
LYS HB2  H N N 266 
LYS HB3  H N N 267 
LYS HG2  H N N 268 
LYS HG3  H N N 269 
LYS HD2  H N N 270 
LYS HD3  H N N 271 
LYS HE2  H N N 272 
LYS HE3  H N N 273 
LYS HZ1  H N N 274 
LYS HZ2  H N N 275 
LYS HZ3  H N N 276 
LYS HXT  H N N 277 
PHE N    N N N 278 
PHE CA   C N S 279 
PHE C    C N N 280 
PHE O    O N N 281 
PHE CB   C N N 282 
PHE CG   C Y N 283 
PHE CD1  C Y N 284 
PHE CD2  C Y N 285 
PHE CE1  C Y N 286 
PHE CE2  C Y N 287 
PHE CZ   C Y N 288 
PHE OXT  O N N 289 
PHE H    H N N 290 
PHE H2   H N N 291 
PHE HA   H N N 292 
PHE HB2  H N N 293 
PHE HB3  H N N 294 
PHE HD1  H N N 295 
PHE HD2  H N N 296 
PHE HE1  H N N 297 
PHE HE2  H N N 298 
PHE HZ   H N N 299 
PHE HXT  H N N 300 
PRO N    N N N 301 
PRO CA   C N S 302 
PRO C    C N N 303 
PRO O    O N N 304 
PRO CB   C N N 305 
PRO CG   C N N 306 
PRO CD   C N N 307 
PRO OXT  O N N 308 
PRO H    H N N 309 
PRO HA   H N N 310 
PRO HB2  H N N 311 
PRO HB3  H N N 312 
PRO HG2  H N N 313 
PRO HG3  H N N 314 
PRO HD2  H N N 315 
PRO HD3  H N N 316 
PRO HXT  H N N 317 
SER N    N N N 318 
SER CA   C N S 319 
SER C    C N N 320 
SER O    O N N 321 
SER CB   C N N 322 
SER OG   O N N 323 
SER OXT  O N N 324 
SER H    H N N 325 
SER H2   H N N 326 
SER HA   H N N 327 
SER HB2  H N N 328 
SER HB3  H N N 329 
SER HG   H N N 330 
SER HXT  H N N 331 
THR N    N N N 332 
THR CA   C N S 333 
THR C    C N N 334 
THR O    O N N 335 
THR CB   C N R 336 
THR OG1  O N N 337 
THR CG2  C N N 338 
THR OXT  O N N 339 
THR H    H N N 340 
THR H2   H N N 341 
THR HA   H N N 342 
THR HB   H N N 343 
THR HG1  H N N 344 
THR HG21 H N N 345 
THR HG22 H N N 346 
THR HG23 H N N 347 
THR HXT  H N N 348 
TRP N    N N N 349 
TRP CA   C N S 350 
TRP C    C N N 351 
TRP O    O N N 352 
TRP CB   C N N 353 
TRP CG   C Y N 354 
TRP CD1  C Y N 355 
TRP CD2  C Y N 356 
TRP NE1  N Y N 357 
TRP CE2  C Y N 358 
TRP CE3  C Y N 359 
TRP CZ2  C Y N 360 
TRP CZ3  C Y N 361 
TRP CH2  C Y N 362 
TRP OXT  O N N 363 
TRP H    H N N 364 
TRP H2   H N N 365 
TRP HA   H N N 366 
TRP HB2  H N N 367 
TRP HB3  H N N 368 
TRP HD1  H N N 369 
TRP HE1  H N N 370 
TRP HE3  H N N 371 
TRP HZ2  H N N 372 
TRP HZ3  H N N 373 
TRP HH2  H N N 374 
TRP HXT  H N N 375 
TYR N    N N N 376 
TYR CA   C N S 377 
TYR C    C N N 378 
TYR O    O N N 379 
TYR CB   C N N 380 
TYR CG   C Y N 381 
TYR CD1  C Y N 382 
TYR CD2  C Y N 383 
TYR CE1  C Y N 384 
TYR CE2  C Y N 385 
TYR CZ   C Y N 386 
TYR OH   O N N 387 
TYR OXT  O N N 388 
TYR H    H N N 389 
TYR H2   H N N 390 
TYR HA   H N N 391 
TYR HB2  H N N 392 
TYR HB3  H N N 393 
TYR HD1  H N N 394 
TYR HD2  H N N 395 
TYR HE1  H N N 396 
TYR HE2  H N N 397 
TYR HH   H N N 398 
TYR HXT  H N N 399 
VAL N    N N N 400 
VAL CA   C N S 401 
VAL C    C N N 402 
VAL O    O N N 403 
VAL CB   C N N 404 
VAL CG1  C N N 405 
VAL CG2  C N N 406 
VAL OXT  O N N 407 
VAL H    H N N 408 
VAL H2   H N N 409 
VAL HA   H N N 410 
VAL HB   H N N 411 
VAL HG11 H N N 412 
VAL HG12 H N N 413 
VAL HG13 H N N 414 
VAL HG21 H N N 415 
VAL HG22 H N N 416 
VAL HG23 H N N 417 
VAL HXT  H N N 418 
# 
loop_
_chem_comp_bond.comp_id 
_chem_comp_bond.atom_id_1 
_chem_comp_bond.atom_id_2 
_chem_comp_bond.value_order 
_chem_comp_bond.pdbx_aromatic_flag 
_chem_comp_bond.pdbx_stereo_config 
_chem_comp_bond.pdbx_ordinal 
ALA N   CA   sing N N 1   
ALA N   H    sing N N 2   
ALA N   H2   sing N N 3   
ALA CA  C    sing N N 4   
ALA CA  CB   sing N N 5   
ALA CA  HA   sing N N 6   
ALA C   O    doub N N 7   
ALA C   OXT  sing N N 8   
ALA CB  HB1  sing N N 9   
ALA CB  HB2  sing N N 10  
ALA CB  HB3  sing N N 11  
ALA OXT HXT  sing N N 12  
ARG N   CA   sing N N 13  
ARG N   H    sing N N 14  
ARG N   H2   sing N N 15  
ARG CA  C    sing N N 16  
ARG CA  CB   sing N N 17  
ARG CA  HA   sing N N 18  
ARG C   O    doub N N 19  
ARG C   OXT  sing N N 20  
ARG CB  CG   sing N N 21  
ARG CB  HB2  sing N N 22  
ARG CB  HB3  sing N N 23  
ARG CG  CD   sing N N 24  
ARG CG  HG2  sing N N 25  
ARG CG  HG3  sing N N 26  
ARG CD  NE   sing N N 27  
ARG CD  HD2  sing N N 28  
ARG CD  HD3  sing N N 29  
ARG NE  CZ   sing N N 30  
ARG NE  HE   sing N N 31  
ARG CZ  NH1  sing N N 32  
ARG CZ  NH2  doub N N 33  
ARG NH1 HH11 sing N N 34  
ARG NH1 HH12 sing N N 35  
ARG NH2 HH21 sing N N 36  
ARG NH2 HH22 sing N N 37  
ARG OXT HXT  sing N N 38  
ASN N   CA   sing N N 39  
ASN N   H    sing N N 40  
ASN N   H2   sing N N 41  
ASN CA  C    sing N N 42  
ASN CA  CB   sing N N 43  
ASN CA  HA   sing N N 44  
ASN C   O    doub N N 45  
ASN C   OXT  sing N N 46  
ASN CB  CG   sing N N 47  
ASN CB  HB2  sing N N 48  
ASN CB  HB3  sing N N 49  
ASN CG  OD1  doub N N 50  
ASN CG  ND2  sing N N 51  
ASN ND2 HD21 sing N N 52  
ASN ND2 HD22 sing N N 53  
ASN OXT HXT  sing N N 54  
ASP N   CA   sing N N 55  
ASP N   H    sing N N 56  
ASP N   H2   sing N N 57  
ASP CA  C    sing N N 58  
ASP CA  CB   sing N N 59  
ASP CA  HA   sing N N 60  
ASP C   O    doub N N 61  
ASP C   OXT  sing N N 62  
ASP CB  CG   sing N N 63  
ASP CB  HB2  sing N N 64  
ASP CB  HB3  sing N N 65  
ASP CG  OD1  doub N N 66  
ASP CG  OD2  sing N N 67  
ASP OD2 HD2  sing N N 68  
ASP OXT HXT  sing N N 69  
CYS N   CA   sing N N 70  
CYS N   H    sing N N 71  
CYS N   H2   sing N N 72  
CYS CA  C    sing N N 73  
CYS CA  CB   sing N N 74  
CYS CA  HA   sing N N 75  
CYS C   O    doub N N 76  
CYS C   OXT  sing N N 77  
CYS CB  SG   sing N N 78  
CYS CB  HB2  sing N N 79  
CYS CB  HB3  sing N N 80  
CYS SG  HG   sing N N 81  
CYS OXT HXT  sing N N 82  
GLN N   CA   sing N N 83  
GLN N   H    sing N N 84  
GLN N   H2   sing N N 85  
GLN CA  C    sing N N 86  
GLN CA  CB   sing N N 87  
GLN CA  HA   sing N N 88  
GLN C   O    doub N N 89  
GLN C   OXT  sing N N 90  
GLN CB  CG   sing N N 91  
GLN CB  HB2  sing N N 92  
GLN CB  HB3  sing N N 93  
GLN CG  CD   sing N N 94  
GLN CG  HG2  sing N N 95  
GLN CG  HG3  sing N N 96  
GLN CD  OE1  doub N N 97  
GLN CD  NE2  sing N N 98  
GLN NE2 HE21 sing N N 99  
GLN NE2 HE22 sing N N 100 
GLN OXT HXT  sing N N 101 
GLU N   CA   sing N N 102 
GLU N   H    sing N N 103 
GLU N   H2   sing N N 104 
GLU CA  C    sing N N 105 
GLU CA  CB   sing N N 106 
GLU CA  HA   sing N N 107 
GLU C   O    doub N N 108 
GLU C   OXT  sing N N 109 
GLU CB  CG   sing N N 110 
GLU CB  HB2  sing N N 111 
GLU CB  HB3  sing N N 112 
GLU CG  CD   sing N N 113 
GLU CG  HG2  sing N N 114 
GLU CG  HG3  sing N N 115 
GLU CD  OE1  doub N N 116 
GLU CD  OE2  sing N N 117 
GLU OE2 HE2  sing N N 118 
GLU OXT HXT  sing N N 119 
GLY N   CA   sing N N 120 
GLY N   H    sing N N 121 
GLY N   H2   sing N N 122 
GLY CA  C    sing N N 123 
GLY CA  HA2  sing N N 124 
GLY CA  HA3  sing N N 125 
GLY C   O    doub N N 126 
GLY C   OXT  sing N N 127 
GLY OXT HXT  sing N N 128 
GOL C1  O1   sing N N 129 
GOL C1  C2   sing N N 130 
GOL C1  H11  sing N N 131 
GOL C1  H12  sing N N 132 
GOL O1  HO1  sing N N 133 
GOL C2  O2   sing N N 134 
GOL C2  C3   sing N N 135 
GOL C2  H2   sing N N 136 
GOL O2  HO2  sing N N 137 
GOL C3  O3   sing N N 138 
GOL C3  H31  sing N N 139 
GOL C3  H32  sing N N 140 
GOL O3  HO3  sing N N 141 
HIS N   CA   sing N N 142 
HIS N   H    sing N N 143 
HIS N   H2   sing N N 144 
HIS CA  C    sing N N 145 
HIS CA  CB   sing N N 146 
HIS CA  HA   sing N N 147 
HIS C   O    doub N N 148 
HIS C   OXT  sing N N 149 
HIS CB  CG   sing N N 150 
HIS CB  HB2  sing N N 151 
HIS CB  HB3  sing N N 152 
HIS CG  ND1  sing Y N 153 
HIS CG  CD2  doub Y N 154 
HIS ND1 CE1  doub Y N 155 
HIS ND1 HD1  sing N N 156 
HIS CD2 NE2  sing Y N 157 
HIS CD2 HD2  sing N N 158 
HIS CE1 NE2  sing Y N 159 
HIS CE1 HE1  sing N N 160 
HIS NE2 HE2  sing N N 161 
HIS OXT HXT  sing N N 162 
HOH O   H1   sing N N 163 
HOH O   H2   sing N N 164 
ILE N   CA   sing N N 165 
ILE N   H    sing N N 166 
ILE N   H2   sing N N 167 
ILE CA  C    sing N N 168 
ILE CA  CB   sing N N 169 
ILE CA  HA   sing N N 170 
ILE C   O    doub N N 171 
ILE C   OXT  sing N N 172 
ILE CB  CG1  sing N N 173 
ILE CB  CG2  sing N N 174 
ILE CB  HB   sing N N 175 
ILE CG1 CD1  sing N N 176 
ILE CG1 HG12 sing N N 177 
ILE CG1 HG13 sing N N 178 
ILE CG2 HG21 sing N N 179 
ILE CG2 HG22 sing N N 180 
ILE CG2 HG23 sing N N 181 
ILE CD1 HD11 sing N N 182 
ILE CD1 HD12 sing N N 183 
ILE CD1 HD13 sing N N 184 
ILE OXT HXT  sing N N 185 
LEU N   CA   sing N N 186 
LEU N   H    sing N N 187 
LEU N   H2   sing N N 188 
LEU CA  C    sing N N 189 
LEU CA  CB   sing N N 190 
LEU CA  HA   sing N N 191 
LEU C   O    doub N N 192 
LEU C   OXT  sing N N 193 
LEU CB  CG   sing N N 194 
LEU CB  HB2  sing N N 195 
LEU CB  HB3  sing N N 196 
LEU CG  CD1  sing N N 197 
LEU CG  CD2  sing N N 198 
LEU CG  HG   sing N N 199 
LEU CD1 HD11 sing N N 200 
LEU CD1 HD12 sing N N 201 
LEU CD1 HD13 sing N N 202 
LEU CD2 HD21 sing N N 203 
LEU CD2 HD22 sing N N 204 
LEU CD2 HD23 sing N N 205 
LEU OXT HXT  sing N N 206 
LIK O1  C21  sing N N 207 
LIK O1  HO1  sing N N 208 
LIK C21 O2   doub N N 209 
LIK C21 C14  sing N N 210 
LIK C14 C12  sing N N 211 
LIK C14 H141 sing N N 212 
LIK C14 H142 sing N N 213 
LIK C12 CC1  doub N N 214 
LIK C12 C7   sing N N 215 
LIK CC1 HC11 sing N N 216 
LIK CC1 HC12 sing N N 217 
LIK C7  C1   sing N N 218 
LIK C7  H71  sing N N 219 
LIK C7  H72  sing N N 220 
LIK C1  C2   sing N N 221 
LIK C1  H11  sing N N 222 
LIK C1  H12  sing N N 223 
LIK C2  CC3  doub N N 224 
LIK C2  C3   sing N N 225 
LIK CC3 HC31 sing N N 226 
LIK CC3 HC32 sing N N 227 
LIK C3  C4   sing N N 228 
LIK C3  H31  sing N N 229 
LIK C3  H32  sing N N 230 
LIK C4  C5   sing N N 231 
LIK C4  H41  sing N N 232 
LIK C4  H42  sing N N 233 
LIK C5  C6   sing N N 234 
LIK C5  H51  sing N N 235 
LIK C5  H52  sing N N 236 
LIK C6  H61  sing N N 237 
LIK C6  H62  sing N N 238 
LIK C6  H63  sing N N 239 
LYS N   CA   sing N N 240 
LYS N   H    sing N N 241 
LYS N   H2   sing N N 242 
LYS CA  C    sing N N 243 
LYS CA  CB   sing N N 244 
LYS CA  HA   sing N N 245 
LYS C   O    doub N N 246 
LYS C   OXT  sing N N 247 
LYS CB  CG   sing N N 248 
LYS CB  HB2  sing N N 249 
LYS CB  HB3  sing N N 250 
LYS CG  CD   sing N N 251 
LYS CG  HG2  sing N N 252 
LYS CG  HG3  sing N N 253 
LYS CD  CE   sing N N 254 
LYS CD  HD2  sing N N 255 
LYS CD  HD3  sing N N 256 
LYS CE  NZ   sing N N 257 
LYS CE  HE2  sing N N 258 
LYS CE  HE3  sing N N 259 
LYS NZ  HZ1  sing N N 260 
LYS NZ  HZ2  sing N N 261 
LYS NZ  HZ3  sing N N 262 
LYS OXT HXT  sing N N 263 
PHE N   CA   sing N N 264 
PHE N   H    sing N N 265 
PHE N   H2   sing N N 266 
PHE CA  C    sing N N 267 
PHE CA  CB   sing N N 268 
PHE CA  HA   sing N N 269 
PHE C   O    doub N N 270 
PHE C   OXT  sing N N 271 
PHE CB  CG   sing N N 272 
PHE CB  HB2  sing N N 273 
PHE CB  HB3  sing N N 274 
PHE CG  CD1  doub Y N 275 
PHE CG  CD2  sing Y N 276 
PHE CD1 CE1  sing Y N 277 
PHE CD1 HD1  sing N N 278 
PHE CD2 CE2  doub Y N 279 
PHE CD2 HD2  sing N N 280 
PHE CE1 CZ   doub Y N 281 
PHE CE1 HE1  sing N N 282 
PHE CE2 CZ   sing Y N 283 
PHE CE2 HE2  sing N N 284 
PHE CZ  HZ   sing N N 285 
PHE OXT HXT  sing N N 286 
PRO N   CA   sing N N 287 
PRO N   CD   sing N N 288 
PRO N   H    sing N N 289 
PRO CA  C    sing N N 290 
PRO CA  CB   sing N N 291 
PRO CA  HA   sing N N 292 
PRO C   O    doub N N 293 
PRO C   OXT  sing N N 294 
PRO CB  CG   sing N N 295 
PRO CB  HB2  sing N N 296 
PRO CB  HB3  sing N N 297 
PRO CG  CD   sing N N 298 
PRO CG  HG2  sing N N 299 
PRO CG  HG3  sing N N 300 
PRO CD  HD2  sing N N 301 
PRO CD  HD3  sing N N 302 
PRO OXT HXT  sing N N 303 
SER N   CA   sing N N 304 
SER N   H    sing N N 305 
SER N   H2   sing N N 306 
SER CA  C    sing N N 307 
SER CA  CB   sing N N 308 
SER CA  HA   sing N N 309 
SER C   O    doub N N 310 
SER C   OXT  sing N N 311 
SER CB  OG   sing N N 312 
SER CB  HB2  sing N N 313 
SER CB  HB3  sing N N 314 
SER OG  HG   sing N N 315 
SER OXT HXT  sing N N 316 
THR N   CA   sing N N 317 
THR N   H    sing N N 318 
THR N   H2   sing N N 319 
THR CA  C    sing N N 320 
THR CA  CB   sing N N 321 
THR CA  HA   sing N N 322 
THR C   O    doub N N 323 
THR C   OXT  sing N N 324 
THR CB  OG1  sing N N 325 
THR CB  CG2  sing N N 326 
THR CB  HB   sing N N 327 
THR OG1 HG1  sing N N 328 
THR CG2 HG21 sing N N 329 
THR CG2 HG22 sing N N 330 
THR CG2 HG23 sing N N 331 
THR OXT HXT  sing N N 332 
TRP N   CA   sing N N 333 
TRP N   H    sing N N 334 
TRP N   H2   sing N N 335 
TRP CA  C    sing N N 336 
TRP CA  CB   sing N N 337 
TRP CA  HA   sing N N 338 
TRP C   O    doub N N 339 
TRP C   OXT  sing N N 340 
TRP CB  CG   sing N N 341 
TRP CB  HB2  sing N N 342 
TRP CB  HB3  sing N N 343 
TRP CG  CD1  doub Y N 344 
TRP CG  CD2  sing Y N 345 
TRP CD1 NE1  sing Y N 346 
TRP CD1 HD1  sing N N 347 
TRP CD2 CE2  doub Y N 348 
TRP CD2 CE3  sing Y N 349 
TRP NE1 CE2  sing Y N 350 
TRP NE1 HE1  sing N N 351 
TRP CE2 CZ2  sing Y N 352 
TRP CE3 CZ3  doub Y N 353 
TRP CE3 HE3  sing N N 354 
TRP CZ2 CH2  doub Y N 355 
TRP CZ2 HZ2  sing N N 356 
TRP CZ3 CH2  sing Y N 357 
TRP CZ3 HZ3  sing N N 358 
TRP CH2 HH2  sing N N 359 
TRP OXT HXT  sing N N 360 
TYR N   CA   sing N N 361 
TYR N   H    sing N N 362 
TYR N   H2   sing N N 363 
TYR CA  C    sing N N 364 
TYR CA  CB   sing N N 365 
TYR CA  HA   sing N N 366 
TYR C   O    doub N N 367 
TYR C   OXT  sing N N 368 
TYR CB  CG   sing N N 369 
TYR CB  HB2  sing N N 370 
TYR CB  HB3  sing N N 371 
TYR CG  CD1  doub Y N 372 
TYR CG  CD2  sing Y N 373 
TYR CD1 CE1  sing Y N 374 
TYR CD1 HD1  sing N N 375 
TYR CD2 CE2  doub Y N 376 
TYR CD2 HD2  sing N N 377 
TYR CE1 CZ   doub Y N 378 
TYR CE1 HE1  sing N N 379 
TYR CE2 CZ   sing Y N 380 
TYR CE2 HE2  sing N N 381 
TYR CZ  OH   sing N N 382 
TYR OH  HH   sing N N 383 
TYR OXT HXT  sing N N 384 
VAL N   CA   sing N N 385 
VAL N   H    sing N N 386 
VAL N   H2   sing N N 387 
VAL CA  C    sing N N 388 
VAL CA  CB   sing N N 389 
VAL CA  HA   sing N N 390 
VAL C   O    doub N N 391 
VAL C   OXT  sing N N 392 
VAL CB  CG1  sing N N 393 
VAL CB  CG2  sing N N 394 
VAL CB  HB   sing N N 395 
VAL CG1 HG11 sing N N 396 
VAL CG1 HG12 sing N N 397 
VAL CG1 HG13 sing N N 398 
VAL CG2 HG21 sing N N 399 
VAL CG2 HG22 sing N N 400 
VAL CG2 HG23 sing N N 401 
VAL OXT HXT  sing N N 402 
# 
_pdbx_initial_refinement_model.id               1 
_pdbx_initial_refinement_model.entity_id_list   ? 
_pdbx_initial_refinement_model.type             'experimental model' 
_pdbx_initial_refinement_model.source_name      PDB 
_pdbx_initial_refinement_model.accession_code   1G85 
_pdbx_initial_refinement_model.details          ? 
# 
_atom_sites.entry_id                    2HLV 
_atom_sites.fract_transf_matrix[1][1]   0.00712991 
_atom_sites.fract_transf_matrix[1][2]   -0.00478183 
_atom_sites.fract_transf_matrix[1][3]   -0.00835004 
_atom_sites.fract_transf_matrix[2][1]   -0.00955720 
_atom_sites.fract_transf_matrix[2][2]   -0.00472620 
_atom_sites.fract_transf_matrix[2][3]   -0.00545412 
_atom_sites.fract_transf_matrix[3][1]   -0.00190572 
_atom_sites.fract_transf_matrix[3][2]   0.01690097 
_atom_sites.fract_transf_matrix[3][3]   -0.01130595 
_atom_sites.fract_transf_vector[1]      0.247846 
_atom_sites.fract_transf_vector[2]      0.531108 
_atom_sites.fract_transf_vector[3]      0.155205 
# 
loop_
_atom_type.symbol 
C 
N 
O 
S 
# 
loop_
_atom_site.group_PDB 
_atom_site.id 
_atom_site.type_symbol 
_atom_site.label_atom_id 
_atom_site.label_alt_id 
_atom_site.label_comp_id 
_atom_site.label_asym_id 
_atom_site.label_entity_id 
_atom_site.label_seq_id 
_atom_site.pdbx_PDB_ins_code 
_atom_site.Cartn_x 
_atom_site.Cartn_y 
_atom_site.Cartn_z 
_atom_site.occupancy 
_atom_site.B_iso_or_equiv 
_atom_site.pdbx_formal_charge 
_atom_site.auth_seq_id 
_atom_site.auth_comp_id 
_atom_site.auth_asym_id 
_atom_site.auth_atom_id 
_atom_site.pdbx_PDB_model_num 
ATOM   1    N N   . SER A 1 11  ? -1.854  -17.809 0.343   1.00 40.34 ? 11   SER A N   1 
ATOM   2    C CA  . SER A 1 11  ? -1.017  -18.519 -0.682  1.00 39.66 ? 11   SER A CA  1 
ATOM   3    C C   . SER A 1 11  ? -1.703  -18.566 -2.049  1.00 39.07 ? 11   SER A C   1 
ATOM   4    O O   . SER A 1 11  ? -1.083  -18.244 -3.062  1.00 39.58 ? 11   SER A O   1 
ATOM   5    C CB  . SER A 1 11  ? -0.669  -19.933 -0.218  1.00 40.38 ? 11   SER A CB  1 
ATOM   6    O OG  . SER A 1 11  ? 0.298   -20.528 -1.077  1.00 41.34 ? 11   SER A OG  1 
ATOM   7    N N   . GLU A 1 12  ? -2.984  -18.955 -2.066  1.00 37.93 ? 12   GLU A N   1 
ATOM   8    C CA  . GLU A 1 12  ? -3.870  -18.814 -3.265  1.00 36.57 ? 12   GLU A CA  1 
ATOM   9    C C   . GLU A 1 12  ? -4.213  -17.331 -3.484  1.00 35.48 ? 12   GLU A C   1 
ATOM   10   O O   . GLU A 1 12  ? -4.856  -16.929 -4.463  1.00 36.23 ? 12   GLU A O   1 
ATOM   11   C CB  . GLU A 1 12  ? -5.138  -19.671 -3.080  1.00 37.15 ? 12   GLU A CB  1 
ATOM   12   C CG  . GLU A 1 12  ? -6.475  -19.080 -3.558  0.10 37.24 ? 12   GLU A CG  1 
ATOM   13   C CD  . GLU A 1 12  ? -6.708  -19.239 -5.052  0.10 37.09 ? 12   GLU A CD  1 
ATOM   14   O OE1 . GLU A 1 12  ? -7.885  -19.221 -5.469  0.10 36.80 ? 12   GLU A OE1 1 
ATOM   15   O OE2 . GLU A 1 12  ? -5.723  -19.385 -5.808  0.10 37.17 ? 12   GLU A OE2 1 
ATOM   16   N N   . LEU A 1 13  ? -3.774  -16.527 -2.530  1.00 32.83 ? 13   LEU A N   1 
ATOM   17   C CA  . LEU A 1 13  ? -3.900  -15.092 -2.567  1.00 31.02 ? 13   LEU A CA  1 
ATOM   18   C C   . LEU A 1 13  ? -2.857  -14.449 -3.470  1.00 29.00 ? 13   LEU A C   1 
ATOM   19   O O   . LEU A 1 13  ? -3.013  -13.296 -3.830  1.00 28.09 ? 13   LEU A O   1 
ATOM   20   C CB  . LEU A 1 13  ? -3.737  -14.547 -1.160  1.00 31.21 ? 13   LEU A CB  1 
ATOM   21   C CG  . LEU A 1 13  ? -4.664  -15.131 -0.090  1.00 32.68 ? 13   LEU A CG  1 
ATOM   22   C CD1 . LEU A 1 13  ? -4.041  -15.061 1.285   1.00 33.91 ? 13   LEU A CD1 1 
ATOM   23   C CD2 . LEU A 1 13  ? -6.011  -14.445 -0.123  1.00 34.17 ? 13   LEU A CD2 1 
ATOM   24   N N   . SER A 1 14  ? -1.789  -15.167 -3.822  1.00 26.35 ? 14   SER A N   1 
ATOM   25   C CA  . SER A 1 14  ? -0.773  -14.617 -4.717  1.00 24.78 ? 14   SER A CA  1 
ATOM   26   C C   . SER A 1 14  ? -1.347  -14.337 -6.107  1.00 23.91 ? 14   SER A C   1 
ATOM   27   O O   . SER A 1 14  ? -2.227  -15.065 -6.596  1.00 23.54 ? 14   SER A O   1 
ATOM   28   C CB  . SER A 1 14  ? 0.414   -15.576 -4.836  1.00 24.67 ? 14   SER A CB  1 
ATOM   29   O OG  . SER A 1 14  ? 0.935   -15.887 -3.566  1.00 21.89 ? 14   SER A OG  1 
ATOM   30   N N   . GLY A 1 15  ? -0.849  -13.296 -6.755  1.00 22.28 ? 15   GLY A N   1 
ATOM   31   C CA  . GLY A 1 15  ? -1.245  -12.993 -8.119  1.00 21.12 ? 15   GLY A CA  1 
ATOM   32   C C   . GLY A 1 15  ? -1.188  -11.504 -8.403  1.00 20.35 ? 15   GLY A C   1 
ATOM   33   O O   . GLY A 1 15  ? -0.526  -10.767 -7.659  1.00 19.13 ? 15   GLY A O   1 
ATOM   34   N N   . PRO A 1 16  ? -1.903  -11.058 -9.456  1.00 19.57 ? 16   PRO A N   1 
ATOM   35   C CA  . PRO A 1 16  ? -1.837  -9.687  -9.987  1.00 19.16 ? 16   PRO A CA  1 
ATOM   36   C C   . PRO A 1 16  ? -2.647  -8.581  -9.267  1.00 19.22 ? 16   PRO A C   1 
ATOM   37   O O   . PRO A 1 16  ? -3.535  -7.963  -9.853  1.00 23.27 ? 16   PRO A O   1 
ATOM   38   C CB  . PRO A 1 16  ? -2.335  -9.850  -11.427 1.00 18.93 ? 16   PRO A CB  1 
ATOM   39   C CG  . PRO A 1 16  ? -3.297  -11.000 -11.357 1.00 20.74 ? 16   PRO A CG  1 
ATOM   40   C CD  . PRO A 1 16  ? -2.815  -11.910 -10.254 1.00 20.61 ? 16   PRO A CD  1 
ATOM   41   N N   . TRP A 1 17  ? -2.271  -8.257  -8.059  1.00 17.74 ? 17   TRP A N   1 
ATOM   42   C CA  . TRP A 1 17  ? -2.969  -7.209  -7.292  1.00 16.50 ? 17   TRP A CA  1 
ATOM   43   C C   . TRP A 1 17  ? -2.755  -5.806  -7.884  1.00 16.29 ? 17   TRP A C   1 
ATOM   44   O O   . TRP A 1 17  ? -1.723  -5.505  -8.477  1.00 16.99 ? 17   TRP A O   1 
ATOM   45   C CB  . TRP A 1 17  ? -2.502  -7.261  -5.837  1.00 15.90 ? 17   TRP A CB  1 
ATOM   46   C CG  . TRP A 1 17  ? -2.914  -8.483  -5.082  1.00 15.58 ? 17   TRP A CG  1 
ATOM   47   C CD1 . TRP A 1 17  ? -2.298  -9.728  -5.093  1.00 16.94 ? 17   TRP A CD1 1 
ATOM   48   C CD2 . TRP A 1 17  ? -4.010  -8.594  -4.176  1.00 14.90 ? 17   TRP A CD2 1 
ATOM   49   N NE1 . TRP A 1 17  ? -2.967  -10.591 -4.249  1.00 17.88 ? 17   TRP A NE1 1 
ATOM   50   C CE2 . TRP A 1 17  ? -4.029  -9.923  -3.687  1.00 16.54 ? 17   TRP A CE2 1 
ATOM   51   C CE3 . TRP A 1 17  ? -5.000  -7.708  -3.739  1.00 14.82 ? 17   TRP A CE3 1 
ATOM   52   C CZ2 . TRP A 1 17  ? -4.977  -10.366 -2.769  1.00 16.25 ? 17   TRP A CZ2 1 
ATOM   53   C CZ3 . TRP A 1 17  ? -5.956  -8.164  -2.864  1.00 15.76 ? 17   TRP A CZ3 1 
ATOM   54   C CH2 . TRP A 1 17  ? -5.942  -9.479  -2.377  1.00 15.42 ? 17   TRP A CH2 1 
ATOM   55   N N   . ARG A 1 18  ? -3.738  -4.933  -7.718  1.00 14.28 ? 18   ARG A N   1 
ATOM   56   C CA  . ARG A 1 18  ? -3.616  -3.538  -8.147  1.00 13.29 ? 18   ARG A CA  1 
ATOM   57   C C   . ARG A 1 18  ? -4.013  -2.619  -6.987  1.00 12.10 ? 18   ARG A C   1 
ATOM   58   O O   . ARG A 1 18  ? -4.852  -2.977  -6.145  1.00 11.98 ? 18   ARG A O   1 
ATOM   59   C CB  . ARG A 1 18  ? -4.495  -3.216  -9.359  1.00 13.97 ? 18   ARG A CB  1 
ATOM   60   C CG  . ARG A 1 18  ? -6.024  -3.435  -9.190  1.00 15.32 ? 18   ARG A CG  1 
ATOM   61   C CD  . ARG A 1 18  ? -6.770  -3.376  -10.550 1.00 17.56 ? 18   ARG A CD  1 
ATOM   62   N NE  . ARG A 1 18  ? -8.226  -3.437  -10.380 1.00 19.08 ? 18   ARG A NE  1 
ATOM   63   C CZ  . ARG A 1 18  ? -8.951  -4.551  -10.347 1.00 20.53 ? 18   ARG A CZ  1 
ATOM   64   N NH1 . ARG A 1 18  ? -8.386  -5.764  -10.413 1.00 21.25 ? 18   ARG A NH1 1 
ATOM   65   N NH2 . ARG A 1 18  ? -10.269 -4.429  -10.215 1.00 22.18 ? 18   ARG A NH2 1 
ATOM   66   N N   . THR A 1 19  ? -3.381  -1.456  -6.954  1.00 11.15 ? 19   THR A N   1 
ATOM   67   C CA  . THR A 1 19  ? -3.764  -0.405  -6.012  1.00 10.55 ? 19   THR A CA  1 
ATOM   68   C C   . THR A 1 19  ? -5.048  0.295   -6.471  1.00 10.58 ? 19   THR A C   1 
ATOM   69   O O   . THR A 1 19  ? -5.210  0.650   -7.669  1.00 11.25 ? 19   THR A O   1 
ATOM   70   C CB  . THR A 1 19  ? -2.675  0.655   -5.902  1.00 11.28 ? 19   THR A CB  1 
ATOM   71   O OG1 . THR A 1 19  ? -1.390  0.019   -5.765  1.00 11.12 ? 19   THR A OG1 1 
ATOM   72   C CG2 . THR A 1 19  ? -2.933  1.608   -4.750  1.00 12.08 ? 19   THR A CG2 1 
ATOM   73   N N   . VAL A 1 20  ? -5.931  0.544   -5.505  1.00 10.55 ? 20   VAL A N   1 
ATOM   74   C CA  . VAL A 1 20  ? -7.152  1.323   -5.731  1.00 10.87 ? 20   VAL A CA  1 
ATOM   75   C C   . VAL A 1 20  ? -7.015  2.713   -5.108  1.00 11.09 ? 20   VAL A C   1 
ATOM   76   O O   . VAL A 1 20  ? -7.045  3.711   -5.812  1.00 10.13 ? 20   VAL A O   1 
ATOM   77   C CB  . VAL A 1 20  ? -8.407  0.581   -5.206  1.00 11.25 ? 20   VAL A CB  1 
ATOM   78   C CG1 . VAL A 1 20  ? -9.668  1.397   -5.512  1.00 11.20 ? 20   VAL A CG1 1 
ATOM   79   C CG2 . VAL A 1 20  ? -8.521  -0.798  -5.826  1.00 12.82 ? 20   VAL A CG2 1 
ATOM   80   N N   . TYR A 1 21  ? -6.821  2.751   -3.787  1.00 10.81 ? 21   TYR A N   1 
ATOM   81   C CA  . TYR A 1 21  ? -6.646  4.003   -3.035  1.00 11.19 ? 21   TYR A CA  1 
ATOM   82   C C   . TYR A 1 21  ? -5.544  3.854   -2.010  1.00 10.13 ? 21   TYR A C   1 
ATOM   83   O O   . TYR A 1 21  ? -5.407  2.792   -1.397  1.00 11.18 ? 21   TYR A O   1 
ATOM   84   C CB  . TYR A 1 21  ? -7.917  4.378   -2.260  1.00 11.73 ? 21   TYR A CB  1 
ATOM   85   C CG  . TYR A 1 21  ? -9.131  4.760   -3.122  1.00 11.14 ? 21   TYR A CG  1 
ATOM   86   C CD1 . TYR A 1 21  ? -9.078  5.846   -3.988  1.00 11.75 ? 21   TYR A CD1 1 
ATOM   87   C CD2 . TYR A 1 21  ? -10.323 4.061   -3.032  1.00 11.84 ? 21   TYR A CD2 1 
ATOM   88   C CE1 . TYR A 1 21  ? -10.177 6.191   -4.797  1.00 13.74 ? 21   TYR A CE1 1 
ATOM   89   C CE2 . TYR A 1 21  ? -11.408 4.409   -3.816  1.00 13.40 ? 21   TYR A CE2 1 
ATOM   90   C CZ  . TYR A 1 21  ? -11.328 5.470   -4.686  1.00 14.44 ? 21   TYR A CZ  1 
ATOM   91   O OH  . TYR A 1 21  ? -12.394 5.819   -5.487  1.00 16.02 ? 21   TYR A OH  1 
ATOM   92   N N   . ILE A 1 22  ? -4.798  4.929   -1.786  1.00 10.92 ? 22   ILE A N   1 
ATOM   93   C CA  . ILE A 1 22  ? -3.915  5.048   -0.634  1.00 10.57 ? 22   ILE A CA  1 
ATOM   94   C C   . ILE A 1 22  ? -4.137  6.430   -0.016  1.00 11.08 ? 22   ILE A C   1 
ATOM   95   O O   . ILE A 1 22  ? -4.120  7.420   -0.732  1.00 11.81 ? 22   ILE A O   1 
ATOM   96   C CB  . ILE A 1 22  ? -2.414  4.860   -0.997  1.00 11.03 ? 22   ILE A CB  1 
ATOM   97   C CG1 . ILE A 1 22  ? -2.163  3.432   -1.526  1.00 11.85 ? 22   ILE A CG1 1 
ATOM   98   C CG2 . ILE A 1 22  ? -1.550  5.137   0.216   1.00 11.77 ? 22   ILE A CG2 1 
ATOM   99   C CD1 . ILE A 1 22  ? -0.722  3.135   -1.948  1.00 13.88 ? 22   ILE A CD1 1 
ATOM   100  N N   . GLY A 1 23  ? -4.361  6.455   1.303   1.00 11.42 ? 23   GLY A N   1 
ATOM   101  C CA  . GLY A 1 23  ? -4.507  7.691   2.091   1.00 11.62 ? 23   GLY A CA  1 
ATOM   102  C C   . GLY A 1 23  ? -3.286  7.938   2.959   1.00 11.62 ? 23   GLY A C   1 
ATOM   103  O O   . GLY A 1 23  ? -2.618  7.001   3.369   1.00 11.83 ? 23   GLY A O   1 
ATOM   104  N N   . SER A 1 24  ? -2.976  9.202   3.241   1.00 12.29 ? 24   SER A N   1 
ATOM   105  C CA  . SER A 1 24  ? -1.814  9.528   4.066   1.00 12.51 ? 24   SER A CA  1 
ATOM   106  C C   . SER A 1 24  ? -2.090  10.701  5.001   1.00 13.29 ? 24   SER A C   1 
ATOM   107  O O   . SER A 1 24  ? -2.761  11.657  4.611   1.00 13.68 ? 24   SER A O   1 
ATOM   108  C CB  . SER A 1 24  ? -0.656  9.918   3.160   1.00 13.16 ? 24   SER A CB  1 
ATOM   109  O OG  . SER A 1 24  ? 0.501   10.260  3.924   1.00 15.29 ? 24   SER A OG  1 
ATOM   110  N N   . THR A 1 25  ? -1.529  10.658  6.204   1.00 14.18 ? 25   THR A N   1 
ATOM   111  C CA  . THR A 1 25  ? -1.578  11.836  7.094   1.00 16.16 ? 25   THR A CA  1 
ATOM   112  C C   . THR A 1 25  ? -0.628  12.945  6.610   1.00 18.34 ? 25   THR A C   1 
ATOM   113  O O   . THR A 1 25  ? -0.777  14.102  7.047   1.00 19.96 ? 25   THR A O   1 
ATOM   114  C CB  . THR A 1 25  ? -1.219  11.451  8.547   1.00 15.99 ? 25   THR A CB  1 
ATOM   115  O OG1 . THR A 1 25  ? 0.079   10.845  8.574   1.00 15.20 ? 25   THR A OG1 1 
ATOM   116  C CG2 . THR A 1 25  ? -2.238  10.531  9.138   1.00 15.38 ? 25   THR A CG2 1 
ATOM   117  N N   . ASN A 1 26  ? 0.342   12.606  5.752   1.00 20.07 ? 26   ASN A N   1 
ATOM   118  C CA  . ASN A 1 26  ? 1.272   13.568  5.105   1.00 21.66 ? 26   ASN A CA  1 
ATOM   119  C C   . ASN A 1 26  ? 1.051   13.544  3.581   1.00 23.36 ? 26   ASN A C   1 
ATOM   120  O O   . ASN A 1 26  ? 1.457   12.597  2.901   1.00 22.68 ? 26   ASN A O   1 
ATOM   121  C CB  . ASN A 1 26  ? 2.730   13.215  5.420   1.00 21.95 ? 26   ASN A CB  1 
ATOM   122  C CG  . ASN A 1 26  ? 3.709   14.218  4.853   1.00 22.53 ? 26   ASN A CG  1 
ATOM   123  O OD1 . ASN A 1 26  ? 3.361   15.031  3.992   1.00 27.46 ? 26   ASN A OD1 1 
ATOM   124  N ND2 . ASN A 1 26  ? 4.941   14.171  5.334   1.00 24.79 ? 26   ASN A ND2 1 
ATOM   125  N N   . PRO A 1 27  ? 0.401   14.579  3.039   1.00 25.61 ? 27   PRO A N   1 
ATOM   126  C CA  . PRO A 1 27  ? 0.052   14.550  1.617   1.00 26.34 ? 27   PRO A CA  1 
ATOM   127  C C   . PRO A 1 27  ? 1.258   14.406  0.688   1.00 27.33 ? 27   PRO A C   1 
ATOM   128  O O   . PRO A 1 27  ? 1.167   13.739  -0.345  1.00 27.87 ? 27   PRO A O   1 
ATOM   129  C CB  . PRO A 1 27  ? -0.616  15.919  1.383   1.00 27.16 ? 27   PRO A CB  1 
ATOM   130  C CG  . PRO A 1 27  ? -0.933  16.456  2.707   1.00 27.43 ? 27   PRO A CG  1 
ATOM   131  C CD  . PRO A 1 27  ? -0.023  15.824  3.701   1.00 26.42 ? 27   PRO A CD  1 
ATOM   132  N N   . GLU A 1 28  ? 2.372   15.023  1.069   1.00 27.64 ? 28   GLU A N   1 
ATOM   133  C CA  . GLU A 1 28  ? 3.578   15.049  0.247   1.00 27.69 ? 28   GLU A CA  1 
ATOM   134  C C   . GLU A 1 28  ? 4.118   13.645  -0.040  1.00 28.01 ? 28   GLU A C   1 
ATOM   135  O O   . GLU A 1 28  ? 4.723   13.429  -1.089  1.00 29.56 ? 28   GLU A O   1 
ATOM   136  C CB  . GLU A 1 28  ? 4.655   15.907  0.920   1.00 28.20 ? 28   GLU A CB  1 
ATOM   137  C CG  . GLU A 1 28  ? 4.236   17.438  0.766   0.00 31.28 ? 28   GLU A CG  1 
ATOM   138  C CD  . GLU A 1 28  ? 5.147   18.363  1.563   0.00 31.76 ? 28   GLU A CD  1 
ATOM   139  O OE1 . GLU A 1 28  ? 6.384   18.172  1.519   0.00 37.30 ? 28   GLU A OE1 1 
ATOM   140  O OE2 . GLU A 1 28  ? 4.625   19.288  2.221   0.00 32.94 ? 28   GLU A OE2 1 
ATOM   141  N N   . LYS A 1 29  ? 3.884   12.689  0.864   1.00 26.96 ? 29   LYS A N   1 
ATOM   142  C CA  . LYS A 1 29  ? 4.365   11.321  0.658   1.00 25.98 ? 29   LYS A CA  1 
ATOM   143  C C   . LYS A 1 29  ? 3.682   10.559  -0.493  1.00 24.56 ? 29   LYS A C   1 
ATOM   144  O O   . LYS A 1 29  ? 4.243   9.587   -0.985  1.00 23.04 ? 29   LYS A O   1 
ATOM   145  C CB  . LYS A 1 29  ? 4.229   10.499  1.939   1.00 26.70 ? 29   LYS A CB  1 
ATOM   146  C CG  . LYS A 1 29  ? 5.060   10.980  3.121   1.00 27.75 ? 29   LYS A CG  1 
ATOM   147  C CD  . LYS A 1 29  ? 6.549   10.781  2.907   1.00 29.75 ? 29   LYS A CD  1 
ATOM   148  C CE  . LYS A 1 29  ? 7.344   11.155  4.127   1.00 29.95 ? 29   LYS A CE  1 
ATOM   149  N NZ  . LYS A 1 29  ? 8.783   10.841  3.953   1.00 30.53 ? 29   LYS A NZ  1 
ATOM   150  N N   . ILE A 1 30  ? 2.477   10.968  -0.896  1.00 23.29 ? 30   ILE A N   1 
ATOM   151  C CA  . ILE A 1 30  ? 1.735   10.237  -1.942  1.00 23.65 ? 30   ILE A CA  1 
ATOM   152  C C   . ILE A 1 30  ? 1.431   11.055  -3.204  1.00 23.53 ? 30   ILE A C   1 
ATOM   153  O O   . ILE A 1 30  ? 0.783   10.553  -4.127  1.00 22.95 ? 30   ILE A O   1 
ATOM   154  C CB  . ILE A 1 30  ? 0.421   9.617   -1.393  1.00 23.04 ? 30   ILE A CB  1 
ATOM   155  C CG1 . ILE A 1 30  ? -0.462  10.683  -0.745  1.00 23.78 ? 30   ILE A CG1 1 
ATOM   156  C CG2 . ILE A 1 30  ? 0.745   8.527   -0.402  1.00 23.40 ? 30   ILE A CG2 1 
ATOM   157  C CD1 . ILE A 1 30  ? -1.847  10.159  -0.342  1.00 24.43 ? 30   ILE A CD1 1 
ATOM   158  N N   . GLN A 1 31  ? 1.908   12.296  -3.231  1.00 24.03 ? 31   GLN A N   1 
ATOM   159  C CA  . GLN A 1 31  ? 1.869   13.131  -4.432  1.00 25.34 ? 31   GLN A CA  1 
ATOM   160  C C   . GLN A 1 31  ? 2.879   12.614  -5.453  1.00 24.91 ? 31   GLN A C   1 
ATOM   161  O O   . GLN A 1 31  ? 3.733   11.810  -5.117  1.00 23.69 ? 31   GLN A O   1 
ATOM   162  C CB  . GLN A 1 31  ? 2.220   14.572  -4.066  1.00 25.83 ? 31   GLN A CB  1 
ATOM   163  C CG  . GLN A 1 31  ? 1.124   15.319  -3.330  1.00 28.35 ? 31   GLN A CG  1 
ATOM   164  C CD  . GLN A 1 31  ? 1.634   16.576  -2.651  0.50 27.11 ? 31   GLN A CD  1 
ATOM   165  O OE1 . GLN A 1 31  ? 2.570   17.215  -3.129  0.50 30.77 ? 31   GLN A OE1 1 
ATOM   166  N NE2 . GLN A 1 31  ? 1.024   16.932  -1.527  0.50 28.25 ? 31   GLN A NE2 1 
ATOM   167  N N   . GLU A 1 32  ? 2.775   13.066  -6.707  1.00 25.26 ? 32   GLU A N   1 
ATOM   168  C CA  . GLU A 1 32  ? 3.710   12.627  -7.754  1.00 25.40 ? 32   GLU A CA  1 
ATOM   169  C C   . GLU A 1 32  ? 5.165   12.858  -7.314  1.00 24.43 ? 32   GLU A C   1 
ATOM   170  O O   . GLU A 1 32  ? 5.486   13.900  -6.751  1.00 25.55 ? 32   GLU A O   1 
ATOM   171  C CB  . GLU A 1 32  ? 3.426   13.346  -9.083  0.50 25.48 ? 32   GLU A CB  1 
ATOM   172  C CG  . GLU A 1 32  ? 4.348   12.908  -10.222 0.50 26.07 ? 32   GLU A CG  1 
ATOM   173  C CD  . GLU A 1 32  ? 3.734   13.021  -11.614 1.00 27.31 ? 32   GLU A CD  1 
ATOM   174  O OE1 . GLU A 1 32  ? 2.502   12.833  -11.780 0.50 26.64 ? 32   GLU A OE1 1 
ATOM   175  O OE2 . GLU A 1 32  ? 4.512   13.280  -12.554 0.50 28.39 ? 32   GLU A OE2 1 
ATOM   176  N N   . ASN A 1 33  ? 6.002   11.849  -7.543  1.00 23.48 ? 33   ASN A N   1 
ATOM   177  C CA  . ASN A 1 33  ? 7.394   11.764  -7.082  1.00 22.45 ? 33   ASN A CA  1 
ATOM   178  C C   . ASN A 1 33  ? 7.556   11.475  -5.590  1.00 21.49 ? 33   ASN A C   1 
ATOM   179  O O   . ASN A 1 33  ? 8.683   11.385  -5.102  1.00 21.76 ? 33   ASN A O   1 
ATOM   180  C CB  . ASN A 1 33  ? 8.252   12.975  -7.516  1.00 22.79 ? 33   ASN A CB  1 
ATOM   181  C CG  . ASN A 1 33  ? 8.653   12.909  -8.975  1.00 23.80 ? 33   ASN A CG  1 
ATOM   182  O OD1 . ASN A 1 33  ? 9.377   11.998  -9.388  1.00 23.09 ? 33   ASN A OD1 1 
ATOM   183  N ND2 . ASN A 1 33  ? 8.189   13.884  -9.762  1.00 27.12 ? 33   ASN A ND2 1 
ATOM   184  N N   . GLY A 1 34  ? 6.437   11.289  -4.884  1.00 20.37 ? 34   GLY A N   1 
ATOM   185  C CA  . GLY A 1 34  ? 6.467   10.878  -3.491  1.00 19.76 ? 34   GLY A CA  1 
ATOM   186  C C   . GLY A 1 34  ? 6.655   9.381   -3.352  1.00 18.77 ? 34   GLY A C   1 
ATOM   187  O O   . GLY A 1 34  ? 6.208   8.615   -4.218  1.00 18.53 ? 34   GLY A O   1 
ATOM   188  N N   . PRO A 1 35  ? 7.279   8.940   -2.250  1.00 18.43 ? 35   PRO A N   1 
ATOM   189  C CA  . PRO A 1 35  ? 7.678   7.556   -2.039  1.00 17.48 ? 35   PRO A CA  1 
ATOM   190  C C   . PRO A 1 35  ? 6.533   6.554   -1.915  1.00 17.00 ? 35   PRO A C   1 
ATOM   191  O O   . PRO A 1 35  ? 6.733   5.371   -2.197  1.00 16.44 ? 35   PRO A O   1 
ATOM   192  C CB  . PRO A 1 35  ? 8.487   7.612   -0.728  1.00 18.42 ? 35   PRO A CB  1 
ATOM   193  C CG  . PRO A 1 35  ? 8.066   8.818   -0.075  1.00 18.87 ? 35   PRO A CG  1 
ATOM   194  C CD  . PRO A 1 35  ? 7.698   9.792   -1.126  1.00 18.83 ? 35   PRO A CD  1 
ATOM   195  N N   . PHE A 1 36  ? 5.359   7.007   -1.472  1.00 16.15 ? 36   PHE A N   1 
ATOM   196  C CA  . PHE A 1 36  ? 4.249   6.075   -1.235  1.00 16.31 ? 36   PHE A CA  1 
ATOM   197  C C   . PHE A 1 36  ? 3.173   6.060   -2.303  1.00 15.15 ? 36   PHE A C   1 
ATOM   198  O O   . PHE A 1 36  ? 2.122   5.430   -2.115  1.00 15.03 ? 36   PHE A O   1 
ATOM   199  C CB  . PHE A 1 36  ? 3.685   6.206   0.175   1.00 18.44 ? 36   PHE A CB  1 
ATOM   200  C CG  . PHE A 1 36  ? 4.579   5.556   1.194   1.00 20.98 ? 36   PHE A CG  1 
ATOM   201  C CD1 . PHE A 1 36  ? 5.617   6.270   1.750   1.00 22.25 ? 36   PHE A CD1 1 
ATOM   202  C CD2 . PHE A 1 36  ? 4.461   4.194   1.488   1.00 23.96 ? 36   PHE A CD2 1 
ATOM   203  C CE1 . PHE A 1 36  ? 6.492   5.668   2.675   1.00 22.02 ? 36   PHE A CE1 1 
ATOM   204  C CE2 . PHE A 1 36  ? 5.316   3.582   2.400   1.00 23.78 ? 36   PHE A CE2 1 
ATOM   205  C CZ  . PHE A 1 36  ? 6.332   4.322   2.995   1.00 23.44 ? 36   PHE A CZ  1 
ATOM   206  N N   . ARG A 1 37  ? 3.472   6.649   -3.461  1.00 14.11 ? 37   ARG A N   1 
ATOM   207  C CA  . ARG A 1 37  ? 2.564   6.569   -4.611  1.00 14.83 ? 37   ARG A CA  1 
ATOM   208  C C   . ARG A 1 37  ? 2.848   5.281   -5.414  1.00 13.72 ? 37   ARG A C   1 
ATOM   209  O O   . ARG A 1 37  ? 3.322   5.321   -6.565  1.00 14.01 ? 37   ARG A O   1 
ATOM   210  C CB  . ARG A 1 37  ? 2.696   7.815   -5.466  1.00 15.26 ? 37   ARG A CB  1 
ATOM   211  C CG  . ARG A 1 37  ? 1.546   8.071   -6.416  1.00 16.29 ? 37   ARG A CG  1 
ATOM   212  C CD  . ARG A 1 37  ? 1.782   9.359   -7.177  1.00 20.07 ? 37   ARG A CD  1 
ATOM   213  N NE  . ARG A 1 37  ? 0.729   9.679   -8.133  1.00 23.00 ? 37   ARG A NE  1 
ATOM   214  C CZ  . ARG A 1 37  ? -0.307  10.481  -7.879  1.00 24.06 ? 37   ARG A CZ  1 
ATOM   215  N NH1 . ARG A 1 37  ? -1.205  10.724  -8.828  1.00 27.00 ? 37   ARG A NH1 1 
ATOM   216  N NH2 . ARG A 1 37  ? -0.452  11.045  -6.695  1.00 24.44 ? 37   ARG A NH2 1 
ATOM   217  N N   . THR A 1 38  ? 2.544   4.138   -4.799  1.00 12.86 ? 38   THR A N   1 
ATOM   218  C CA  . THR A 1 38  ? 2.991   2.812   -5.270  1.00 12.57 ? 38   THR A CA  1 
ATOM   219  C C   . THR A 1 38  ? 1.896   2.104   -6.073  1.00 12.97 ? 38   THR A C   1 
ATOM   220  O O   . THR A 1 38  ? 0.842   1.787   -5.501  1.00 12.67 ? 38   THR A O   1 
ATOM   221  C CB  . THR A 1 38  ? 3.385   1.939   -4.059  1.00 12.64 ? 38   THR A CB  1 
ATOM   222  O OG1 . THR A 1 38  ? 2.278   1.835   -3.136  1.00 13.77 ? 38   THR A OG1 1 
ATOM   223  C CG2 . THR A 1 38  ? 4.571   2.509   -3.327  1.00 13.25 ? 38   THR A CG2 1 
ATOM   224  N N   . TYR A 1 39  ? 2.165   1.847   -7.361  1.00 12.35 ? 39   TYR A N   1 
ATOM   225  C CA  . TYR A 1 39  ? 1.218   1.141   -8.258  1.00 13.09 ? 39   TYR A CA  1 
ATOM   226  C C   . TYR A 1 39  ? 1.546   -0.346  -8.201  1.00 13.44 ? 39   TYR A C   1 
ATOM   227  O O   . TYR A 1 39  ? 2.556   -0.794  -8.766  1.00 12.73 ? 39   TYR A O   1 
ATOM   228  C CB  . TYR A 1 39  ? 1.315   1.675   -9.703  1.00 12.59 ? 39   TYR A CB  1 
ATOM   229  C CG  . TYR A 1 39  ? 0.769   3.075   -9.947  1.00 13.47 ? 39   TYR A CG  1 
ATOM   230  C CD1 . TYR A 1 39  ? 1.440   4.200   -9.481  1.00 12.58 ? 39   TYR A CD1 1 
ATOM   231  C CD2 . TYR A 1 39  ? -0.436  3.275   -10.632 1.00 13.30 ? 39   TYR A CD2 1 
ATOM   232  C CE1 . TYR A 1 39  ? 0.929   5.480   -9.684  1.00 13.19 ? 39   TYR A CE1 1 
ATOM   233  C CE2 . TYR A 1 39  ? -0.916  4.530   -10.878 1.00 14.33 ? 39   TYR A CE2 1 
ATOM   234  C CZ  . TYR A 1 39  ? -0.240  5.640   -10.392 1.00 13.33 ? 39   TYR A CZ  1 
ATOM   235  O OH  . TYR A 1 39  ? -0.762  6.897   -10.635 1.00 16.19 ? 39   TYR A OH  1 
ATOM   236  N N   . PHE A 1 40  ? 0.722   -1.120  -7.505  1.00 13.21 ? 40   PHE A N   1 
ATOM   237  C CA  . PHE A 1 40  ? 1.011   -2.537  -7.273  1.00 13.79 ? 40   PHE A CA  1 
ATOM   238  C C   . PHE A 1 40  ? 0.880   -3.324  -8.591  1.00 14.02 ? 40   PHE A C   1 
ATOM   239  O O   . PHE A 1 40  ? 0.076   -2.983  -9.439  1.00 14.15 ? 40   PHE A O   1 
ATOM   240  C CB  . PHE A 1 40  ? 0.060   -3.137  -6.234  1.00 14.77 ? 40   PHE A CB  1 
ATOM   241  C CG  . PHE A 1 40  ? 0.451   -2.903  -4.793  1.00 16.50 ? 40   PHE A CG  1 
ATOM   242  C CD1 . PHE A 1 40  ? -0.042  -3.770  -3.809  1.00 17.67 ? 40   PHE A CD1 1 
ATOM   243  C CD2 . PHE A 1 40  ? 1.279   -1.843  -4.402  1.00 15.67 ? 40   PHE A CD2 1 
ATOM   244  C CE1 . PHE A 1 40  ? 0.291   -3.593  -2.452  1.00 18.58 ? 40   PHE A CE1 1 
ATOM   245  C CE2 . PHE A 1 40  ? 1.643   -1.661  -3.064  1.00 16.34 ? 40   PHE A CE2 1 
ATOM   246  C CZ  . PHE A 1 40  ? 1.129   -2.523  -2.083  1.00 18.32 ? 40   PHE A CZ  1 
ATOM   247  N N   . ARG A 1 41  ? 1.717   -4.346  -8.743  1.00 14.40 ? 41   ARG A N   1 
ATOM   248  C CA  . ARG A 1 41  ? 1.617   -5.296  -9.863  1.00 15.53 ? 41   ARG A CA  1 
ATOM   249  C C   . ARG A 1 41  ? 1.400   -6.732  -9.390  1.00 16.02 ? 41   ARG A C   1 
ATOM   250  O O   . ARG A 1 41  ? 0.709   -7.508  -10.065 1.00 16.51 ? 41   ARG A O   1 
ATOM   251  C CB  . ARG A 1 41  ? 2.879   -5.277  -10.735 1.00 15.68 ? 41   ARG A CB  1 
ATOM   252  C CG  . ARG A 1 41  ? 2.877   -4.235  -11.846 1.00 18.85 ? 41   ARG A CG  1 
ATOM   253  C CD  . ARG A 1 41  ? 3.208   -2.892  -11.323 1.00 21.09 ? 41   ARG A CD  1 
ATOM   254  N NE  . ARG A 1 41  ? 3.250   -1.854  -12.368 1.00 20.11 ? 41   ARG A NE  1 
ATOM   255  C CZ  . ARG A 1 41  ? 2.214   -1.124  -12.758 1.00 21.01 ? 41   ARG A CZ  1 
ATOM   256  N NH1 . ARG A 1 41  ? 1.005   -1.332  -12.270 1.00 23.12 ? 41   ARG A NH1 1 
ATOM   257  N NH2 . ARG A 1 41  ? 2.384   -0.180  -13.673 1.00 22.88 ? 41   ARG A NH2 1 
ATOM   258  N N   . GLU A 1 42  ? 2.010   -7.117  -8.271  1.00 15.52 ? 42   GLU A N   1 
ATOM   259  C CA  . GLU A 1 42  ? 1.956   -8.502  -7.805  1.00 16.78 ? 42   GLU A CA  1 
ATOM   260  C C   . GLU A 1 42  ? 2.212   -8.586  -6.306  1.00 16.88 ? 42   GLU A C   1 
ATOM   261  O O   . GLU A 1 42  ? 3.010   -7.808  -5.790  1.00 16.32 ? 42   GLU A O   1 
ATOM   262  C CB  . GLU A 1 42  ? 3.016   -9.335  -8.559  1.00 17.52 ? 42   GLU A CB  1 
ATOM   263  C CG  . GLU A 1 42  ? 3.044   -10.817 -8.216  1.00 18.59 ? 42   GLU A CG  1 
ATOM   264  C CD  . GLU A 1 42  ? 4.166   -11.588 -8.926  1.00 21.24 ? 42   GLU A CD  1 
ATOM   265  O OE1 . GLU A 1 42  ? 4.201   -12.811 -8.728  1.00 27.09 ? 42   GLU A OE1 1 
ATOM   266  O OE2 . GLU A 1 42  ? 4.989   -10.982 -9.645  1.00 29.77 ? 42   GLU A OE2 1 
ATOM   267  N N   . LEU A 1 43  ? 1.524   -9.516  -5.628  1.00 16.56 ? 43   LEU A N   1 
ATOM   268  C CA  . LEU A 1 43  ? 1.852   -9.962  -4.265  1.00 16.82 ? 43   LEU A CA  1 
ATOM   269  C C   . LEU A 1 43  ? 2.098   -11.459 -4.274  1.00 17.72 ? 43   LEU A C   1 
ATOM   270  O O   . LEU A 1 43  ? 1.399   -12.193 -4.976  1.00 17.78 ? 43   LEU A O   1 
ATOM   271  C CB  . LEU A 1 43  ? 0.708   -9.673  -3.267  1.00 17.99 ? 43   LEU A CB  1 
ATOM   272  C CG  . LEU A 1 43  ? 0.348   -8.200  -3.060  1.00 19.01 ? 43   LEU A CG  1 
ATOM   273  C CD1 . LEU A 1 43  ? -0.768  -8.121  -2.012  1.00 19.87 ? 43   LEU A CD1 1 
ATOM   274  C CD2 . LEU A 1 43  ? 1.505   -7.375  -2.612  1.00 19.82 ? 43   LEU A CD2 1 
ATOM   275  N N   . VAL A 1 44  ? 3.103   -11.898 -3.509  1.00 17.72 ? 44   VAL A N   1 
ATOM   276  C CA  . VAL A 1 44  ? 3.369   -13.309 -3.313  1.00 18.73 ? 44   VAL A CA  1 
ATOM   277  C C   . VAL A 1 44  ? 3.318   -13.586 -1.815  1.00 19.35 ? 44   VAL A C   1 
ATOM   278  O O   . VAL A 1 44  ? 4.132   -13.068 -1.041  1.00 18.79 ? 44   VAL A O   1 
ATOM   279  C CB  . VAL A 1 44  ? 4.750   -13.742 -3.874  1.00 18.60 ? 44   VAL A CB  1 
ATOM   280  C CG1 . VAL A 1 44  ? 4.979   -15.234 -3.603  1.00 19.46 ? 44   VAL A CG1 1 
ATOM   281  C CG2 . VAL A 1 44  ? 4.863   -13.428 -5.344  1.00 20.02 ? 44   VAL A CG2 1 
ATOM   282  N N   . PHE A 1 45  ? 2.358   -14.407 -1.411  1.00 20.62 ? 45   PHE A N   1 
ATOM   283  C CA  . PHE A 1 45  ? 2.187   -14.828 -0.024  1.00 22.35 ? 45   PHE A CA  1 
ATOM   284  C C   . PHE A 1 45  ? 2.866   -16.178 0.188   1.00 24.37 ? 45   PHE A C   1 
ATOM   285  O O   . PHE A 1 45  ? 2.693   -17.090 -0.634  1.00 24.06 ? 45   PHE A O   1 
ATOM   286  C CB  . PHE A 1 45  ? 0.702   -14.976 0.309   1.00 22.59 ? 45   PHE A CB  1 
ATOM   287  C CG  . PHE A 1 45  ? -0.058  -13.676 0.332   1.00 22.46 ? 45   PHE A CG  1 
ATOM   288  C CD1 . PHE A 1 45  ? -0.499  -13.082 -0.857  1.00 24.07 ? 45   PHE A CD1 1 
ATOM   289  C CD2 . PHE A 1 45  ? -0.334  -13.051 1.536   1.00 22.84 ? 45   PHE A CD2 1 
ATOM   290  C CE1 . PHE A 1 45  ? -1.212  -11.897 -0.833  1.00 23.13 ? 45   PHE A CE1 1 
ATOM   291  C CE2 . PHE A 1 45  ? -1.049  -11.843 1.569   1.00 22.93 ? 45   PHE A CE2 1 
ATOM   292  C CZ  . PHE A 1 45  ? -1.469  -11.272 0.382   1.00 22.37 ? 45   PHE A CZ  1 
ATOM   293  N N   . ASP A 1 46  ? 3.654   -16.288 1.258   1.00 26.03 ? 46   ASP A N   1 
ATOM   294  C CA  . ASP A 1 46  ? 4.300   -17.558 1.652   1.00 28.01 ? 46   ASP A CA  1 
ATOM   295  C C   . ASP A 1 46  ? 3.940   -17.838 3.111   1.00 29.47 ? 46   ASP A C   1 
ATOM   296  O O   . ASP A 1 46  ? 4.500   -17.234 4.038   1.00 29.70 ? 46   ASP A O   1 
ATOM   297  C CB  . ASP A 1 46  ? 5.820   -17.475 1.455   1.00 27.79 ? 46   ASP A CB  1 
ATOM   298  C CG  . ASP A 1 46  ? 6.555   -18.763 1.844   1.00 28.29 ? 46   ASP A CG  1 
ATOM   299  O OD1 . ASP A 1 46  ? 5.987   -19.628 2.563   1.00 32.71 ? 46   ASP A OD1 1 
ATOM   300  O OD2 . ASP A 1 46  ? 7.726   -18.894 1.439   1.00 31.40 ? 46   ASP A OD2 1 
ATOM   301  N N   . ASP A 1 47  ? 2.984   -18.744 3.306   1.00 31.13 ? 47   ASP A N   1 
ATOM   302  C CA  . ASP A 1 47  ? 2.470   -19.040 4.641   1.00 32.11 ? 47   ASP A CA  1 
ATOM   303  C C   . ASP A 1 47  ? 3.494   -19.763 5.534   1.00 33.25 ? 47   ASP A C   1 
ATOM   304  O O   . ASP A 1 47  ? 3.515   -19.555 6.755   1.00 34.34 ? 47   ASP A O   1 
ATOM   305  C CB  . ASP A 1 47  ? 1.175   -19.857 4.539   1.00 32.92 ? 47   ASP A CB  1 
ATOM   306  C CG  . ASP A 1 47  ? 0.166   -19.400 3.860   0.00 38.44 ? 47   ASP A CG  1 
ATOM   307  O OD1 . ASP A 1 47  ? -0.217  -19.784 2.730   0.00 42.80 ? 47   ASP A OD1 1 
ATOM   308  O OD2 . ASP A 1 47  ? -0.367  -18.461 4.489   0.00 41.87 ? 47   ASP A OD2 1 
ATOM   309  N N   . GLU A 1 48  ? 4.346   -20.589 4.931   1.00 34.14 ? 48   GLU A N   1 
ATOM   310  C CA  . GLU A 1 48  ? 5.351   -21.358 5.688   1.00 33.95 ? 48   GLU A CA  1 
ATOM   311  C C   . GLU A 1 48  ? 6.471   -20.471 6.234   1.00 34.04 ? 48   GLU A C   1 
ATOM   312  O O   . GLU A 1 48  ? 7.058   -20.777 7.274   1.00 34.63 ? 48   GLU A O   1 
ATOM   313  C CB  . GLU A 1 48  ? 5.949   -22.463 4.806   1.00 34.55 ? 48   GLU A CB  1 
ATOM   314  C CG  . GLU A 1 48  ? 6.658   -23.574 5.574   1.00 35.22 ? 48   GLU A CG  1 
ATOM   315  C CD  . GLU A 1 48  ? 8.120   -23.944 4.495   0.00 43.33 ? 48   GLU A CD  1 
ATOM   316  O OE1 . GLU A 1 48  ? 8.862   -23.084 3.964   0.00 43.75 ? 48   GLU A OE1 1 
ATOM   317  O OE2 . GLU A 1 48  ? 8.291   -25.175 4.346   0.00 45.33 ? 48   GLU A OE2 1 
ATOM   318  N N   . LYS A 1 49  ? 6.776   -19.387 5.527   1.00 33.42 ? 49   LYS A N   1 
ATOM   319  C CA  . LYS A 1 49  ? 7.794   -18.437 5.964   1.00 32.69 ? 49   LYS A CA  1 
ATOM   320  C C   . LYS A 1 49  ? 7.177   -17.209 6.632   1.00 31.22 ? 49   LYS A C   1 
ATOM   321  O O   . LYS A 1 49  ? 7.891   -16.430 7.265   1.00 31.56 ? 49   LYS A O   1 
ATOM   322  C CB  . LYS A 1 49  ? 8.693   -18.032 4.791   1.00 33.18 ? 49   LYS A CB  1 
ATOM   323  C CG  . LYS A 1 49  ? 9.777   -19.056 4.511   1.00 34.99 ? 49   LYS A CG  1 
ATOM   324  C CD  . LYS A 1 49  ? 10.669  -18.684 3.344   1.00 35.23 ? 49   LYS A CD  1 
ATOM   325  C CE  . LYS A 1 49  ? 11.473  -19.900 2.862   1.00 36.70 ? 49   LYS A CE  1 
ATOM   326  N NZ  . LYS A 1 49  ? 12.118  -19.689 1.522   1.00 38.10 ? 49   LYS A NZ  1 
ATOM   327  N N   . GLY A 1 50  ? 5.860   -17.050 6.512   1.00 29.21 ? 50   GLY A N   1 
ATOM   328  C CA  . GLY A 1 50  ? 5.157   -15.907 7.086   1.00 28.08 ? 50   GLY A CA  1 
ATOM   329  C C   . GLY A 1 50  ? 5.632   -14.613 6.461   1.00 26.56 ? 50   GLY A C   1 
ATOM   330  O O   . GLY A 1 50  ? 5.946   -13.649 7.172   1.00 26.32 ? 50   GLY A O   1 
ATOM   331  N N   . THR A 1 51  ? 5.697   -14.605 5.134   1.00 24.46 ? 51   THR A N   1 
ATOM   332  C CA  . THR A 1 51  ? 6.132   -13.423 4.383   1.00 23.58 ? 51   THR A CA  1 
ATOM   333  C C   . THR A 1 51  ? 5.147   -13.056 3.280   1.00 22.47 ? 51   THR A C   1 
ATOM   334  O O   . THR A 1 51  ? 4.330   -13.873 2.837   1.00 21.54 ? 51   THR A O   1 
ATOM   335  C CB  . THR A 1 51  ? 7.527   -13.583 3.736   1.00 23.94 ? 51   THR A CB  1 
ATOM   336  O OG1 . THR A 1 51  ? 7.525   -14.697 2.835   1.00 23.93 ? 51   THR A OG1 1 
ATOM   337  C CG2 . THR A 1 51  ? 8.601   -13.786 4.758   1.00 24.12 ? 51   THR A CG2 1 
ATOM   338  N N   . VAL A 1 52  ? 5.202   -11.792 2.885   1.00 20.50 ? 52   VAL A N   1 
ATOM   339  C CA  . VAL A 1 52  ? 4.520   -11.303 1.710   1.00 19.88 ? 52   VAL A CA  1 
ATOM   340  C C   . VAL A 1 52  ? 5.539   -10.460 0.937   1.00 18.87 ? 52   VAL A C   1 
ATOM   341  O O   . VAL A 1 52  ? 6.118   -9.508  1.483   1.00 18.16 ? 52   VAL A O   1 
ATOM   342  C CB  . VAL A 1 52  ? 3.271   -10.431 2.028   1.00 19.99 ? 52   VAL A CB  1 
ATOM   343  C CG1 . VAL A 1 52  ? 2.536   -10.128 0.743   1.00 19.30 ? 52   VAL A CG1 1 
ATOM   344  C CG2 . VAL A 1 52  ? 2.330   -11.108 3.003   1.00 22.41 ? 52   VAL A CG2 1 
ATOM   345  N N   . ASP A 1 53  ? 5.775   -10.824 -0.318  1.00 17.42 ? 53   ASP A N   1 
ATOM   346  C CA  . ASP A 1 53  ? 6.618   -10.054 -1.220  1.00 17.31 ? 53   ASP A CA  1 
ATOM   347  C C   . ASP A 1 53  ? 5.756   -9.114  -2.073  1.00 16.53 ? 53   ASP A C   1 
ATOM   348  O O   . ASP A 1 53  ? 4.763   -9.532  -2.685  1.00 16.62 ? 53   ASP A O   1 
ATOM   349  C CB  . ASP A 1 53  ? 7.421   -10.982 -2.125  1.00 18.04 ? 53   ASP A CB  1 
ATOM   350  C CG  . ASP A 1 53  ? 8.492   -11.746 -1.368  1.00 21.83 ? 53   ASP A CG  1 
ATOM   351  O OD1 . ASP A 1 53  ? 8.402   -12.989 -1.271  1.00 30.54 ? 53   ASP A OD1 1 
ATOM   352  O OD2 . ASP A 1 53  ? 9.428   -11.098 -0.880  1.00 22.28 ? 53   ASP A OD2 1 
ATOM   353  N N   . PHE A 1 54  ? 6.133   -7.846  -2.091  1.00 15.45 ? 54   PHE A N   1 
ATOM   354  C CA  . PHE A 1 54  ? 5.430   -6.801  -2.822  1.00 15.88 ? 54   PHE A CA  1 
ATOM   355  C C   . PHE A 1 54  ? 6.240   -6.429  -4.063  1.00 15.00 ? 54   PHE A C   1 
ATOM   356  O O   . PHE A 1 54  ? 7.457   -6.236  -3.985  1.00 15.41 ? 54   PHE A O   1 
ATOM   357  C CB  . PHE A 1 54  ? 5.298   -5.531  -1.956  1.00 17.28 ? 54   PHE A CB  1 
ATOM   358  C CG  . PHE A 1 54  ? 4.383   -5.668  -0.752  1.00 18.19 ? 54   PHE A CG  1 
ATOM   359  C CD1 . PHE A 1 54  ? 3.131   -5.059  -0.739  1.00 21.55 ? 54   PHE A CD1 1 
ATOM   360  C CD2 . PHE A 1 54  ? 4.785   -6.354  0.380   1.00 21.51 ? 54   PHE A CD2 1 
ATOM   361  C CE1 . PHE A 1 54  ? 2.292   -5.161  0.362   1.00 22.59 ? 54   PHE A CE1 1 
ATOM   362  C CE2 . PHE A 1 54  ? 3.943   -6.451  1.498   1.00 22.04 ? 54   PHE A CE2 1 
ATOM   363  C CZ  . PHE A 1 54  ? 2.703   -5.858  1.485   1.00 21.82 ? 54   PHE A CZ  1 
ATOM   364  N N   . TYR A 1 55  ? 5.563   -6.344  -5.209  1.00 14.58 ? 55   TYR A N   1 
ATOM   365  C CA  . TYR A 1 55  ? 6.149   -5.874  -6.451  1.00 14.21 ? 55   TYR A CA  1 
ATOM   366  C C   . TYR A 1 55  ? 5.302   -4.741  -6.990  1.00 13.60 ? 55   TYR A C   1 
ATOM   367  O O   . TYR A 1 55  ? 4.091   -4.926  -7.236  1.00 13.81 ? 55   TYR A O   1 
ATOM   368  C CB  . TYR A 1 55  ? 6.210   -7.018  -7.475  1.00 14.94 ? 55   TYR A CB  1 
ATOM   369  C CG  . TYR A 1 55  ? 7.083   -8.159  -6.997  1.00 14.89 ? 55   TYR A CG  1 
ATOM   370  C CD1 . TYR A 1 55  ? 6.539   -9.216  -6.282  1.00 15.49 ? 55   TYR A CD1 1 
ATOM   371  C CD2 . TYR A 1 55  ? 8.451   -8.155  -7.239  1.00 16.95 ? 55   TYR A CD2 1 
ATOM   372  C CE1 . TYR A 1 55  ? 7.339   -10.262 -5.791  1.00 16.14 ? 55   TYR A CE1 1 
ATOM   373  C CE2 . TYR A 1 55  ? 9.259   -9.206  -6.776  1.00 16.67 ? 55   TYR A CE2 1 
ATOM   374  C CZ  . TYR A 1 55  ? 8.687   -10.251 -6.059  1.00 16.61 ? 55   TYR A CZ  1 
ATOM   375  O OH  . TYR A 1 55  ? 9.470   -11.272 -5.559  1.00 20.19 ? 55   TYR A OH  1 
ATOM   376  N N   . PHE A 1 56  ? 5.909   -3.574  -7.156  1.00 13.54 ? 56   PHE A N   1 
ATOM   377  C CA  . PHE A 1 56  ? 5.197   -2.373  -7.516  1.00 13.55 ? 56   PHE A CA  1 
ATOM   378  C C   . PHE A 1 56  ? 6.065   -1.381  -8.295  1.00 14.07 ? 56   PHE A C   1 
ATOM   379  O O   . PHE A 1 56  ? 7.296   -1.500  -8.305  1.00 14.89 ? 56   PHE A O   1 
ATOM   380  C CB  . PHE A 1 56  ? 4.613   -1.669  -6.266  1.00 13.50 ? 56   PHE A CB  1 
ATOM   381  C CG  . PHE A 1 56  ? 5.632   -1.311  -5.217  1.00 12.72 ? 56   PHE A CG  1 
ATOM   382  C CD1 . PHE A 1 56  ? 5.935   -2.205  -4.189  1.00 13.45 ? 56   PHE A CD1 1 
ATOM   383  C CD2 . PHE A 1 56  ? 6.290   -0.086  -5.259  1.00 14.68 ? 56   PHE A CD2 1 
ATOM   384  C CE1 . PHE A 1 56  ? 6.883   -1.876  -3.210  1.00 15.78 ? 56   PHE A CE1 1 
ATOM   385  C CE2 . PHE A 1 56  ? 7.230   0.254   -4.272  1.00 14.59 ? 56   PHE A CE2 1 
ATOM   386  C CZ  . PHE A 1 56  ? 7.530   -0.656  -3.265  1.00 14.81 ? 56   PHE A CZ  1 
ATOM   387  N N   . SER A 1 57  ? 5.419   -0.463  -9.001  1.00 14.76 ? 57   SER A N   1 
ATOM   388  C CA  . SER A 1 57  ? 6.101   0.637   -9.669  1.00 14.39 ? 57   SER A CA  1 
ATOM   389  C C   . SER A 1 57  ? 5.898   1.941   -8.896  1.00 14.04 ? 57   SER A C   1 
ATOM   390  O O   . SER A 1 57  ? 4.812   2.202   -8.348  1.00 13.66 ? 57   SER A O   1 
ATOM   391  C CB  . SER A 1 57  ? 5.585   0.813   -11.103 1.00 14.95 ? 57   SER A CB  1 
ATOM   392  O OG  . SER A 1 57  ? 6.184   1.936   -11.737 1.00 18.40 ? 57   SER A OG  1 
ATOM   393  N N   . VAL A 1 58  ? 6.951   2.755   -8.831  1.00 13.63 ? 58   VAL A N   1 
ATOM   394  C CA  . VAL A 1 58  ? 6.871   4.091   -8.171  1.00 14.28 ? 58   VAL A CA  1 
ATOM   395  C C   . VAL A 1 58  ? 7.776   5.064   -8.922  1.00 14.79 ? 58   VAL A C   1 
ATOM   396  O O   . VAL A 1 58  ? 8.832   4.655   -9.406  1.00 15.15 ? 58   VAL A O   1 
ATOM   397  C CB  . VAL A 1 58  ? 7.208   4.006   -6.645  1.00 14.76 ? 58   VAL A CB  1 
ATOM   398  C CG1 . VAL A 1 58  ? 8.623   3.513   -6.395  1.00 14.58 ? 58   VAL A CG1 1 
ATOM   399  C CG2 . VAL A 1 58  ? 6.925   5.332   -5.928  1.00 15.14 ? 58   VAL A CG2 1 
ATOM   400  N N   . LYS A 1 59  ? 7.338   6.299   -9.046  1.00 15.68 ? 59   LYS A N   1 
ATOM   401  C CA  . LYS A 1 59  ? 8.130   7.350   -9.694  1.00 17.15 ? 59   LYS A CA  1 
ATOM   402  C C   . LYS A 1 59  ? 8.892   8.100   -8.604  1.00 18.66 ? 59   LYS A C   1 
ATOM   403  O O   . LYS A 1 59  ? 8.300   8.599   -7.645  1.00 17.76 ? 59   LYS A O   1 
ATOM   404  C CB  . LYS A 1 59  ? 7.241   8.301   -10.484 1.00 18.00 ? 59   LYS A CB  1 
ATOM   405  C CG  . LYS A 1 59  ? 8.018   9.265   -11.374 1.00 18.36 ? 59   LYS A CG  1 
ATOM   406  C CD  . LYS A 1 59  ? 7.051   10.211  -12.059 1.00 20.38 ? 59   LYS A CD  1 
ATOM   407  C CE  . LYS A 1 59  ? 7.787   11.274  -12.841 1.00 23.09 ? 59   LYS A CE  1 
ATOM   408  N NZ  . LYS A 1 59  ? 6.829   12.133  -13.572 1.00 25.18 ? 59   LYS A NZ  1 
ATOM   409  N N   . ARG A 1 60  ? 10.215  8.151   -8.730  1.00 19.84 ? 60   ARG A N   1 
ATOM   410  C CA  . ARG A 1 60  ? 11.031  8.969   -7.821  1.00 21.60 ? 60   ARG A CA  1 
ATOM   411  C C   . ARG A 1 60  ? 12.094  9.689   -8.633  1.00 22.10 ? 60   ARG A C   1 
ATOM   412  O O   . ARG A 1 60  ? 12.685  9.096   -9.550  1.00 22.70 ? 60   ARG A O   1 
ATOM   413  C CB  . ARG A 1 60  ? 11.693  8.104   -6.744  1.00 22.13 ? 60   ARG A CB  1 
ATOM   414  C CG  . ARG A 1 60  ? 10.745  7.265   -5.892  1.00 23.56 ? 60   ARG A CG  1 
ATOM   415  C CD  . ARG A 1 60  ? 10.913  7.557   -4.405  1.00 26.40 ? 60   ARG A CD  1 
ATOM   416  N NE  . ARG A 1 60  ? 10.571  8.938   -4.128  0.50 27.03 ? 60   ARG A NE  1 
ATOM   417  C CZ  . ARG A 1 60  ? 10.957  9.638   -3.066  0.50 26.59 ? 60   ARG A CZ  1 
ATOM   418  N NH1 . ARG A 1 60  ? 11.743  9.119   -2.129  1.00 29.47 ? 60   ARG A NH1 1 
ATOM   419  N NH2 . ARG A 1 60  ? 10.560  10.888  -2.946  0.50 27.29 ? 60   ARG A NH2 1 
ATOM   420  N N   . ASP A 1 61  ? 12.341  10.950  -8.293  1.00 22.77 ? 61   ASP A N   1 
ATOM   421  C CA  . ASP A 1 61  ? 13.327  11.779  -9.004  1.00 23.10 ? 61   ASP A CA  1 
ATOM   422  C C   . ASP A 1 61  ? 13.073  11.824  -10.520 1.00 23.63 ? 61   ASP A C   1 
ATOM   423  O O   . ASP A 1 61  ? 14.017  11.860  -11.339 1.00 24.54 ? 61   ASP A O   1 
ATOM   424  C CB  . ASP A 1 61  ? 14.727  11.270  -8.683  1.00 24.22 ? 61   ASP A CB  1 
ATOM   425  C CG  . ASP A 1 61  ? 15.025  11.285  -7.196  0.50 23.87 ? 61   ASP A CG  1 
ATOM   426  O OD1 . ASP A 1 61  ? 15.010  12.385  -6.599  0.50 25.19 ? 61   ASP A OD1 1 
ATOM   427  O OD2 . ASP A 1 61  ? 15.265  10.203  -6.621  0.50 25.57 ? 61   ASP A OD2 1 
ATOM   428  N N   . GLY A 1 62  ? 11.793  11.832  -10.888 1.00 22.96 ? 62   GLY A N   1 
ATOM   429  C CA  . GLY A 1 62  ? 11.369  11.916  -12.262 1.00 22.87 ? 62   GLY A CA  1 
ATOM   430  C C   . GLY A 1 62  ? 11.457  10.628  -13.064 1.00 22.89 ? 62   GLY A C   1 
ATOM   431  O O   . GLY A 1 62  ? 11.167  10.650  -14.262 1.00 23.59 ? 62   GLY A O   1 
ATOM   432  N N   . LYS A 1 63  ? 11.842  9.524   -12.426 1.00 22.40 ? 63   LYS A N   1 
ATOM   433  C CA  . LYS A 1 63  ? 12.002  8.234   -13.123 1.00 23.30 ? 63   LYS A CA  1 
ATOM   434  C C   . LYS A 1 63  ? 11.190  7.127   -12.445 1.00 22.49 ? 63   LYS A C   1 
ATOM   435  O O   . LYS A 1 63  ? 11.082  7.101   -11.228 1.00 21.74 ? 63   LYS A O   1 
ATOM   436  C CB  . LYS A 1 63  ? 13.477  7.819   -13.186 1.00 24.55 ? 63   LYS A CB  1 
ATOM   437  C CG  . LYS A 1 63  ? 14.274  8.443   -14.338 1.00 28.66 ? 63   LYS A CG  1 
ATOM   438  C CD  . LYS A 1 63  ? 15.019  9.679   -13.926 1.00 32.15 ? 63   LYS A CD  1 
ATOM   439  C CE  . LYS A 1 63  ? 15.828  10.287  -15.099 1.00 32.51 ? 63   LYS A CE  1 
ATOM   440  N NZ  . LYS A 1 63  ? 17.098  9.568   -15.353 1.00 36.14 ? 63   LYS A NZ  1 
ATOM   441  N N   . CYS A 1 64  ? 10.656  6.203   -13.241 1.00 22.49 ? 64   CYS A N   1 
ATOM   442  C CA  . CYS A 1 64  ? 9.884   5.086   -12.695 1.00 22.55 ? 64   CYS A CA  1 
ATOM   443  C C   . CYS A 1 64  ? 10.773  3.864   -12.522 1.00 22.40 ? 64   CYS A C   1 
ATOM   444  O O   . CYS A 1 64  ? 11.607  3.542   -13.394 1.00 23.01 ? 64   CYS A O   1 
ATOM   445  C CB  . CYS A 1 64  ? 8.663   4.797   -13.575 1.00 23.01 ? 64   CYS A CB  1 
ATOM   446  S SG  . CYS A 1 64  ? 7.397   6.104   -13.559 1.00 25.42 ? 64   CYS A SG  1 
ATOM   447  N N   . LYS A 1 65  ? 10.629  3.190   -11.387 1.00 21.04 ? 65   LYS A N   1 
ATOM   448  C CA  . LYS A 1 65  ? 11.326  1.942   -11.144 1.00 20.77 ? 65   LYS A CA  1 
ATOM   449  C C   . LYS A 1 65  ? 10.343  0.886   -10.665 1.00 19.83 ? 65   LYS A C   1 
ATOM   450  O O   . LYS A 1 65  ? 9.363   1.204   -9.989  1.00 18.62 ? 65   LYS A O   1 
ATOM   451  C CB  . LYS A 1 65  ? 12.430  2.101   -10.094 1.00 22.13 ? 65   LYS A CB  1 
ATOM   452  C CG  . LYS A 1 65  ? 13.464  3.210   -10.361 1.00 25.24 ? 65   LYS A CG  1 
ATOM   453  C CD  . LYS A 1 65  ? 14.267  3.019   -11.631 0.50 27.02 ? 65   LYS A CD  1 
ATOM   454  C CE  . LYS A 1 65  ? 15.200  4.224   -11.854 0.50 26.42 ? 65   LYS A CE  1 
ATOM   455  N NZ  . LYS A 1 65  ? 15.469  4.498   -13.302 0.50 27.80 ? 65   LYS A NZ  1 
ATOM   456  N N   . ASN A 1 66  ? 10.640  -0.357  -11.032 1.00 18.61 ? 66   ASN A N   1 
ATOM   457  C CA  . ASN A 1 66  ? 9.970   -1.522  -10.504 1.00 18.67 ? 66   ASN A CA  1 
ATOM   458  C C   . ASN A 1 66  ? 10.724  -1.974  -9.260  1.00 18.65 ? 66   ASN A C   1 
ATOM   459  O O   . ASN A 1 66  ? 11.912  -2.311  -9.327  1.00 20.60 ? 66   ASN A O   1 
ATOM   460  C CB  . ASN A 1 66  ? 9.928   -2.625  -11.554 1.00 18.92 ? 66   ASN A CB  1 
ATOM   461  C CG  . ASN A 1 66  ? 9.087   -2.245  -12.757 1.00 21.17 ? 66   ASN A CG  1 
ATOM   462  O OD1 . ASN A 1 66  ? 7.954   -1.781  -12.623 1.00 22.81 ? 66   ASN A OD1 1 
ATOM   463  N ND2 . ASN A 1 66  ? 9.644   -2.431  -13.946 1.00 23.52 ? 66   ASN A ND2 1 
ATOM   464  N N   . VAL A 1 67  ? 10.031  -1.961  -8.122  1.00 16.92 ? 67   VAL A N   1 
ATOM   465  C CA  . VAL A 1 67  ? 10.593  -2.220  -6.801  1.00 16.37 ? 67   VAL A CA  1 
ATOM   466  C C   . VAL A 1 67  ? 10.041  -3.523  -6.186  1.00 16.13 ? 67   VAL A C   1 
ATOM   467  O O   . VAL A 1 67  ? 8.887   -3.943  -6.454  1.00 15.54 ? 67   VAL A O   1 
ATOM   468  C CB  . VAL A 1 67  ? 10.289  -0.998  -5.846  1.00 16.34 ? 67   VAL A CB  1 
ATOM   469  C CG1 . VAL A 1 67  ? 10.841  -1.220  -4.438  1.00 16.99 ? 67   VAL A CG1 1 
ATOM   470  C CG2 . VAL A 1 67  ? 10.765  0.320   -6.451  1.00 17.81 ? 67   VAL A CG2 1 
ATOM   471  N N   . HIS A 1 68  ? 10.864  -4.171  -5.356  1.00 16.36 ? 68   HIS A N   1 
ATOM   472  C CA  . HIS A 1 68  ? 10.480  -5.349  -4.584  1.00 16.08 ? 68   HIS A CA  1 
ATOM   473  C C   . HIS A 1 68  ? 10.742  -5.077  -3.103  1.00 16.32 ? 68   HIS A C   1 
ATOM   474  O O   . HIS A 1 68  ? 11.823  -4.610  -2.741  1.00 16.17 ? 68   HIS A O   1 
ATOM   475  C CB  . HIS A 1 68  ? 11.279  -6.576  -5.036  1.00 17.57 ? 68   HIS A CB  1 
ATOM   476  C CG  . HIS A 1 68  ? 11.359  -7.650  -4.011  1.00 17.31 ? 68   HIS A CG  1 
ATOM   477  N ND1 . HIS A 1 68  ? 10.257  -8.362  -3.590  1.00 20.46 ? 68   HIS A ND1 1 
ATOM   478  C CD2 . HIS A 1 68  ? 12.409  -8.134  -3.307  1.00 20.22 ? 68   HIS A CD2 1 
ATOM   479  C CE1 . HIS A 1 68  ? 10.623  -9.236  -2.674  1.00 18.82 ? 68   HIS A CE1 1 
ATOM   480  N NE2 . HIS A 1 68  ? 11.926  -9.123  -2.486  1.00 24.14 ? 68   HIS A NE2 1 
ATOM   481  N N   . VAL A 1 69  ? 9.750   -5.372  -2.266  1.00 15.24 ? 69   VAL A N   1 
ATOM   482  C CA  . VAL A 1 69  ? 9.866   -5.255  -0.810  1.00 15.95 ? 69   VAL A CA  1 
ATOM   483  C C   . VAL A 1 69  ? 9.327   -6.524  -0.165  1.00 16.08 ? 69   VAL A C   1 
ATOM   484  O O   . VAL A 1 69  ? 8.226   -6.982  -0.511  1.00 16.31 ? 69   VAL A O   1 
ATOM   485  C CB  . VAL A 1 69  ? 9.088   -4.016  -0.283  1.00 15.21 ? 69   VAL A CB  1 
ATOM   486  C CG1 . VAL A 1 69  ? 9.054   -4.007  1.251   1.00 16.76 ? 69   VAL A CG1 1 
ATOM   487  C CG2 . VAL A 1 69  ? 9.685   -2.706  -0.838  1.00 14.42 ? 69   VAL A CG2 1 
ATOM   488  N N   . LYS A 1 70  ? 10.085  -7.081  0.783   1.00 16.92 ? 70   LYS A N   1 
ATOM   489  C CA  . LYS A 1 70  ? 9.657   -8.263  1.539   1.00 17.41 ? 70   LYS A CA  1 
ATOM   490  C C   . LYS A 1 70  ? 9.165   -7.862  2.932   1.00 17.32 ? 70   LYS A C   1 
ATOM   491  O O   . LYS A 1 70  ? 9.913   -7.235  3.689   1.00 17.36 ? 70   LYS A O   1 
ATOM   492  C CB  . LYS A 1 70  ? 10.779  -9.278  1.680   1.00 18.62 ? 70   LYS A CB  1 
ATOM   493  C CG  . LYS A 1 70  ? 10.374  -10.567 2.357   1.00 19.59 ? 70   LYS A CG  1 
ATOM   494  C CD  . LYS A 1 70  ? 11.602  -11.395 2.770   1.00 22.46 ? 70   LYS A CD  1 
ATOM   495  C CE  . LYS A 1 70  ? 11.818  -12.648 1.947   1.00 28.51 ? 70   LYS A CE  1 
ATOM   496  N NZ  . LYS A 1 70  ? 11.632  -12.515 0.474   1.00 31.11 ? 70   LYS A NZ  1 
ATOM   497  N N   . ALA A 1 71  ? 7.927   -8.229  3.250   1.00 16.17 ? 71   ALA A N   1 
ATOM   498  C CA  . ALA A 1 71  ? 7.339   -7.992  4.585   1.00 16.88 ? 71   ALA A CA  1 
ATOM   499  C C   . ALA A 1 71  ? 7.274   -9.303  5.363   1.00 17.40 ? 71   ALA A C   1 
ATOM   500  O O   . ALA A 1 71  ? 6.980   -10.360 4.798   1.00 17.96 ? 71   ALA A O   1 
ATOM   501  C CB  . ALA A 1 71  ? 5.956   -7.403  4.449   1.00 16.33 ? 71   ALA A CB  1 
ATOM   502  N N   . THR A 1 72  ? 7.547   -9.227  6.661   1.00 17.23 ? 72   THR A N   1 
ATOM   503  C CA  . THR A 1 72  ? 7.615   -10.404 7.535   1.00 18.07 ? 72   THR A CA  1 
ATOM   504  C C   . THR A 1 72  ? 6.607   -10.318 8.680   1.00 17.82 ? 72   THR A C   1 
ATOM   505  O O   . THR A 1 72  ? 6.553   -9.323  9.414   1.00 16.34 ? 72   THR A O   1 
ATOM   506  C CB  . THR A 1 72  ? 9.028   -10.601 8.099   1.00 18.52 ? 72   THR A CB  1 
ATOM   507  O OG1 . THR A 1 72  ? 9.978   -10.705 7.018   1.00 21.97 ? 72   THR A OG1 1 
ATOM   508  C CG2 . THR A 1 72  ? 9.080   -11.857 8.953   1.00 19.86 ? 72   THR A CG2 1 
ATOM   509  N N   . LYS A 1 73  ? 5.802   -11.365 8.829   1.00 18.37 ? 73   LYS A N   1 
ATOM   510  C CA  . LYS A 1 73  ? 4.757   -11.413 9.842   1.00 19.32 ? 73   LYS A CA  1 
ATOM   511  C C   . LYS A 1 73  ? 5.370   -11.657 11.215  1.00 19.87 ? 73   LYS A C   1 
ATOM   512  O O   . LYS A 1 73  ? 6.264   -12.512 11.375  1.00 20.49 ? 73   LYS A O   1 
ATOM   513  C CB  . LYS A 1 73  ? 3.738   -12.515 9.510   1.00 20.02 ? 73   LYS A CB  1 
ATOM   514  C CG  . LYS A 1 73  ? 2.447   -12.417 10.268  1.00 20.90 ? 73   LYS A CG  1 
ATOM   515  C CD  . LYS A 1 73  ? 1.444   -13.474 9.823   1.00 22.43 ? 73   LYS A CD  1 
ATOM   516  C CE  . LYS A 1 73  ? 0.062   -13.219 10.395  1.00 25.28 ? 73   LYS A CE  1 
ATOM   517  N NZ  . LYS A 1 73  ? -0.944  -14.212 9.928   0.10 23.06 ? 73   LYS A NZ  1 
ATOM   518  N N   . GLN A 1 74  ? 4.879   -10.916 12.201  1.00 20.02 ? 74   GLN A N   1 
ATOM   519  C CA  . GLN A 1 74  ? 5.314   -11.024 13.578  1.00 20.50 ? 74   GLN A CA  1 
ATOM   520  C C   . GLN A 1 74  ? 4.382   -11.929 14.366  1.00 21.00 ? 74   GLN A C   1 
ATOM   521  O O   . GLN A 1 74  ? 3.285   -12.245 13.927  1.00 20.83 ? 74   GLN A O   1 
ATOM   522  C CB  . GLN A 1 74  ? 5.353   -9.625  14.207  1.00 20.32 ? 74   GLN A CB  1 
ATOM   523  C CG  . GLN A 1 74  ? 6.196   -8.610  13.375  1.00 20.27 ? 74   GLN A CG  1 
ATOM   524  C CD  . GLN A 1 74  ? 7.620   -9.074  13.146  1.00 22.33 ? 74   GLN A CD  1 
ATOM   525  O OE1 . GLN A 1 74  ? 8.039   -9.328  12.017  1.00 23.21 ? 74   GLN A OE1 1 
ATOM   526  N NE2 . GLN A 1 74  ? 8.370   -9.222  14.224  1.00 22.73 ? 74   GLN A NE2 1 
ATOM   527  N N   . ASP A 1 75  ? 4.805   -12.318 15.565  1.00 22.65 ? 75   ASP A N   1 
ATOM   528  C CA  . ASP A 1 75  ? 3.962   -13.168 16.400  1.00 23.01 ? 75   ASP A CA  1 
ATOM   529  C C   . ASP A 1 75  ? 2.622   -12.530 16.759  1.00 23.07 ? 75   ASP A C   1 
ATOM   530  O O   . ASP A 1 75  ? 1.641   -13.240 16.918  1.00 24.45 ? 75   ASP A O   1 
ATOM   531  C CB  . ASP A 1 75  ? 4.703   -13.583 17.671  1.00 24.16 ? 75   ASP A CB  1 
ATOM   532  C CG  . ASP A 1 75  ? 5.908   -14.486 17.391  1.00 27.94 ? 75   ASP A CG  1 
ATOM   533  O OD1 . ASP A 1 75  ? 6.817   -14.527 18.262  1.00 34.61 ? 75   ASP A OD1 1 
ATOM   534  O OD2 . ASP A 1 75  ? 5.957   -15.145 16.325  0.50 28.91 ? 75   ASP A OD2 1 
ATOM   535  N N   . ASP A 1 76  ? 2.562   -11.199 16.859  1.00 22.28 ? 76   ASP A N   1 
ATOM   536  C CA  . ASP A 1 76  ? 1.321   -10.510 17.222  1.00 21.90 ? 76   ASP A CA  1 
ATOM   537  C C   . ASP A 1 76  ? 0.381   -10.276 16.035  1.00 21.41 ? 76   ASP A C   1 
ATOM   538  O O   . ASP A 1 76  ? -0.647  -9.621  16.185  1.00 22.36 ? 76   ASP A O   1 
ATOM   539  C CB  . ASP A 1 76  ? 1.609   -9.192  17.967  1.00 21.82 ? 76   ASP A CB  1 
ATOM   540  C CG  . ASP A 1 76  ? 2.354   -8.186  17.129  1.00 23.71 ? 76   ASP A CG  1 
ATOM   541  O OD1 . ASP A 1 76  ? 2.454   -8.387  15.891  1.00 21.88 ? 76   ASP A OD1 1 
ATOM   542  O OD2 . ASP A 1 76  ? 2.869   -7.210  17.728  1.00 22.45 ? 76   ASP A OD2 1 
ATOM   543  N N   . GLY A 1 77  ? 0.728   -10.820 14.871  1.00 20.33 ? 77   GLY A N   1 
ATOM   544  C CA  . GLY A 1 77  ? -0.127  -10.717 13.687  1.00 19.75 ? 77   GLY A CA  1 
ATOM   545  C C   . GLY A 1 77  ? 0.143   -9.546  12.761  1.00 19.43 ? 77   GLY A C   1 
ATOM   546  O O   . GLY A 1 77  ? -0.412  -9.493  11.663  1.00 20.38 ? 77   GLY A O   1 
ATOM   547  N N   . THR A 1 78  ? 0.991   -8.611  13.176  1.00 18.06 ? 78   THR A N   1 
ATOM   548  C CA  . THR A 1 78  ? 1.303   -7.459  12.320  1.00 17.04 ? 78   THR A CA  1 
ATOM   549  C C   . THR A 1 78  ? 2.545   -7.780  11.481  1.00 16.24 ? 78   THR A C   1 
ATOM   550  O O   . THR A 1 78  ? 3.171   -8.823  11.682  1.00 16.99 ? 78   THR A O   1 
ATOM   551  C CB  . THR A 1 78  ? 1.511   -6.192  13.145  1.00 17.49 ? 78   THR A CB  1 
ATOM   552  O OG1 . THR A 1 78  ? 2.675   -6.338  13.961  1.00 19.04 ? 78   THR A OG1 1 
ATOM   553  C CG2 . THR A 1 78  ? 0.276   -5.910  14.049  1.00 18.35 ? 78   THR A CG2 1 
ATOM   554  N N   . TYR A 1 79  ? 2.881   -6.910  10.538  1.00 14.35 ? 79   TYR A N   1 
ATOM   555  C CA  . TYR A 1 79  ? 4.008   -7.115  9.631   1.00 14.89 ? 79   TYR A CA  1 
ATOM   556  C C   . TYR A 1 79  ? 5.016   -5.972  9.760   1.00 14.33 ? 79   TYR A C   1 
ATOM   557  O O   . TYR A 1 79  ? 4.633   -4.846  10.067  1.00 13.78 ? 79   TYR A O   1 
ATOM   558  C CB  . TYR A 1 79  ? 3.540   -7.133  8.173   1.00 15.38 ? 79   TYR A CB  1 
ATOM   559  C CG  . TYR A 1 79  ? 2.815   -8.375  7.747   1.00 16.25 ? 79   TYR A CG  1 
ATOM   560  C CD1 . TYR A 1 79  ? 1.458   -8.529  7.995   1.00 18.48 ? 79   TYR A CD1 1 
ATOM   561  C CD2 . TYR A 1 79  ? 3.490   -9.381  7.073   1.00 18.09 ? 79   TYR A CD2 1 
ATOM   562  C CE1 . TYR A 1 79  ? 0.793   -9.701  7.598   1.00 19.44 ? 79   TYR A CE1 1 
ATOM   563  C CE2 . TYR A 1 79  ? 2.845   -10.535 6.675   1.00 18.69 ? 79   TYR A CE2 1 
ATOM   564  C CZ  . TYR A 1 79  ? 1.514   -10.690 6.927   1.00 18.67 ? 79   TYR A CZ  1 
ATOM   565  O OH  . TYR A 1 79  ? 0.928   -11.885 6.495   1.00 21.35 ? 79   TYR A OH  1 
ATOM   566  N N   . VAL A 1 80  ? 6.283   -6.268  9.469   1.00 13.84 ? 80   VAL A N   1 
ATOM   567  C CA  . VAL A 1 80  ? 7.297   -5.224  9.282   1.00 14.31 ? 80   VAL A CA  1 
ATOM   568  C C   . VAL A 1 80  ? 7.899   -5.298  7.891   1.00 14.32 ? 80   VAL A C   1 
ATOM   569  O O   . VAL A 1 80  ? 7.947   -6.379  7.271   1.00 14.67 ? 80   VAL A O   1 
ATOM   570  C CB  . VAL A 1 80  ? 8.410   -5.265  10.352  1.00 14.59 ? 80   VAL A CB  1 
ATOM   571  C CG1 . VAL A 1 80  ? 7.801   -5.197  11.726  1.00 14.07 ? 80   VAL A CG1 1 
ATOM   572  C CG2 . VAL A 1 80  ? 9.248   -6.503  10.228  1.00 15.06 ? 80   VAL A CG2 1 
ATOM   573  N N   . ALA A 1 81  ? 8.376   -4.152  7.409   1.00 13.51 ? 81   ALA A N   1 
ATOM   574  C CA  . ALA A 1 81  ? 9.021   -4.071  6.094   1.00 13.96 ? 81   ALA A CA  1 
ATOM   575  C C   . ALA A 1 81  ? 9.873   -2.827  6.026   1.00 14.84 ? 81   ALA A C   1 
ATOM   576  O O   . ALA A 1 81  ? 9.478   -1.769  6.528   1.00 14.81 ? 81   ALA A O   1 
ATOM   577  C CB  . ALA A 1 81  ? 7.959   -4.031  4.995   1.00 13.22 ? 81   ALA A CB  1 
ATOM   578  N N   . ASP A 1 82  ? 11.015  -2.916  5.352   1.00 15.32 ? 82   ASP A N   1 
ATOM   579  C CA  . ASP A 1 82  ? 11.871  -1.746  5.148   1.00 15.73 ? 82   ASP A CA  1 
ATOM   580  C C   . ASP A 1 82  ? 11.658  -1.219  3.737   1.00 15.33 ? 82   ASP A C   1 
ATOM   581  O O   . ASP A 1 82  ? 11.833  -1.946  2.735   1.00 16.92 ? 82   ASP A O   1 
ATOM   582  C CB  . ASP A 1 82  ? 13.337  -2.083  5.370   1.00 16.56 ? 82   ASP A CB  1 
ATOM   583  C CG  . ASP A 1 82  ? 13.616  -2.570  6.798   1.00 20.50 ? 82   ASP A CG  1 
ATOM   584  O OD1 . ASP A 1 82  ? 14.440  -3.495  6.954   0.70 22.28 ? 82   ASP A OD1 1 
ATOM   585  O OD2 . ASP A 1 82  ? 12.995  -2.051  7.757   0.70 20.33 ? 82   ASP A OD2 1 
ATOM   586  N N   . TYR A 1 83  ? 11.216  0.021   3.664   1.00 15.29 ? 83   TYR A N   1 
ATOM   587  C CA  . TYR A 1 83  ? 10.990  0.712   2.403   1.00 14.96 ? 83   TYR A CA  1 
ATOM   588  C C   . TYR A 1 83  ? 10.833  2.195   2.732   1.00 14.63 ? 83   TYR A C   1 
ATOM   589  O O   . TYR A 1 83  ? 9.923   2.566   3.465   1.00 13.97 ? 83   TYR A O   1 
ATOM   590  C CB  . TYR A 1 83  ? 9.724   0.193   1.670   1.00 14.81 ? 83   TYR A CB  1 
ATOM   591  C CG  . TYR A 1 83  ? 9.386   1.062   0.485   1.00 14.50 ? 83   TYR A CG  1 
ATOM   592  C CD1 . TYR A 1 83  ? 10.207  1.065   -0.643  1.00 14.47 ? 83   TYR A CD1 1 
ATOM   593  C CD2 . TYR A 1 83  ? 8.297   1.905   0.488   1.00 14.24 ? 83   TYR A CD2 1 
ATOM   594  C CE1 . TYR A 1 83  ? 9.954   1.874   -1.710  1.00 13.92 ? 83   TYR A CE1 1 
ATOM   595  C CE2 . TYR A 1 83  ? 8.025   2.730   -0.607  1.00 12.78 ? 83   TYR A CE2 1 
ATOM   596  C CZ  . TYR A 1 83  ? 8.864   2.706   -1.706  1.00 14.11 ? 83   TYR A CZ  1 
ATOM   597  O OH  . TYR A 1 83  ? 8.636   3.514   -2.786  1.00 14.92 ? 83   TYR A OH  1 
ATOM   598  N N   . GLU A 1 84  ? 11.747  3.030   2.241   1.00 14.57 ? 84   GLU A N   1 
ATOM   599  C CA  . GLU A 1 84  ? 11.668  4.474   2.479   1.00 14.79 ? 84   GLU A CA  1 
ATOM   600  C C   . GLU A 1 84  ? 11.470  4.734   3.971   1.00 15.11 ? 84   GLU A C   1 
ATOM   601  O O   . GLU A 1 84  ? 10.606  5.519   4.395   1.00 16.38 ? 84   GLU A O   1 
ATOM   602  C CB  . GLU A 1 84  ? 10.565  5.134   1.647   1.00 16.03 ? 84   GLU A CB  1 
ATOM   603  C CG  . GLU A 1 84  ? 10.842  5.049   0.139   1.00 18.20 ? 84   GLU A CG  1 
ATOM   604  C CD  . GLU A 1 84  ? 11.939  5.976   -0.350  1.00 23.67 ? 84   GLU A CD  1 
ATOM   605  O OE1 . GLU A 1 84  ? 12.383  6.887   0.390   1.00 23.92 ? 84   GLU A OE1 1 
ATOM   606  O OE2 . GLU A 1 84  ? 12.344  5.817   -1.523  1.00 26.44 ? 84   GLU A OE2 1 
ATOM   607  N N   . GLY A 1 85  ? 12.286  4.051   4.759   1.00 15.50 ? 85   GLY A N   1 
ATOM   608  C CA  . GLY A 1 85  ? 12.111  4.037   6.216   1.00 15.16 ? 85   GLY A CA  1 
ATOM   609  C C   . GLY A 1 85  ? 11.719  2.669   6.728   1.00 15.35 ? 85   GLY A C   1 
ATOM   610  O O   . GLY A 1 85  ? 11.883  1.651   6.042   1.00 15.76 ? 85   GLY A O   1 
ATOM   611  N N   . GLN A 1 86  ? 11.186  2.657   7.940   1.00 12.62 ? 86   GLN A N   1 
ATOM   612  C CA  . GLN A 1 86  ? 10.750  1.451   8.606   1.00 12.86 ? 86   GLN A CA  1 
ATOM   613  C C   . GLN A 1 86  ? 9.235   1.452   8.701   1.00 11.86 ? 86   GLN A C   1 
ATOM   614  O O   . GLN A 1 86  ? 8.642   2.443   9.112   1.00 13.33 ? 86   GLN A O   1 
ATOM   615  C CB  . GLN A 1 86  ? 11.391  1.364   9.993   1.00 13.34 ? 86   GLN A CB  1 
ATOM   616  C CG  . GLN A 1 86  ? 12.916  1.162   9.920   1.00 12.86 ? 86   GLN A CG  1 
ATOM   617  C CD  . GLN A 1 86  ? 13.605  1.491   11.225  1.00 12.63 ? 86   GLN A CD  1 
ATOM   618  O OE1 . GLN A 1 86  ? 13.912  2.638   11.502  1.00 15.65 ? 86   GLN A OE1 1 
ATOM   619  N NE2 . GLN A 1 86  ? 13.834  0.487   12.014  1.00 15.17 ? 86   GLN A NE2 1 
ATOM   620  N N   . ASN A 1 87  ? 8.607   0.327   8.350   1.00 11.96 ? 87   ASN A N   1 
ATOM   621  C CA  . ASN A 1 87  ? 7.150   0.233   8.253   1.00 11.28 ? 87   ASN A CA  1 
ATOM   622  C C   . ASN A 1 87  ? 6.608   -0.877  9.138   1.00 11.49 ? 87   ASN A C   1 
ATOM   623  O O   . ASN A 1 87  ? 7.149   -1.982  9.174   1.00 11.94 ? 87   ASN A O   1 
ATOM   624  C CB  . ASN A 1 87  ? 6.751   -0.043  6.786   1.00 12.50 ? 87   ASN A CB  1 
ATOM   625  C CG  . ASN A 1 87  ? 7.231   1.023   5.850   1.00 11.71 ? 87   ASN A CG  1 
ATOM   626  O OD1 . ASN A 1 87  ? 6.629   2.092   5.736   1.00 13.39 ? 87   ASN A OD1 1 
ATOM   627  N ND2 . ASN A 1 87  ? 8.365   0.766   5.202   1.00 13.34 ? 87   ASN A ND2 1 
ATOM   628  N N   . VAL A 1 88  ? 5.538   -0.573  9.868   1.00 11.88 ? 88   VAL A N   1 
ATOM   629  C CA  . VAL A 1 88  ? 4.852   -1.549  10.700  1.00 13.33 ? 88   VAL A CA  1 
ATOM   630  C C   . VAL A 1 88  ? 3.374   -1.470  10.298  1.00 13.44 ? 88   VAL A C   1 
ATOM   631  O O   . VAL A 1 88  ? 2.769   -0.410  10.410  1.00 13.65 ? 88   VAL A O   1 
ATOM   632  C CB  . VAL A 1 88  ? 5.082   -1.264  12.215  1.00 15.43 ? 88   VAL A CB  1 
ATOM   633  C CG1 . VAL A 1 88  ? 6.527   -1.412  12.536  1.00 17.45 ? 88   VAL A CG1 1 
ATOM   634  C CG2 . VAL A 1 88  ? 4.584   0.109   12.618  1.00 19.19 ? 88   VAL A CG2 1 
ATOM   635  N N   . PHE A 1 89  ? 2.822   -2.567  9.790   1.00 14.06 ? 89   PHE A N   1 
ATOM   636  C CA  . PHE A 1 89  ? 1.468   -2.534  9.285   1.00 14.10 ? 89   PHE A CA  1 
ATOM   637  C C   . PHE A 1 89  ? 0.592   -3.704  9.709   1.00 14.29 ? 89   PHE A C   1 
ATOM   638  O O   . PHE A 1 89  ? 1.075   -4.760  10.130  1.00 14.10 ? 89   PHE A O   1 
ATOM   639  C CB  . PHE A 1 89  ? 1.454   -2.319  7.760   1.00 14.16 ? 89   PHE A CB  1 
ATOM   640  C CG  . PHE A 1 89  ? 1.961   -3.460  6.945   1.00 14.53 ? 89   PHE A CG  1 
ATOM   641  C CD1 . PHE A 1 89  ? 3.293   -3.547  6.593   1.00 15.13 ? 89   PHE A CD1 1 
ATOM   642  C CD2 . PHE A 1 89  ? 1.063   -4.423  6.454   1.00 15.54 ? 89   PHE A CD2 1 
ATOM   643  C CE1 . PHE A 1 89  ? 3.727   -4.596  5.763   1.00 16.00 ? 89   PHE A CE1 1 
ATOM   644  C CE2 . PHE A 1 89  ? 1.488   -5.475  5.669   1.00 15.97 ? 89   PHE A CE2 1 
ATOM   645  C CZ  . PHE A 1 89  ? 2.807   -5.557  5.314   1.00 16.01 ? 89   PHE A CZ  1 
ATOM   646  N N   . LYS A 1 90  ? -0.712  -3.467  9.613   1.00 14.80 ? 90   LYS A N   1 
ATOM   647  C CA  . LYS A 1 90  ? -1.716  -4.454  9.969   1.00 15.81 ? 90   LYS A CA  1 
ATOM   648  C C   . LYS A 1 90  ? -2.671  -4.605  8.782   1.00 15.26 ? 90   LYS A C   1 
ATOM   649  O O   . LYS A 1 90  ? -3.179  -3.615  8.248   1.00 14.41 ? 90   LYS A O   1 
ATOM   650  C CB  . LYS A 1 90  ? -2.480  -4.010  11.230  1.00 16.39 ? 90   LYS A CB  1 
ATOM   651  C CG  . LYS A 1 90  ? -3.632  -4.938  11.639  1.00 19.51 ? 90   LYS A CG  1 
ATOM   652  C CD  . LYS A 1 90  ? -3.386  -5.632  12.947  1.00 23.40 ? 90   LYS A CD  1 
ATOM   653  C CE  . LYS A 1 90  ? -3.923  -4.822  14.116  1.00 28.25 ? 90   LYS A CE  1 
ATOM   654  N NZ  . LYS A 1 90  ? -3.534  -5.371  15.468  1.00 28.16 ? 90   LYS A NZ  1 
ATOM   655  N N   . ILE A 1 91  ? -2.887  -5.849  8.360   1.00 15.84 ? 91   ILE A N   1 
ATOM   656  C CA  . ILE A 1 91  ? -3.953  -6.132  7.394   1.00 16.24 ? 91   ILE A CA  1 
ATOM   657  C C   . ILE A 1 91  ? -5.264  -6.295  8.159   1.00 17.05 ? 91   ILE A C   1 
ATOM   658  O O   . ILE A 1 91  ? -5.375  -7.207  8.996   1.00 18.16 ? 91   ILE A O   1 
ATOM   659  C CB  . ILE A 1 91  ? -3.636  -7.401  6.575   1.00 16.37 ? 91   ILE A CB  1 
ATOM   660  C CG1 . ILE A 1 91  ? -2.291  -7.243  5.858   1.00 15.87 ? 91   ILE A CG1 1 
ATOM   661  C CG2 . ILE A 1 91  ? -4.784  -7.713  5.604   1.00 16.59 ? 91   ILE A CG2 1 
ATOM   662  C CD1 . ILE A 1 91  ? -1.849  -8.451  5.038   1.00 17.41 ? 91   ILE A CD1 1 
ATOM   663  N N   . VAL A 1 92  ? -6.233  -5.417  7.899   1.00 16.95 ? 92   VAL A N   1 
ATOM   664  C CA  . VAL A 1 92  ? -7.497  -5.426  8.638   1.00 18.53 ? 92   VAL A CA  1 
ATOM   665  C C   . VAL A 1 92  ? -8.568  -6.261  7.960   1.00 18.70 ? 92   VAL A C   1 
ATOM   666  O O   . VAL A 1 92  ? -9.507  -6.721  8.625   1.00 19.70 ? 92   VAL A O   1 
ATOM   667  C CB  . VAL A 1 92  ? -8.030  -4.014  8.985   1.00 19.65 ? 92   VAL A CB  1 
ATOM   668  C CG1 . VAL A 1 92  ? -7.083  -3.313  9.973   1.00 21.50 ? 92   VAL A CG1 1 
ATOM   669  C CG2 . VAL A 1 92  ? -8.245  -3.201  7.787   1.00 21.87 ? 92   VAL A CG2 1 
ATOM   670  N N   . SER A 1 93  ? -8.427  -6.475  6.654   1.00 17.68 ? 93   SER A N   1 
ATOM   671  C CA  . SER A 1 93  ? -9.358  -7.325  5.908   1.00 17.93 ? 93   SER A CA  1 
ATOM   672  C C   . SER A 1 93  ? -8.641  -7.945  4.717   1.00 17.25 ? 93   SER A C   1 
ATOM   673  O O   . SER A 1 93  ? -7.937  -7.258  3.988   1.00 16.79 ? 93   SER A O   1 
ATOM   674  C CB  . SER A 1 93  ? -10.573 -6.515  5.456   1.00 18.19 ? 93   SER A CB  1 
ATOM   675  O OG  . SER A 1 93  ? -11.591 -7.381  4.953   1.00 21.30 ? 93   SER A OG  1 
ATOM   676  N N   . LEU A 1 94  ? -8.783  -9.252  4.541   1.00 17.20 ? 94   LEU A N   1 
ATOM   677  C CA  . LEU A 1 94  ? -8.088  -9.944  3.461   1.00 17.64 ? 94   LEU A CA  1 
ATOM   678  C C   . LEU A 1 94  ? -8.947  -11.093 2.916   1.00 17.92 ? 94   LEU A C   1 
ATOM   679  O O   . LEU A 1 94  ? -9.466  -11.896 3.685   1.00 19.17 ? 94   LEU A O   1 
ATOM   680  C CB  . LEU A 1 94  ? -6.744  -10.499 3.953   1.00 18.04 ? 94   LEU A CB  1 
ATOM   681  C CG  . LEU A 1 94  ? -5.877  -11.322 2.992   1.00 17.34 ? 94   LEU A CG  1 
ATOM   682  C CD1 . LEU A 1 94  ? -5.343  -10.523 1.824   1.00 18.01 ? 94   LEU A CD1 1 
ATOM   683  C CD2 . LEU A 1 94  ? -4.706  -11.941 3.738   1.00 18.38 ? 94   LEU A CD2 1 
ATOM   684  N N   . SER A 1 95  ? -9.064  -11.151 1.597   1.00 18.82 ? 95   SER A N   1 
ATOM   685  C CA  . SER A 1 95  ? -9.710  -12.267 0.899   1.00 19.72 ? 95   SER A CA  1 
ATOM   686  C C   . SER A 1 95  ? -9.019  -12.506 -0.433  1.00 20.80 ? 95   SER A C   1 
ATOM   687  O O   . SER A 1 95  ? -8.038  -11.843 -0.756  1.00 19.92 ? 95   SER A O   1 
ATOM   688  C CB  . SER A 1 95  ? -11.180 -11.950 0.695   1.00 19.93 ? 95   SER A CB  1 
ATOM   689  O OG  . SER A 1 95  ? -11.403 -11.053 -0.395  1.00 19.48 ? 95   SER A OG  1 
ATOM   690  N N   . ARG A 1 96  ? -9.557  -13.435 -1.237  1.00 21.47 ? 96   ARG A N   1 
ATOM   691  C CA  . ARG A 1 96  ? -9.026  -13.708 -2.570  1.00 23.11 ? 96   ARG A CA  1 
ATOM   692  C C   . ARG A 1 96  ? -9.140  -12.490 -3.487  1.00 21.69 ? 96   ARG A C   1 
ATOM   693  O O   . ARG A 1 96  ? -8.472  -12.453 -4.525  1.00 22.67 ? 96   ARG A O   1 
ATOM   694  C CB  . ARG A 1 96  ? -9.785  -14.863 -3.256  1.00 24.39 ? 96   ARG A CB  1 
ATOM   695  C CG  . ARG A 1 96  ? -10.021 -16.088 -2.388  1.00 29.02 ? 96   ARG A CG  1 
ATOM   696  C CD  . ARG A 1 96  ? -11.056 -17.098 -3.006  1.00 30.33 ? 96   ARG A CD  1 
ATOM   697  N NE  . ARG A 1 96  ? -12.165 -17.247 -2.051  1.00 34.13 ? 96   ARG A NE  1 
ATOM   698  C CZ  . ARG A 1 96  ? -13.461 -17.447 -2.341  1.00 35.68 ? 96   ARG A CZ  1 
ATOM   699  N NH1 . ARG A 1 96  ? -14.340 -17.485 -1.337  1.00 36.41 ? 96   ARG A NH1 1 
ATOM   700  N NH2 . ARG A 1 96  ? -13.881 -17.651 -3.592  1.00 38.98 ? 96   ARG A NH2 1 
ATOM   701  N N   . THR A 1 97  ? -9.986  -11.516 -3.123  1.00 19.79 ? 97   THR A N   1 
ATOM   702  C CA  . THR A 1 97  ? -10.252 -10.367 -3.977  1.00 19.29 ? 97   THR A CA  1 
ATOM   703  C C   . THR A 1 97  ? -9.903  -8.984  -3.421  1.00 16.82 ? 97   THR A C   1 
ATOM   704  O O   . THR A 1 97  ? -9.826  -8.041  -4.197  1.00 15.93 ? 97   THR A O   1 
ATOM   705  C CB  . THR A 1 97  ? -11.722 -10.333 -4.457  1.00 20.51 ? 97   THR A CB  1 
ATOM   706  O OG1 . THR A 1 97  ? -12.619 -10.176 -3.349  1.00 22.66 ? 97   THR A OG1 1 
ATOM   707  C CG2 . THR A 1 97  ? -12.051 -11.606 -5.234  1.00 22.24 ? 97   THR A CG2 1 
ATOM   708  N N   . HIS A 1 98  ? -9.700  -8.841  -2.118  1.00 16.13 ? 98   HIS A N   1 
ATOM   709  C CA  . HIS A 1 98  ? -9.374  -7.491  -1.582  1.00 15.79 ? 98   HIS A CA  1 
ATOM   710  C C   . HIS A 1 98  ? -8.405  -7.558  -0.398  1.00 14.79 ? 98   HIS A C   1 
ATOM   711  O O   . HIS A 1 98  ? -8.303  -8.578  0.279   1.00 14.90 ? 98   HIS A O   1 
ATOM   712  C CB  . HIS A 1 98  ? -10.633 -6.735  -1.161  1.00 17.05 ? 98   HIS A CB  1 
ATOM   713  C CG  . HIS A 1 98  ? -11.261 -7.284  0.074   1.00 20.75 ? 98   HIS A CG  1 
ATOM   714  N ND1 . HIS A 1 98  ? -11.052 -6.744  1.324   1.00 26.52 ? 98   HIS A ND1 1 
ATOM   715  C CD2 . HIS A 1 98  ? -12.017 -8.387  0.258   1.00 23.59 ? 98   HIS A CD2 1 
ATOM   716  C CE1 . HIS A 1 98  ? -11.691 -7.474  2.220   1.00 24.82 ? 98   HIS A CE1 1 
ATOM   717  N NE2 . HIS A 1 98  ? -12.276 -8.485  1.605   1.00 26.32 ? 98   HIS A NE2 1 
ATOM   718  N N   . LEU A 1 99  ? -7.708  -6.445  -0.175  1.00 13.43 ? 99   LEU A N   1 
ATOM   719  C CA  . LEU A 1 99  ? -6.786  -6.278  0.938   1.00 12.98 ? 99   LEU A CA  1 
ATOM   720  C C   . LEU A 1 99  ? -6.913  -4.836  1.448   1.00 12.31 ? 99   LEU A C   1 
ATOM   721  O O   . LEU A 1 99  ? -6.733  -3.913  0.689   1.00 11.80 ? 99   LEU A O   1 
ATOM   722  C CB  . LEU A 1 99  ? -5.340  -6.544  0.466   1.00 13.70 ? 99   LEU A CB  1 
ATOM   723  C CG  . LEU A 1 99  ? -4.258  -6.734  1.520   1.00 15.33 ? 99   LEU A CG  1 
ATOM   724  C CD1 . LEU A 1 99  ? -3.012  -7.439  0.921   1.00 18.43 ? 99   LEU A CD1 1 
ATOM   725  C CD2 . LEU A 1 99  ? -3.880  -5.451  2.187   1.00 17.68 ? 99   LEU A CD2 1 
ATOM   726  N N   . VAL A 1 100 ? -7.293  -4.669  2.713   1.00 12.07 ? 100  VAL A N   1 
ATOM   727  C CA  . VAL A 1 100 ? -7.361  -3.357  3.332   1.00 12.38 ? 100  VAL A CA  1 
ATOM   728  C C   . VAL A 1 100 ? -6.374  -3.351  4.488   1.00 12.57 ? 100  VAL A C   1 
ATOM   729  O O   . VAL A 1 100 ? -6.356  -4.283  5.295   1.00 12.10 ? 100  VAL A O   1 
ATOM   730  C CB  . VAL A 1 100 ? -8.793  -3.028  3.842   1.00 13.34 ? 100  VAL A CB  1 
ATOM   731  C CG1 . VAL A 1 100 ? -8.835  -1.695  4.572   1.00 13.48 ? 100  VAL A CG1 1 
ATOM   732  C CG2 . VAL A 1 100 ? -9.782  -3.055  2.677   1.00 14.68 ? 100  VAL A CG2 1 
ATOM   733  N N   . ALA A 1 101 ? -5.531  -2.316  4.551   1.00 11.82 ? 101  ALA A N   1 
ATOM   734  C CA  . ALA A 1 101 ? -4.440  -2.278  5.531   1.00 12.17 ? 101  ALA A CA  1 
ATOM   735  C C   . ALA A 1 101 ? -4.147  -0.866  6.018   1.00 11.94 ? 101  ALA A C   1 
ATOM   736  O O   . ALA A 1 101 ? -4.462  0.099   5.344   1.00 10.97 ? 101  ALA A O   1 
ATOM   737  C CB  . ALA A 1 101 ? -3.205  -2.884  4.929   1.00 13.09 ? 101  ALA A CB  1 
ATOM   738  N N   . HIS A 1 102 ? -3.559  -0.771  7.221   1.00 12.33 ? 102  HIS A N   1 
ATOM   739  C CA  . HIS A 1 102 ? -2.988  0.511   7.676   1.00 12.90 ? 102  HIS A CA  1 
ATOM   740  C C   . HIS A 1 102 ? -1.526  0.318   8.100   1.00 12.41 ? 102  HIS A C   1 
ATOM   741  O O   . HIS A 1 102 ? -1.140  -0.742  8.595   1.00 12.75 ? 102  HIS A O   1 
ATOM   742  C CB  . HIS A 1 102 ? -3.841  1.156   8.778   1.00 14.12 ? 102  HIS A CB  1 
ATOM   743  C CG  . HIS A 1 102 ? -3.948  0.369   10.045  1.00 16.23 ? 102  HIS A CG  1 
ATOM   744  N ND1 . HIS A 1 102 ? -4.961  -0.536  10.298  1.00 20.93 ? 102  HIS A ND1 1 
ATOM   745  C CD2 . HIS A 1 102 ? -3.177  0.387   11.157  1.00 19.06 ? 102  HIS A CD2 1 
ATOM   746  C CE1 . HIS A 1 102 ? -4.798  -1.045  11.513  1.00 18.07 ? 102  HIS A CE1 1 
ATOM   747  N NE2 . HIS A 1 102 ? -3.720  -0.507  12.051  1.00 21.36 ? 102  HIS A NE2 1 
ATOM   748  N N   . ASN A 1 103 ? -0.718  1.359   7.871   1.00 12.50 ? 103  ASN A N   1 
ATOM   749  C CA  . ASN A 1 103 ? 0.740   1.309   8.043   1.00 12.83 ? 103  ASN A CA  1 
ATOM   750  C C   . ASN A 1 103 ? 1.210   2.540   8.798   1.00 13.39 ? 103  ASN A C   1 
ATOM   751  O O   . ASN A 1 103 ? 0.689   3.623   8.575   1.00 13.03 ? 103  ASN A O   1 
ATOM   752  C CB  . ASN A 1 103 ? 1.404   1.292   6.660   1.00 13.02 ? 103  ASN A CB  1 
ATOM   753  C CG  . ASN A 1 103 ? 2.924   1.305   6.701   1.00 13.19 ? 103  ASN A CG  1 
ATOM   754  O OD1 . ASN A 1 103 ? 3.591   2.108   6.013   1.00 17.56 ? 103  ASN A OD1 1 
ATOM   755  N ND2 . ASN A 1 103 ? 3.481   0.432   7.499   1.00 12.02 ? 103  ASN A ND2 1 
ATOM   756  N N   . ILE A 1 104 ? 2.214   2.362   9.665   1.00 12.70 ? 104  ILE A N   1 
ATOM   757  C CA  . ILE A 1 104 ? 2.970   3.479   10.251  1.00 13.42 ? 104  ILE A CA  1 
ATOM   758  C C   . ILE A 1 104 ? 4.369   3.416   9.622   1.00 11.87 ? 104  ILE A C   1 
ATOM   759  O O   . ILE A 1 104 ? 5.069   2.400   9.717   1.00 12.08 ? 104  ILE A O   1 
ATOM   760  C CB  . ILE A 1 104 ? 3.079   3.405   11.818  1.00 13.37 ? 104  ILE A CB  1 
ATOM   761  C CG1 . ILE A 1 104 ? 1.730   3.726   12.493  1.00 18.44 ? 104  ILE A CG1 1 
ATOM   762  C CG2 . ILE A 1 104 ? 4.185   4.315   12.317  1.00 15.38 ? 104  ILE A CG2 1 
ATOM   763  C CD1 . ILE A 1 104 ? 1.403   5.196   12.642  1.00 22.23 ? 104  ILE A CD1 1 
ATOM   764  N N   . ASN A 1 105 ? 4.745   4.485   8.931   1.00 12.02 ? 105  ASN A N   1 
ATOM   765  C CA  . ASN A 1 105 ? 6.097   4.630   8.377   1.00 12.72 ? 105  ASN A CA  1 
ATOM   766  C C   . ASN A 1 105 ? 6.884   5.573   9.290   1.00 12.71 ? 105  ASN A C   1 
ATOM   767  O O   . ASN A 1 105 ? 6.396   6.636   9.641   1.00 12.42 ? 105  ASN A O   1 
ATOM   768  C CB  . ASN A 1 105 ? 6.040   5.222   6.970   1.00 12.92 ? 105  ASN A CB  1 
ATOM   769  C CG  . ASN A 1 105 ? 7.425   5.599   6.424   1.00 14.59 ? 105  ASN A CG  1 
ATOM   770  O OD1 . ASN A 1 105 ? 7.834   6.760   6.494   1.00 16.35 ? 105  ASN A OD1 1 
ATOM   771  N ND2 . ASN A 1 105 ? 8.126   4.635   5.873   1.00 13.76 ? 105  ASN A ND2 1 
ATOM   772  N N   . VAL A 1 106 ? 8.114   5.173   9.607   1.00 13.91 ? 106  VAL A N   1 
ATOM   773  C CA  . VAL A 1 106 ? 9.029   5.967   10.447  1.00 15.27 ? 106  VAL A CA  1 
ATOM   774  C C   . VAL A 1 106 ? 10.238  6.302   9.586   1.00 15.65 ? 106  VAL A C   1 
ATOM   775  O O   . VAL A 1 106 ? 10.939  5.396   9.102   1.00 14.01 ? 106  VAL A O   1 
ATOM   776  C CB  . VAL A 1 106 ? 9.467   5.144   11.674  1.00 16.02 ? 106  VAL A CB  1 
ATOM   777  C CG1 . VAL A 1 106 ? 10.429  5.926   12.535  1.00 18.15 ? 106  VAL A CG1 1 
ATOM   778  C CG2 . VAL A 1 106 ? 8.225   4.683   12.492  1.00 17.07 ? 106  VAL A CG2 1 
ATOM   779  N N   . ASP A 1 107 ? 10.479  7.600   9.389   1.00 16.39 ? 107  ASP A N   1 
ATOM   780  C CA  . ASP A 1 107 ? 11.636  8.051   8.618   1.00 17.60 ? 107  ASP A CA  1 
ATOM   781  C C   . ASP A 1 107 ? 12.894  8.151   9.505   1.00 17.58 ? 107  ASP A C   1 
ATOM   782  O O   . ASP A 1 107 ? 12.840  7.879   10.711  1.00 16.69 ? 107  ASP A O   1 
ATOM   783  C CB  . ASP A 1 107 ? 11.341  9.330   7.811   1.00 18.15 ? 107  ASP A CB  1 
ATOM   784  C CG  . ASP A 1 107 ? 11.326  10.624  8.635   1.00 19.84 ? 107  ASP A CG  1 
ATOM   785  O OD1 . ASP A 1 107 ? 11.728  10.640  9.819   1.00 18.78 ? 107  ASP A OD1 1 
ATOM   786  O OD2 . ASP A 1 107 ? 10.883  11.673  8.067   1.00 22.05 ? 107  ASP A OD2 1 
ATOM   787  N N   . LYS A 1 108 ? 14.028  8.506   8.890   1.00 18.66 ? 108  LYS A N   1 
ATOM   788  C CA  . LYS A 1 108 ? 15.317  8.488   9.590   1.00 19.57 ? 108  LYS A CA  1 
ATOM   789  C C   . LYS A 1 108 ? 15.415  9.527   10.705  1.00 18.89 ? 108  LYS A C   1 
ATOM   790  O O   . LYS A 1 108 ? 16.309  9.424   11.558  1.00 18.73 ? 108  LYS A O   1 
ATOM   791  C CB  . LYS A 1 108 ? 16.480  8.673   8.595   1.00 20.42 ? 108  LYS A CB  1 
ATOM   792  C CG  . LYS A 1 108 ? 16.563  10.058  7.996   1.00 22.85 ? 108  LYS A CG  1 
ATOM   793  C CD  . LYS A 1 108 ? 17.487  10.121  6.753   1.00 24.49 ? 108  LYS A CD  1 
ATOM   794  C CE  . LYS A 1 108 ? 18.861  10.628  7.098   1.00 29.79 ? 108  LYS A CE  1 
ATOM   795  N NZ  . LYS A 1 108 ? 19.785  10.627  5.911   1.00 31.31 ? 108  LYS A NZ  1 
ATOM   796  N N   . HIS A 1 109 ? 14.510  10.501  10.705  1.00 18.07 ? 109  HIS A N   1 
ATOM   797  C CA  . HIS A 1 109 ? 14.438  11.544  11.736  1.00 17.87 ? 109  HIS A CA  1 
ATOM   798  C C   . HIS A 1 109 ? 13.388  11.222  12.815  1.00 17.73 ? 109  HIS A C   1 
ATOM   799  O O   . HIS A 1 109 ? 13.081  12.071  13.643  1.00 18.60 ? 109  HIS A O   1 
ATOM   800  C CB  . HIS A 1 109 ? 14.096  12.903  11.096  1.00 18.89 ? 109  HIS A CB  1 
ATOM   801  C CG  . HIS A 1 109 ? 14.921  13.243  9.893   1.00 21.56 ? 109  HIS A CG  1 
ATOM   802  N ND1 . HIS A 1 109 ? 16.252  13.589  9.981   1.00 24.72 ? 109  HIS A ND1 1 
ATOM   803  C CD2 . HIS A 1 109 ? 14.599  13.318  8.577   1.00 22.52 ? 109  HIS A CD2 1 
ATOM   804  C CE1 . HIS A 1 109 ? 16.719  13.848  8.770   1.00 25.20 ? 109  HIS A CE1 1 
ATOM   805  N NE2 . HIS A 1 109 ? 15.738  13.684  7.900   1.00 24.90 ? 109  HIS A NE2 1 
ATOM   806  N N   . GLY A 1 110 ? 12.848  10.008  12.814  1.00 16.21 ? 110  GLY A N   1 
ATOM   807  C CA  . GLY A 1 110 ? 11.839  9.617   13.793  1.00 16.69 ? 110  GLY A CA  1 
ATOM   808  C C   . GLY A 1 110 ? 10.444  10.101  13.469  1.00 16.49 ? 110  GLY A C   1 
ATOM   809  O O   . GLY A 1 110 ? 9.505   9.829   14.226  1.00 17.44 ? 110  GLY A O   1 
ATOM   810  N N   . GLN A 1 111 ? 10.276  10.817  12.358  1.00 16.53 ? 111  GLN A N   1 
ATOM   811  C CA  . GLN A 1 111 ? 8.958   11.361  12.010  1.00 16.70 ? 111  GLN A CA  1 
ATOM   812  C C   . GLN A 1 111 ? 8.044   10.307  11.372  1.00 15.72 ? 111  GLN A C   1 
ATOM   813  O O   . GLN A 1 111 ? 8.473   9.517   10.533  1.00 15.98 ? 111  GLN A O   1 
ATOM   814  C CB  . GLN A 1 111 ? 9.090   12.594  11.122  1.00 18.07 ? 111  GLN A CB  1 
ATOM   815  C CG  . GLN A 1 111 ? 9.681   13.815  11.890  1.00 21.18 ? 111  GLN A CG  1 
ATOM   816  C CD  . GLN A 1 111 ? 8.732   14.370  12.983  1.00 27.81 ? 111  GLN A CD  1 
ATOM   817  O OE1 . GLN A 1 111 ? 8.862   14.070  14.192  1.00 29.27 ? 111  GLN A OE1 1 
ATOM   818  N NE2 . GLN A 1 111 ? 7.750   15.167  12.547  1.00 32.37 ? 111  GLN A NE2 1 
ATOM   819  N N   . THR A 1 112 ? 6.799   10.299  11.828  1.00 16.20 ? 112  THR A N   1 
ATOM   820  C CA  . THR A 1 112 ? 5.862   9.246   11.493  1.00 16.20 ? 112  THR A CA  1 
ATOM   821  C C   . THR A 1 112 ? 4.802   9.735   10.513  1.00 15.51 ? 112  THR A C   1 
ATOM   822  O O   . THR A 1 112 ? 4.359   10.886  10.563  1.00 15.33 ? 112  THR A O   1 
ATOM   823  C CB  . THR A 1 112 ? 5.152   8.681   12.731  1.00 17.21 ? 112  THR A CB  1 
ATOM   824  O OG1 . THR A 1 112 ? 4.352   9.702   13.328  1.00 20.13 ? 112  THR A OG1 1 
ATOM   825  C CG2 . THR A 1 112 ? 6.142   8.146   13.731  1.00 20.03 ? 112  THR A CG2 1 
ATOM   826  N N   . THR A 1 113 ? 4.386   8.814   9.648   1.00 14.71 ? 113  THR A N   1 
ATOM   827  C CA  . THR A 1 113 ? 3.283   9.022   8.715   1.00 14.76 ? 113  THR A CA  1 
ATOM   828  C C   . THR A 1 113 ? 2.380   7.813   8.878   1.00 13.71 ? 113  THR A C   1 
ATOM   829  O O   . THR A 1 113 ? 2.880   6.692   8.894   1.00 14.51 ? 113  THR A O   1 
ATOM   830  C CB  . THR A 1 113 ? 3.777   9.085   7.253   1.00 14.55 ? 113  THR A CB  1 
ATOM   831  O OG1 . THR A 1 113 ? 4.835   10.067  7.114   1.00 16.54 ? 113  THR A OG1 1 
ATOM   832  C CG2 . THR A 1 113 ? 2.629   9.431   6.316   1.00 16.45 ? 113  THR A CG2 1 
ATOM   833  N N   . GLU A 1 114 ? 1.072   8.031   8.967   1.00 13.41 ? 114  GLU A N   1 
ATOM   834  C CA  . GLU A 1 114 ? 0.133   6.903   8.953   1.00 13.58 ? 114  GLU A CA  1 
ATOM   835  C C   . GLU A 1 114 ? -0.552  6.838   7.586   1.00 12.46 ? 114  GLU A C   1 
ATOM   836  O O   . GLU A 1 114 ? -0.956  7.857   7.066   1.00 11.58 ? 114  GLU A O   1 
ATOM   837  C CB  . GLU A 1 114 ? -0.880  6.995   10.084  1.00 13.86 ? 114  GLU A CB  1 
ATOM   838  C CG  . GLU A 1 114 ? -1.743  5.740   10.242  1.00 16.55 ? 114  GLU A CG  1 
ATOM   839  C CD  . GLU A 1 114 ? -2.170  5.480   11.686  1.00 19.55 ? 114  GLU A CD  1 
ATOM   840  O OE1 . GLU A 1 114 ? -2.238  4.287   12.078  1.00 26.32 ? 114  GLU A OE1 1 
ATOM   841  O OE2 . GLU A 1 114 ? -2.392  6.466   12.428  1.00 23.60 ? 114  GLU A OE2 1 
ATOM   842  N N   . LEU A 1 115 ? -0.657  5.630   7.022   1.00 11.60 ? 115  LEU A N   1 
ATOM   843  C CA  . LEU A 1 115 ? -1.244  5.439   5.694   1.00 12.24 ? 115  LEU A CA  1 
ATOM   844  C C   . LEU A 1 115 ? -2.309  4.345   5.759   1.00 11.98 ? 115  LEU A C   1 
ATOM   845  O O   . LEU A 1 115 ? -2.231  3.416   6.567   1.00 12.05 ? 115  LEU A O   1 
ATOM   846  C CB  . LEU A 1 115 ? -0.204  5.034   4.644   1.00 12.43 ? 115  LEU A CB  1 
ATOM   847  C CG  . LEU A 1 115 ? 0.906   6.063   4.423   1.00 13.64 ? 115  LEU A CG  1 
ATOM   848  C CD1 . LEU A 1 115 ? 2.191   5.633   5.070   1.00 16.18 ? 115  LEU A CD1 1 
ATOM   849  C CD2 . LEU A 1 115 ? 1.092   6.341   2.962   1.00 15.61 ? 115  LEU A CD2 1 
ATOM   850  N N   . THR A 1 116 ? -3.297  4.460   4.868   1.00 11.17 ? 116  THR A N   1 
ATOM   851  C CA  . THR A 1 116 ? -4.310  3.417   4.681   1.00 10.55 ? 116  THR A CA  1 
ATOM   852  C C   . THR A 1 116 ? -4.301  3.003   3.210   1.00 10.54 ? 116  THR A C   1 
ATOM   853  O O   . THR A 1 116 ? -3.908  3.787   2.349   1.00 10.49 ? 116  THR A O   1 
ATOM   854  C CB  . THR A 1 116 ? -5.711  3.918   5.057   1.00 10.87 ? 116  THR A CB  1 
ATOM   855  O OG1 . THR A 1 116 ? -6.024  5.077   4.272   1.00 11.75 ? 116  THR A OG1 1 
ATOM   856  C CG2 . THR A 1 116 ? -5.746  4.249   6.550   1.00 13.08 ? 116  THR A CG2 1 
ATOM   857  N N   . GLU A 1 117 ? -4.700  1.769   2.925   1.00 10.04 ? 117  GLU A N   1 
ATOM   858  C CA  . GLU A 1 117 ? -4.670  1.283   1.540   1.00 10.28 ? 117  GLU A CA  1 
ATOM   859  C C   . GLU A 1 117 ? -5.771  0.286   1.253   1.00 10.34 ? 117  GLU A C   1 
ATOM   860  O O   . GLU A 1 117 ? -6.149  -0.500  2.111   1.00 11.04 ? 117  GLU A O   1 
ATOM   861  N N   . LEU A 1 118 ? -6.260  0.347   0.020   1.00 10.29 ? 118  LEU A N   1 
ATOM   862  C CA  . LEU A 1 118 ? -7.143  -0.664  -0.571  1.00 10.36 ? 118  LEU A CA  1 
ATOM   863  C C   . LEU A 1 118 ? -6.504  -1.183  -1.863  1.00 9.76  ? 118  LEU A C   1 
ATOM   864  O O   . LEU A 1 118 ? -6.214  -0.396  -2.761  1.00 9.49  ? 118  LEU A O   1 
ATOM   865  C CB  . LEU A 1 118 ? -8.487  -0.044  -0.932  1.00 10.27 ? 118  LEU A CB  1 
ATOM   866  C CG  . LEU A 1 118 ? -9.503  -0.943  -1.676  1.00 10.74 ? 118  LEU A CG  1 
ATOM   867  C CD1 . LEU A 1 118 ? -9.844  -2.232  -0.939  1.00 12.97 ? 118  LEU A CD1 1 
ATOM   868  C CD2 . LEU A 1 118 ? -10.802 -0.186  -2.009  1.00 11.20 ? 118  LEU A CD2 1 
ATOM   869  N N   . PHE A 1 119 ? -6.319  -2.502  -1.919  1.00 9.22  ? 119  PHE A N   1 
ATOM   870  C CA  . PHE A 1 119 ? -5.758  -3.237  -3.067  1.00 10.64 ? 119  PHE A CA  1 
ATOM   871  C C   . PHE A 1 119 ? -6.739  -4.345  -3.438  1.00 10.69 ? 119  PHE A C   1 
ATOM   872  O O   . PHE A 1 119 ? -7.363  -4.937  -2.562  1.00 11.71 ? 119  PHE A O   1 
ATOM   873  C CB  . PHE A 1 119 ? -4.386  -3.814  -2.683  1.00 11.40 ? 119  PHE A CB  1 
ATOM   874  C CG  . PHE A 1 119 ? -3.481  -2.798  -2.045  1.00 11.71 ? 119  PHE A CG  1 
ATOM   875  C CD1 . PHE A 1 119 ? -3.469  -2.620  -0.652  1.00 13.71 ? 119  PHE A CD1 1 
ATOM   876  C CD2 . PHE A 1 119 ? -2.673  -1.998  -2.821  1.00 14.75 ? 119  PHE A CD2 1 
ATOM   877  C CE1 . PHE A 1 119 ? -2.633  -1.645  -0.063  1.00 13.64 ? 119  PHE A CE1 1 
ATOM   878  C CE2 . PHE A 1 119 ? -1.857  -1.021  -2.244  1.00 14.55 ? 119  PHE A CE2 1 
ATOM   879  C CZ  . PHE A 1 119 ? -1.844  -0.864  -0.865  1.00 13.00 ? 119  PHE A CZ  1 
ATOM   880  N N   . VAL A 1 120 ? -6.863  -4.635  -4.727  1.00 11.52 ? 120  VAL A N   1 
ATOM   881  C CA  . VAL A 1 120 ? -7.826  -5.675  -5.158  1.00 12.58 ? 120  VAL A CA  1 
ATOM   882  C C   . VAL A 1 120 ? -7.238  -6.618  -6.199  1.00 13.00 ? 120  VAL A C   1 
ATOM   883  O O   . VAL A 1 120 ? -6.332  -6.253  -6.930  1.00 12.48 ? 120  VAL A O   1 
ATOM   884  C CB  . VAL A 1 120 ? -9.125  -5.074  -5.700  1.00 13.74 ? 120  VAL A CB  1 
ATOM   885  C CG1 . VAL A 1 120 ? -9.836  -4.221  -4.609  1.00 14.73 ? 120  VAL A CG1 1 
ATOM   886  C CG2 . VAL A 1 120 ? -8.888  -4.284  -6.897  1.00 13.87 ? 120  VAL A CG2 1 
ATOM   887  N N   . LYS A 1 121 ? -7.801  -7.824  -6.258  1.00 14.92 ? 121  LYS A N   1 
ATOM   888  C CA  . LYS A 1 121 ? -7.440  -8.829  -7.265  1.00 16.92 ? 121  LYS A CA  1 
ATOM   889  C C   . LYS A 1 121 ? -8.677  -9.479  -7.882  1.00 17.88 ? 121  LYS A C   1 
ATOM   890  O O   . LYS A 1 121 ? -8.575  -10.544 -8.498  1.00 21.03 ? 121  LYS A O   1 
ATOM   891  C CB  . LYS A 1 121 ? -6.533  -9.898  -6.631  1.00 18.40 ? 121  LYS A CB  1 
ATOM   892  C CG  . LYS A 1 121 ? -5.827  -10.863 -7.541  1.00 21.75 ? 121  LYS A CG  1 
ATOM   893  C CD  . LYS A 1 121 ? -5.237  -12.013 -6.672  1.00 23.12 ? 121  LYS A CD  1 
ATOM   894  C CE  . LYS A 1 121 ? -6.120  -13.266 -6.728  1.00 27.38 ? 121  LYS A CE  1 
ATOM   895  N NZ  . LYS A 1 121 ? -6.236  -13.951 -5.423  1.00 29.96 ? 121  LYS A NZ  1 
ATOM   896  N N   . GLY A 1 122 B -9.832  -8.875  -7.674  1.00 17.98 ? 121  GLY A N   1 
ATOM   897  C CA  . GLY A 1 122 B -11.051 -9.294  -8.365  1.00 17.96 ? 121  GLY A CA  1 
ATOM   898  C C   . GLY A 1 122 B -11.342 -8.468  -9.595  1.00 17.72 ? 121  GLY A C   1 
ATOM   899  O O   . GLY A 1 122 B -10.639 -7.525  -9.955  1.00 17.87 ? 121  GLY A O   1 
ATOM   900  N N   . LEU A 1 123 ? -12.431 -8.800  -10.278 1.00 17.35 ? 122  LEU A N   1 
ATOM   901  C CA  . LEU A 1 123 ? -12.788 -8.071  -11.476 1.00 17.29 ? 122  LEU A CA  1 
ATOM   902  C C   . LEU A 1 123 ? -13.160 -6.598  -11.208 1.00 16.46 ? 122  LEU A C   1 
ATOM   903  O O   . LEU A 1 123 ? -12.781 -5.689  -11.949 1.00 17.56 ? 122  LEU A O   1 
ATOM   904  C CB  . LEU A 1 123 ? -13.981 -8.778  -12.139 1.00 18.17 ? 122  LEU A CB  1 
ATOM   905  C CG  . LEU A 1 123 ? -14.248 -8.483  -13.601 1.00 19.56 ? 122  LEU A CG  1 
ATOM   906  C CD1 . LEU A 1 123 ? -13.115 -9.019  -14.463 1.00 19.85 ? 122  LEU A CD1 1 
ATOM   907  C CD2 . LEU A 1 123 ? -15.570 -9.156  -13.997 1.00 20.74 ? 122  LEU A CD2 1 
ATOM   908  N N   . ASN A 1 124 ? -13.912 -6.405  -10.133 1.00 15.25 ? 123  ASN A N   1 
ATOM   909  C CA  . ASN A 1 124 ? -14.468 -5.110  -9.744  1.00 15.15 ? 123  ASN A CA  1 
ATOM   910  C C   . ASN A 1 124 ? -13.994 -4.745  -8.345  1.00 15.88 ? 123  ASN A C   1 
ATOM   911  O O   . ASN A 1 124 ? -13.353 -5.548  -7.683  1.00 18.81 ? 123  ASN A O   1 
ATOM   912  C CB  . ASN A 1 124 ? -15.993 -5.217  -9.714  1.00 14.09 ? 123  ASN A CB  1 
ATOM   913  C CG  . ASN A 1 124 ? -16.594 -5.627  -11.061 1.00 14.74 ? 123  ASN A CG  1 
ATOM   914  O OD1 . ASN A 1 124 ? -16.308 -5.023  -12.079 1.00 17.95 ? 123  ASN A OD1 1 
ATOM   915  N ND2 . ASN A 1 124 ? -17.446 -6.643  -11.045 1.00 15.82 ? 123  ASN A ND2 1 
ATOM   916  N N   . VAL A 1 125 ? -14.287 -3.530  -7.917  1.00 14.29 ? 124  VAL A N   1 
ATOM   917  C CA  . VAL A 1 125 ? -14.103 -3.126  -6.527  1.00 14.35 ? 124  VAL A CA  1 
ATOM   918  C C   . VAL A 1 125 ? -15.486 -3.206  -5.862  1.00 14.98 ? 124  VAL A C   1 
ATOM   919  O O   . VAL A 1 125 ? -16.388 -2.479  -6.246  1.00 15.63 ? 124  VAL A O   1 
ATOM   920  C CB  . VAL A 1 125 ? -13.532 -1.700  -6.472  1.00 14.17 ? 124  VAL A CB  1 
ATOM   921  C CG1 . VAL A 1 125 ? -13.330 -1.243  -5.012  1.00 14.70 ? 124  VAL A CG1 1 
ATOM   922  C CG2 . VAL A 1 125 ? -12.228 -1.637  -7.207  1.00 14.77 ? 124  VAL A CG2 1 
ATOM   923  N N   . GLU A 1 126 ? -15.639 -4.113  -4.914  1.00 16.20 ? 125  GLU A N   1 
ATOM   924  C CA  . GLU A 1 126 ? -16.929 -4.315  -4.255  1.00 17.55 ? 125  GLU A CA  1 
ATOM   925  C C   . GLU A 1 126 ? -17.285 -3.236  -3.248  1.00 17.33 ? 125  GLU A C   1 
ATOM   926  O O   . GLU A 1 126 ? -16.414 -2.651  -2.611  1.00 16.54 ? 125  GLU A O   1 
ATOM   927  C CB  . GLU A 1 126 ? -16.967 -5.678  -3.604  1.00 18.24 ? 125  GLU A CB  1 
ATOM   928  C CG  . GLU A 1 126 ? -16.777 -6.810  -4.604  1.00 21.38 ? 125  GLU A CG  1 
ATOM   929  C CD  . GLU A 1 126 ? -17.231 -8.128  -4.040  1.00 24.25 ? 125  GLU A CD  1 
ATOM   930  O OE1 . GLU A 1 126 ? -16.372 -8.920  -3.589  1.00 31.96 ? 125  GLU A OE1 1 
ATOM   931  O OE2 . GLU A 1 126 ? -18.465 -8.361  -4.029  1.00 33.41 ? 125  GLU A OE2 1 
ATOM   932  N N   . ASP A 1 127 ? -18.585 -2.961  -3.102  1.00 17.39 ? 126  ASP A N   1 
ATOM   933  C CA  . ASP A 1 127 ? -19.032 -1.975  -2.127  1.00 18.36 ? 126  ASP A CA  1 
ATOM   934  C C   . ASP A 1 127 ? -18.485 -2.263  -0.729  1.00 17.84 ? 126  ASP A C   1 
ATOM   935  O O   . ASP A 1 127 ? -18.154 -1.337  0.022   1.00 17.87 ? 126  ASP A O   1 
ATOM   936  C CB  . ASP A 1 127 ? -20.572 -1.973  -2.046  1.00 18.00 ? 126  ASP A CB  1 
ATOM   937  C CG  . ASP A 1 127 ? -21.234 -1.366  -3.267  1.00 20.95 ? 126  ASP A CG  1 
ATOM   938  O OD1 . ASP A 1 127 ? -20.556 -0.838  -4.170  1.00 22.85 ? 126  ASP A OD1 1 
ATOM   939  O OD2 . ASP A 1 127 ? -22.485 -1.384  -3.308  1.00 21.86 ? 126  ASP A OD2 1 
ATOM   940  N N   . GLU A 1 128 ? -18.451 -3.538  -0.363  1.00 19.09 ? 127  GLU A N   1 
ATOM   941  C CA  . GLU A 1 128 ? -17.942 -3.948  0.940   1.00 21.22 ? 127  GLU A CA  1 
ATOM   942  C C   . GLU A 1 128 ? -16.452 -3.559  1.099   1.00 20.52 ? 127  GLU A C   1 
ATOM   943  O O   . GLU A 1 128 ? -16.028 -3.096  2.172   1.00 19.87 ? 127  GLU A O   1 
ATOM   944  C CB  . GLU A 1 128 ? -18.191 -5.451  1.150   1.00 22.99 ? 127  GLU A CB  1 
ATOM   945  C CG  . GLU A 1 128 ? -19.678 -5.823  1.297   1.00 25.67 ? 127  GLU A CG  1 
ATOM   946  C CD  . GLU A 1 128 ? -19.928 -7.309  1.608   1.00 28.20 ? 127  GLU A CD  1 
ATOM   947  O OE1 . GLU A 1 128 ? -19.000 -8.151  1.446   1.00 37.70 ? 127  GLU A OE1 1 
ATOM   948  O OE2 . GLU A 1 128 ? -21.069 -7.641  2.021   1.00 34.70 ? 127  GLU A OE2 1 
ATOM   949  N N   . ASP A 1 129 ? -15.675 -3.709  0.017   1.00 19.67 ? 128  ASP A N   1 
ATOM   950  C CA  . ASP A 1 129 ? -14.261 -3.259  -0.028  1.00 19.36 ? 128  ASP A CA  1 
ATOM   951  C C   . ASP A 1 129 ? -14.123 -1.770  0.270   1.00 16.51 ? 128  ASP A C   1 
ATOM   952  O O   . ASP A 1 129 ? -13.301 -1.348  1.127   1.00 17.03 ? 128  ASP A O   1 
ATOM   953  C CB  . ASP A 1 129 ? -13.630 -3.502  -1.429  1.00 20.30 ? 128  ASP A CB  1 
ATOM   954  C CG  . ASP A 1 129 ? -13.693 -4.967  -1.900  1.00 23.22 ? 128  ASP A CG  1 
ATOM   955  O OD1 . ASP A 1 129 ? -13.874 -5.874  -1.048  1.00 26.71 ? 128  ASP A OD1 1 
ATOM   956  O OD2 . ASP A 1 129 ? -13.505 -5.202  -3.147  1.00 24.31 ? 128  ASP A OD2 1 
ATOM   957  N N   . LEU A 1 130 ? -14.875 -0.963  -0.483  1.00 15.31 ? 129  LEU A N   1 
ATOM   958  C CA  . LEU A 1 130 ? -14.873 0.477   -0.334  1.00 15.10 ? 129  LEU A CA  1 
ATOM   959  C C   . LEU A 1 130 ? -15.271 0.886   1.063   1.00 14.31 ? 129  LEU A C   1 
ATOM   960  O O   . LEU A 1 130 ? -14.677 1.813   1.613   1.00 15.29 ? 129  LEU A O   1 
ATOM   961  C CB  . LEU A 1 130 ? -15.840 1.165   -1.307  1.00 14.91 ? 129  LEU A CB  1 
ATOM   962  C CG  . LEU A 1 130 ? -15.510 1.063   -2.788  1.00 14.17 ? 129  LEU A CG  1 
ATOM   963  C CD1 . LEU A 1 130 ? -16.662 1.577   -3.655  1.00 15.85 ? 129  LEU A CD1 1 
ATOM   964  C CD2 . LEU A 1 130 ? -14.218 1.833   -3.073  1.00 15.63 ? 129  LEU A CD2 1 
ATOM   965  N N   . GLU A 1 131 ? -16.295 0.245   1.637   1.00 14.32 ? 130  GLU A N   1 
ATOM   966  C CA  . GLU A 1 131 ? -16.765 0.703   2.941   1.00 14.72 ? 130  GLU A CA  1 
ATOM   967  C C   . GLU A 1 131 ? -15.695 0.511   4.009   1.00 14.57 ? 130  GLU A C   1 
ATOM   968  O O   . GLU A 1 131 ? -15.520 1.380   4.857   1.00 14.92 ? 130  GLU A O   1 
ATOM   969  C CB  . GLU A 1 131 ? -18.107 0.059   3.350   1.00 16.00 ? 130  GLU A CB  1 
ATOM   970  C CG  . GLU A 1 131 ? -18.076 -1.368  3.769   1.00 18.02 ? 130  GLU A CG  1 
ATOM   971  C CD  . GLU A 1 131 ? -17.908 -1.560  5.263   1.00 20.59 ? 130  GLU A CD  1 
ATOM   972  O OE1 . GLU A 1 131 ? -17.684 -0.548  5.975   1.00 21.16 ? 130  GLU A OE1 1 
ATOM   973  O OE2 . GLU A 1 131 ? -18.007 -2.728  5.715   1.00 23.12 ? 130  GLU A OE2 1 
ATOM   974  N N   . LYS A 1 132 ? -14.991 -0.610  3.968   1.00 14.17 ? 131  LYS A N   1 
ATOM   975  C CA  . LYS A 1 132 ? -13.945 -0.884  4.944   1.00 14.84 ? 131  LYS A CA  1 
ATOM   976  C C   . LYS A 1 132 ? -12.803 0.108   4.799   1.00 13.67 ? 131  LYS A C   1 
ATOM   977  O O   . LYS A 1 132 ? -12.256 0.633   5.798   1.00 14.00 ? 131  LYS A O   1 
ATOM   978  C CB  . LYS A 1 132 ? -13.452 -2.326  4.791   1.00 15.20 ? 131  LYS A CB  1 
ATOM   979  C CG  . LYS A 1 132 ? -14.451 -3.334  5.289   1.00 19.09 ? 131  LYS A CG  1 
ATOM   980  C CD  . LYS A 1 132 ? -14.008 -4.745  5.165   1.00 20.48 ? 131  LYS A CD  1 
ATOM   981  C CE  . LYS A 1 132 ? -14.918 -5.640  5.988   1.00 24.30 ? 131  LYS A CE  1 
ATOM   982  N NZ  . LYS A 1 132 ? -14.398 -7.033  6.053   1.00 27.90 ? 131  LYS A NZ  1 
ATOM   983  N N   . PHE A 1 133 ? -12.454 0.408   3.550   1.00 12.69 ? 132  PHE A N   1 
ATOM   984  C CA  . PHE A 1 133 ? -11.370 1.368   3.325   1.00 12.71 ? 132  PHE A CA  1 
ATOM   985  C C   . PHE A 1 133 ? -11.716 2.757   3.865   1.00 12.78 ? 132  PHE A C   1 
ATOM   986  O O   . PHE A 1 133 ? -10.916 3.392   4.579   1.00 12.86 ? 132  PHE A O   1 
ATOM   987  C CB  . PHE A 1 133 ? -10.988 1.478   1.849   1.00 12.14 ? 132  PHE A CB  1 
ATOM   988  C CG  . PHE A 1 133 ? -10.043 2.617   1.582   1.00 11.04 ? 132  PHE A CG  1 
ATOM   989  C CD1 . PHE A 1 133 ? -10.488 3.833   1.082   1.00 11.28 ? 132  PHE A CD1 1 
ATOM   990  C CD2 . PHE A 1 133 ? -8.679  2.491   1.897   1.00 12.26 ? 132  PHE A CD2 1 
ATOM   991  C CE1 . PHE A 1 133 ? -9.632  4.881   0.853   1.00 11.20 ? 132  PHE A CE1 1 
ATOM   992  C CE2 . PHE A 1 133 ? -7.813  3.552   1.679   1.00 11.11 ? 132  PHE A CE2 1 
ATOM   993  C CZ  . PHE A 1 133 ? -8.289  4.756   1.175   1.00 11.53 ? 132  PHE A CZ  1 
ATOM   994  N N   . TRP A 1 134 ? -12.906 3.250   3.521   1.00 13.15 ? 133  TRP A N   1 
ATOM   995  C CA  . TRP A 1 134 ? -13.269 4.619   3.864   1.00 13.59 ? 133  TRP A CA  1 
ATOM   996  C C   . TRP A 1 134 ? -13.519 4.771   5.379   1.00 14.55 ? 133  TRP A C   1 
ATOM   997  O O   . TRP A 1 134 ? -13.195 5.822   5.952   1.00 14.90 ? 133  TRP A O   1 
ATOM   998  C CB  . TRP A 1 134 ? -14.440 5.125   2.980   1.00 14.39 ? 133  TRP A CB  1 
ATOM   999  C CG  . TRP A 1 134 ? -13.968 5.481   1.596   1.00 13.82 ? 133  TRP A CG  1 
ATOM   1000 C CD1 . TRP A 1 134 ? -14.140 4.760   0.468   1.00 14.88 ? 133  TRP A CD1 1 
ATOM   1001 C CD2 . TRP A 1 134 ? -13.148 6.587   1.237   1.00 14.27 ? 133  TRP A CD2 1 
ATOM   1002 N NE1 . TRP A 1 134 ? -13.512 5.369   -0.601  1.00 15.89 ? 133  TRP A NE1 1 
ATOM   1003 C CE2 . TRP A 1 134 ? -12.895 6.498   -0.151  1.00 15.69 ? 133  TRP A CE2 1 
ATOM   1004 C CE3 . TRP A 1 134 ? -12.607 7.654   1.950   1.00 15.69 ? 133  TRP A CE3 1 
ATOM   1005 C CZ2 . TRP A 1 134 ? -12.143 7.439   -0.829  1.00 15.82 ? 133  TRP A CZ2 1 
ATOM   1006 C CZ3 . TRP A 1 134 ? -11.872 8.610   1.257   1.00 15.43 ? 133  TRP A CZ3 1 
ATOM   1007 C CH2 . TRP A 1 134 ? -11.639 8.482   -0.107  1.00 15.64 ? 133  TRP A CH2 1 
ATOM   1008 N N   . LYS A 1 135 ? -14.061 3.741   6.019   1.00 15.37 ? 134  LYS A N   1 
ATOM   1009 C CA  . LYS A 1 135 ? -14.208 3.792   7.494   1.00 16.49 ? 134  LYS A CA  1 
ATOM   1010 C C   . LYS A 1 135 ? -12.850 3.885   8.179   1.00 16.26 ? 134  LYS A C   1 
ATOM   1011 O O   . LYS A 1 135 ? -12.659 4.737   9.070   1.00 15.99 ? 134  LYS A O   1 
ATOM   1012 C CB  . LYS A 1 135 ? -14.990 2.615   8.028   1.00 17.57 ? 134  LYS A CB  1 
ATOM   1013 C CG  . LYS A 1 135 ? -15.276 2.759   9.540   1.00 19.39 ? 134  LYS A CG  1 
ATOM   1014 C CD  . LYS A 1 135 ? -16.096 1.621   10.081  1.00 21.94 ? 134  LYS A CD  1 
ATOM   1015 C CE  . LYS A 1 135 ? -16.440 1.850   11.559  1.00 25.23 ? 134  LYS A CE  1 
ATOM   1016 N NZ  . LYS A 1 135 ? -15.231 1.996   12.406  1.00 28.23 ? 134  LYS A NZ  1 
ATOM   1017 N N   . LEU A 1 136 ? -11.914 3.029   7.745   1.00 14.78 ? 135  LEU A N   1 
ATOM   1018 C CA  . LEU A 1 136 ? -10.555 2.999   8.316   1.00 15.06 ? 135  LEU A CA  1 
ATOM   1019 C C   . LEU A 1 136 ? -9.864  4.353   8.129   1.00 14.50 ? 135  LEU A C   1 
ATOM   1020 O O   . LEU A 1 136 ? -9.206  4.846   9.048   1.00 15.15 ? 135  LEU A O   1 
ATOM   1021 C CB  . LEU A 1 136 ? -9.720  1.897   7.663   1.00 14.36 ? 135  LEU A CB  1 
ATOM   1022 C CG  . LEU A 1 136 ? -8.252  1.832   8.074   1.00 14.88 ? 135  LEU A CG  1 
ATOM   1023 C CD1 . LEU A 1 136 ? -8.084  1.587   9.563   1.00 16.32 ? 135  LEU A CD1 1 
ATOM   1024 C CD2 . LEU A 1 136 ? -7.564  0.748   7.270   1.00 14.82 ? 135  LEU A CD2 1 
ATOM   1025 N N   . THR A 1 137 ? -9.982  4.931   6.938   1.00 13.46 ? 136  THR A N   1 
ATOM   1026 C CA  . THR A 1 137 ? -9.374  6.209   6.608   1.00 14.59 ? 136  THR A CA  1 
ATOM   1027 C C   . THR A 1 137 ? -9.929  7.331   7.508   1.00 15.69 ? 136  THR A C   1 
ATOM   1028 O O   . THR A 1 137 ? -9.160  8.177   7.995   1.00 16.07 ? 136  THR A O   1 
ATOM   1029 C CB  . THR A 1 137 ? -9.563  6.480   5.095   1.00 13.89 ? 136  THR A CB  1 
ATOM   1030 O OG1 . THR A 1 137 ? -8.931  5.390   4.375   1.00 13.71 ? 136  THR A OG1 1 
ATOM   1031 C CG2 . THR A 1 137 ? -8.970  7.811   4.652   1.00 14.70 ? 136  THR A CG2 1 
ATOM   1032 N N   . GLU A 1 138 ? -11.247 7.320   7.731   1.00 16.24 ? 137  GLU A N   1 
ATOM   1033 C CA  . GLU A 1 138 ? -11.865 8.321   8.628   1.00 17.70 ? 137  GLU A CA  1 
ATOM   1034 C C   . GLU A 1 138 ? -11.350 8.110   10.056  1.00 18.38 ? 137  GLU A C   1 
ATOM   1035 O O   . GLU A 1 138 ? -11.030 9.083   10.768  1.00 19.09 ? 137  GLU A O   1 
ATOM   1036 C CB  . GLU A 1 138 ? -13.388 8.232   8.607   1.00 18.45 ? 137  GLU A CB  1 
ATOM   1037 C CG  . GLU A 1 138 ? -14.053 9.406   9.347   1.00 19.64 ? 137  GLU A CG  1 
ATOM   1038 C CD  . GLU A 1 138 ? -15.562 9.334   9.395   0.50 19.10 ? 137  GLU A CD  1 
ATOM   1039 O OE1 . GLU A 1 138 ? -16.098 8.277   9.782   0.50 21.55 ? 137  GLU A OE1 1 
ATOM   1040 O OE2 . GLU A 1 138 ? -16.213 10.355  9.072   0.50 23.42 ? 137  GLU A OE2 1 
ATOM   1041 N N   . ASP A 1 139 ? -11.266 6.853   10.467  1.00 18.75 ? 138  ASP A N   1 
ATOM   1042 C CA  . ASP A 1 139 ? -10.853 6.486   11.831  1.00 20.82 ? 138  ASP A CA  1 
ATOM   1043 C C   . ASP A 1 139 ? -9.411  6.910   12.123  1.00 20.94 ? 138  ASP A C   1 
ATOM   1044 O O   . ASP A 1 139 ? -9.084  7.270   13.256  1.00 22.55 ? 138  ASP A O   1 
ATOM   1045 C CB  . ASP A 1 139 ? -11.009 4.976   12.078  1.00 21.11 ? 138  ASP A CB  1 
ATOM   1046 C CG  . ASP A 1 139 ? -12.490 4.532   12.211  1.00 24.15 ? 138  ASP A CG  1 
ATOM   1047 O OD1 . ASP A 1 139 ? -13.400 5.389   12.273  1.00 29.06 ? 138  ASP A OD1 1 
ATOM   1048 O OD2 . ASP A 1 139 ? -12.746 3.306   12.248  1.00 26.33 ? 138  ASP A OD2 1 
ATOM   1049 N N   . LYS A 1 140 ? -8.552  6.871   11.108  1.00 20.40 ? 139  LYS A N   1 
ATOM   1050 C CA  . LYS A 1 140 ? -7.169  7.318   11.255  1.00 20.45 ? 139  LYS A CA  1 
ATOM   1051 C C   . LYS A 1 140 ? -6.962  8.826   11.015  1.00 20.21 ? 139  LYS A C   1 
ATOM   1052 O O   . LYS A 1 140 ? -5.813  9.304   11.010  1.00 21.19 ? 139  LYS A O   1 
ATOM   1053 C CB  . LYS A 1 140 ? -6.228  6.479   10.371  1.00 20.55 ? 139  LYS A CB  1 
ATOM   1054 C CG  . LYS A 1 140 ? -6.245  5.003   10.699  1.00 21.45 ? 139  LYS A CG  1 
ATOM   1055 C CD  . LYS A 1 140 ? -5.794  4.736   12.118  1.00 23.69 ? 139  LYS A CD  1 
ATOM   1056 C CE  . LYS A 1 140 ? -5.623  3.271   12.376  1.00 24.89 ? 139  LYS A CE  1 
ATOM   1057 N NZ  . LYS A 1 140 ? -5.154  3.032   13.769  1.00 28.08 ? 139  LYS A NZ  1 
ATOM   1058 N N   . GLY A 1 141 ? -8.041  9.582   10.844  1.00 19.91 ? 140  GLY A N   1 
ATOM   1059 C CA  . GLY A 1 141 ? -7.951  11.048  10.744  1.00 20.24 ? 140  GLY A CA  1 
ATOM   1060 C C   . GLY A 1 141 ? -7.407  11.555  9.427   1.00 20.72 ? 140  GLY A C   1 
ATOM   1061 O O   . GLY A 1 141 ? -6.803  12.632  9.357   1.00 22.01 ? 140  GLY A O   1 
ATOM   1062 N N   . ILE A 1 142 ? -7.616  10.780  8.370   1.00 19.54 ? 141  ILE A N   1 
ATOM   1063 C CA  . ILE A 1 142 ? -7.104  11.137  7.055   1.00 19.77 ? 141  ILE A CA  1 
ATOM   1064 C C   . ILE A 1 142 ? -8.200  11.837  6.242   1.00 20.68 ? 141  ILE A C   1 
ATOM   1065 O O   . ILE A 1 142 ? -9.296  11.313  6.079   1.00 21.67 ? 141  ILE A O   1 
ATOM   1066 C CB  . ILE A 1 142 ? -6.554  9.888   6.336   1.00 18.49 ? 141  ILE A CB  1 
ATOM   1067 C CG1 . ILE A 1 142 ? -5.263  9.431   7.038   1.00 17.64 ? 141  ILE A CG1 1 
ATOM   1068 C CG2 . ILE A 1 142 ? -6.292  10.192  4.868   1.00 18.47 ? 141  ILE A CG2 1 
ATOM   1069 C CD1 . ILE A 1 142 ? -4.767  8.031   6.655   1.00 19.07 ? 141  ILE A CD1 1 
ATOM   1070 N N   . ASP A 1 143 ? -7.873  13.020  5.738   1.00 22.50 ? 142  ASP A N   1 
ATOM   1071 C CA  . ASP A 1 143 ? -8.827  13.831  4.975   1.00 23.39 ? 142  ASP A CA  1 
ATOM   1072 C C   . ASP A 1 143 ? -8.999  13.261  3.565   1.00 23.75 ? 142  ASP A C   1 
ATOM   1073 O O   . ASP A 1 143 ? -8.062  12.708  2.994   1.00 23.11 ? 142  ASP A O   1 
ATOM   1074 C CB  . ASP A 1 143 ? -8.333  15.270  4.889   1.00 24.70 ? 142  ASP A CB  1 
ATOM   1075 C CG  . ASP A 1 143 ? -8.326  15.971  6.241   1.00 27.53 ? 142  ASP A CG  1 
ATOM   1076 O OD1 . ASP A 1 143 ? -7.540  16.928  6.380   1.00 34.39 ? 142  ASP A OD1 1 
ATOM   1077 O OD2 . ASP A 1 143 ? -9.096  15.577  7.145   0.10 27.86 ? 142  ASP A OD2 1 
ATOM   1078 N N   . LYS A 1 144 ? -10.184 13.455  2.996   1.00 24.71 ? 143  LYS A N   1 
ATOM   1079 C CA  . LYS A 1 144 ? -10.503 12.927  1.659   1.00 24.28 ? 143  LYS A CA  1 
ATOM   1080 C C   . LYS A 1 144 ? -9.559  13.456  0.570   1.00 23.41 ? 143  LYS A C   1 
ATOM   1081 O O   . LYS A 1 144 ? -9.244  12.728  -0.369  1.00 21.78 ? 143  LYS A O   1 
ATOM   1082 C CB  . LYS A 1 144 ? -11.960 13.251  1.315   1.00 25.48 ? 143  LYS A CB  1 
ATOM   1083 C CG  . LYS A 1 144 ? -12.328 13.134  -0.141  1.00 26.09 ? 143  LYS A CG  1 
ATOM   1084 C CD  . LYS A 1 144 ? -13.638 13.850  -0.403  1.00 27.03 ? 143  LYS A CD  1 
ATOM   1085 C CE  . LYS A 1 144 ? -14.027 13.831  -1.839  1.00 28.43 ? 143  LYS A CE  1 
ATOM   1086 N NZ  . LYS A 1 144 ? -13.079 14.569  -2.712  1.00 27.25 ? 143  LYS A NZ  1 
ATOM   1087 N N   . LYS A 1 145 ? -9.098  14.707  0.702   1.00 22.79 ? 144  LYS A N   1 
ATOM   1088 C CA  . LYS A 1 145 ? -8.162  15.322  -0.251  1.00 23.33 ? 144  LYS A CA  1 
ATOM   1089 C C   . LYS A 1 145 ? -6.754  14.726  -0.198  1.00 21.55 ? 144  LYS A C   1 
ATOM   1090 O O   . LYS A 1 145 ? -5.935  14.970  -1.086  1.00 22.52 ? 144  LYS A O   1 
ATOM   1091 C CB  . LYS A 1 145 ? -8.081  16.842  -0.047  1.00 24.17 ? 144  LYS A CB  1 
ATOM   1092 C CG  . LYS A 1 145 ? -7.677  17.270  1.359   1.00 26.96 ? 144  LYS A CG  1 
ATOM   1093 C CD  . LYS A 1 145 ? -8.511  18.466  1.849   1.00 28.01 ? 144  LYS A CD  1 
ATOM   1094 C CE  . LYS A 1 145 ? -10.018 18.161  1.878   1.00 31.30 ? 144  LYS A CE  1 
ATOM   1095 N NZ  . LYS A 1 145 ? -10.388 16.843  2.474   1.00 30.47 ? 144  LYS A NZ  1 
ATOM   1096 N N   . ASN A 1 146 ? -6.494  13.938  0.849   1.00 19.99 ? 145  ASN A N   1 
ATOM   1097 C CA  . ASN A 1 146 ? -5.229  13.263  1.025   1.00 18.62 ? 145  ASN A CA  1 
ATOM   1098 C C   . ASN A 1 146 ? -5.314  11.769  0.751   1.00 16.80 ? 145  ASN A C   1 
ATOM   1099 O O   . ASN A 1 146 ? -4.528  10.979  1.278   1.00 14.86 ? 145  ASN A O   1 
ATOM   1100 C CB  . ASN A 1 146 ? -4.691  13.543  2.422   1.00 19.52 ? 145  ASN A CB  1 
ATOM   1101 C CG  . ASN A 1 146 ? -4.365  15.035  2.617   1.00 22.11 ? 145  ASN A CG  1 
ATOM   1102 O OD1 . ASN A 1 146 ? -4.485  15.567  3.710   1.00 28.20 ? 145  ASN A OD1 1 
ATOM   1103 N ND2 . ASN A 1 146 ? -3.938  15.688  1.538   1.00 23.95 ? 145  ASN A ND2 1 
ATOM   1104 N N   . VAL A 1 147 ? -6.255  11.398  -0.109  1.00 15.03 ? 146  VAL A N   1 
ATOM   1105 C CA  . VAL A 1 147 ? -6.327  10.045  -0.644  1.00 14.22 ? 146  VAL A CA  1 
ATOM   1106 C C   . VAL A 1 147 ? -6.107  10.134  -2.164  1.00 15.02 ? 146  VAL A C   1 
ATOM   1107 O O   . VAL A 1 147 ? -6.729  10.989  -2.828  1.00 16.66 ? 146  VAL A O   1 
ATOM   1108 C CB  . VAL A 1 147 ? -7.710  9.429   -0.357  1.00 13.64 ? 146  VAL A CB  1 
ATOM   1109 C CG1 . VAL A 1 147 ? -7.841  8.075   -1.001  1.00 12.93 ? 146  VAL A CG1 1 
ATOM   1110 C CG2 . VAL A 1 147 ? -7.959  9.330   1.149   1.00 14.18 ? 146  VAL A CG2 1 
ATOM   1111 N N   . VAL A 1 148 ? -5.222  9.292   -2.687  1.00 13.89 ? 147  VAL A N   1 
ATOM   1112 C CA  . VAL A 1 148 ? -4.940  9.216   -4.135  1.00 14.38 ? 147  VAL A CA  1 
ATOM   1113 C C   . VAL A 1 148 ? -5.701  8.069   -4.805  1.00 13.78 ? 147  VAL A C   1 
ATOM   1114 O O   . VAL A 1 148 ? -5.723  6.951   -4.300  1.00 12.92 ? 147  VAL A O   1 
ATOM   1115 C CB  . VAL A 1 148 ? -3.426  9.049   -4.386  1.00 14.96 ? 147  VAL A CB  1 
ATOM   1116 C CG1 . VAL A 1 148 ? -3.112  8.790   -5.847  1.00 14.29 ? 147  VAL A CG1 1 
ATOM   1117 C CG2 . VAL A 1 148 ? -2.706  10.306  -3.908  1.00 16.88 ? 147  VAL A CG2 1 
ATOM   1118 N N   . ASN A 1 149 ? -6.274  8.389   -5.971  1.00 13.88 ? 148  ASN A N   1 
ATOM   1119 C CA  . ASN A 1 149 ? -6.994  7.461   -6.858  1.00 14.07 ? 148  ASN A CA  1 
ATOM   1120 C C   . ASN A 1 149 ? -5.999  6.948   -7.881  1.00 13.45 ? 148  ASN A C   1 
ATOM   1121 O O   . ASN A 1 149 ? -5.527  7.731   -8.707  1.00 14.20 ? 148  ASN A O   1 
ATOM   1122 C CB  . ASN A 1 149 ? -8.112  8.269   -7.565  1.00 14.19 ? 148  ASN A CB  1 
ATOM   1123 C CG  . ASN A 1 149 ? -8.771  7.550   -8.719  1.00 14.47 ? 148  ASN A CG  1 
ATOM   1124 O OD1 . ASN A 1 149 ? -8.599  6.360   -8.913  1.00 14.05 ? 148  ASN A OD1 1 
ATOM   1125 N ND2 . ASN A 1 149 ? -9.551  8.311   -9.510  1.00 17.62 ? 148  ASN A ND2 1 
ATOM   1126 N N   . PHE A 1 150 ? -5.687  5.660   -7.838  1.00 12.92 ? 149  PHE A N   1 
ATOM   1127 C CA  . PHE A 1 150 ? -4.626  5.067   -8.672  1.00 13.23 ? 149  PHE A CA  1 
ATOM   1128 C C   . PHE A 1 150 ? -5.069  4.734   -10.102 1.00 13.63 ? 149  PHE A C   1 
ATOM   1129 O O   . PHE A 1 150 ? -4.336  4.057   -10.865 1.00 14.92 ? 149  PHE A O   1 
ATOM   1130 C CB  . PHE A 1 150 ? -3.976  3.888   -7.941  1.00 12.96 ? 149  PHE A CB  1 
ATOM   1131 C CG  . PHE A 1 150 ? -3.006  4.344   -6.897  1.00 12.72 ? 149  PHE A CG  1 
ATOM   1132 C CD1 . PHE A 1 150 ? -3.450  4.845   -5.685  1.00 12.56 ? 149  PHE A CD1 1 
ATOM   1133 C CD2 . PHE A 1 150 ? -1.651  4.340   -7.152  1.00 12.76 ? 149  PHE A CD2 1 
ATOM   1134 C CE1 . PHE A 1 150 ? -2.548  5.329   -4.723  1.00 12.69 ? 149  PHE A CE1 1 
ATOM   1135 C CE2 . PHE A 1 150 ? -0.737  4.813   -6.202  1.00 13.19 ? 149  PHE A CE2 1 
ATOM   1136 C CZ  . PHE A 1 150 ? -1.182  5.299   -4.982  1.00 12.39 ? 149  PHE A CZ  1 
ATOM   1137 N N   . LEU A 1 151 ? -6.234  5.245   -10.499 1.00 13.92 ? 150  LEU A N   1 
ATOM   1138 C CA  . LEU A 1 151 ? -6.554  5.274   -11.928 1.00 15.04 ? 150  LEU A CA  1 
ATOM   1139 C C   . LEU A 1 151 ? -5.896  6.478   -12.598 1.00 15.72 ? 150  LEU A C   1 
ATOM   1140 O O   . LEU A 1 151 ? -5.925  6.592   -13.826 1.00 15.74 ? 150  LEU A O   1 
ATOM   1141 C CB  . LEU A 1 151 ? -8.071  5.275   -12.134 1.00 15.32 ? 150  LEU A CB  1 
ATOM   1142 C CG  . LEU A 1 151 ? -8.765  3.996   -11.676 1.00 16.60 ? 150  LEU A CG  1 
ATOM   1143 C CD1 . LEU A 1 151 ? -10.291 4.199   -11.650 1.00 18.86 ? 150  LEU A CD1 1 
ATOM   1144 C CD2 . LEU A 1 151 ? -8.389  2.833   -12.567 1.00 19.84 ? 150  LEU A CD2 1 
ATOM   1145 N N   . GLU A 1 152 ? -5.297  7.368   -11.804 1.00 16.77 ? 151  GLU A N   1 
ATOM   1146 C CA  . GLU A 1 152 ? -4.526  8.496   -12.362 1.00 18.72 ? 151  GLU A CA  1 
ATOM   1147 C C   . GLU A 1 152 ? -3.258  7.998   -13.065 1.00 18.78 ? 151  GLU A C   1 
ATOM   1148 O O   . GLU A 1 152 ? -2.654  7.039   -12.625 1.00 18.03 ? 151  GLU A O   1 
ATOM   1149 C CB  . GLU A 1 152 ? -4.161  9.470   -11.245 1.00 20.08 ? 151  GLU A CB  1 
ATOM   1150 C CG  . GLU A 1 152 ? -5.358  10.272  -10.773 1.00 23.29 ? 151  GLU A CG  1 
ATOM   1151 C CD  . GLU A 1 152 ? -5.075  11.191  -9.604  1.00 24.68 ? 151  GLU A CD  1 
ATOM   1152 O OE1 . GLU A 1 152 ? -3.901  11.369  -9.187  1.00 32.18 ? 151  GLU A OE1 1 
ATOM   1153 O OE2 . GLU A 1 152 ? -6.063  11.773  -9.092  1.00 30.77 ? 151  GLU A OE2 1 
ATOM   1154 N N   . ASN A 1 153 ? -2.887  8.666   -14.156 1.00 19.69 ? 152  ASN A N   1 
ATOM   1155 C CA  . ASN A 1 153 ? -1.635  8.419   -14.887 1.00 20.75 ? 152  ASN A CA  1 
ATOM   1156 C C   . ASN A 1 153 ? -0.444  8.487   -13.929 1.00 20.00 ? 152  ASN A C   1 
ATOM   1157 O O   . ASN A 1 153 ? -0.350  9.423   -13.149 1.00 20.00 ? 152  ASN A O   1 
ATOM   1158 C CB  . ASN A 1 153 ? -1.497  9.497   -15.977 1.00 21.26 ? 152  ASN A CB  1 
ATOM   1159 C CG  . ASN A 1 153 ? -0.579  9.101   -17.128 1.00 21.96 ? 152  ASN A CG  1 
ATOM   1160 O OD1 . ASN A 1 153 ? 0.384   8.333   -16.988 1.00 24.16 ? 152  ASN A OD1 1 
ATOM   1161 N ND2 . ASN A 1 153 ? -0.877  9.655   -18.301 1.00 24.87 ? 152  ASN A ND2 1 
ATOM   1162 N N   . GLU A 1 154 ? 0.424   7.475   -13.960 1.00 20.01 ? 153  GLU A N   1 
ATOM   1163 C CA  . GLU A 1 154 ? 1.663   7.470   -13.173 1.00 20.48 ? 153  GLU A CA  1 
ATOM   1164 C C   . GLU A 1 154 ? 2.662   8.517   -13.694 1.00 20.75 ? 153  GLU A C   1 
ATOM   1165 O O   . GLU A 1 154 ? 3.575   8.896   -12.975 1.00 19.29 ? 153  GLU A O   1 
ATOM   1166 C CB  . GLU A 1 154 ? 2.311   6.089   -13.204 1.00 20.83 ? 153  GLU A CB  1 
ATOM   1167 C CG  . GLU A 1 154 ? 3.473   5.913   -12.227 1.00 20.75 ? 153  GLU A CG  1 
ATOM   1168 C CD  . GLU A 1 154 ? 4.014   4.499   -12.150 1.00 21.71 ? 153  GLU A CD  1 
ATOM   1169 O OE1 . GLU A 1 154 ? 3.520   3.599   -12.874 1.00 23.83 ? 153  GLU A OE1 1 
ATOM   1170 O OE2 . GLU A 1 154 ? 4.964   4.285   -11.356 1.00 24.22 ? 153  GLU A OE2 1 
ATOM   1171 N N   . ASP A 1 155 ? 2.476   8.925   -14.952 1.00 21.28 ? 154  ASP A N   1 
ATOM   1172 C CA  . ASP A 1 155 ? 3.294   9.940   -15.615 1.00 21.88 ? 154  ASP A CA  1 
ATOM   1173 C C   . ASP A 1 155 ? 4.773   9.526   -15.719 1.00 22.25 ? 154  ASP A C   1 
ATOM   1174 O O   . ASP A 1 155 ? 5.675   10.350  -15.510 1.00 22.20 ? 154  ASP A O   1 
ATOM   1175 C CB  . ASP A 1 155 ? 3.124   11.318  -14.951 1.00 22.94 ? 154  ASP A CB  1 
ATOM   1176 C CG  . ASP A 1 155 ? 1.743   11.957  -15.205 1.00 24.58 ? 154  ASP A CG  1 
ATOM   1177 O OD1 . ASP A 1 155 ? 1.280   12.761  -14.403 1.00 31.84 ? 154  ASP A OD1 1 
ATOM   1178 O OD2 . ASP A 1 155 ? 1.109   11.619  -16.318 1.00 28.08 ? 154  ASP A OD2 1 
ATOM   1179 N N   . CYS A 1 156 ? 5.013   8.267   -16.086 1.00 22.39 ? 155  CYS A N   1 
ATOM   1180 C CA  . CYS A 1 156 ? 6.378   7.774   -16.337 1.00 23.35 ? 155  CYS A CA  1 
ATOM   1181 C C   . CYS A 1 156 ? 6.903   8.346   -17.641 1.00 22.68 ? 155  CYS A C   1 
ATOM   1182 O O   . CYS A 1 156 ? 6.173   8.419   -18.614 1.00 21.72 ? 155  CYS A O   1 
ATOM   1183 C CB  . CYS A 1 156 ? 6.396   6.259   -16.447 1.00 24.45 ? 155  CYS A CB  1 
ATOM   1184 S SG  . CYS A 1 156 ? 5.982   5.416   -14.883 1.00 30.37 ? 155  CYS A SG  1 
ATOM   1185 N N   . PRO A 1 157 ? 8.178   8.765   -17.667 1.00 23.13 ? 156  PRO A N   1 
ATOM   1186 C CA  . PRO A 1 157 ? 8.738   9.241   -18.948 1.00 23.73 ? 156  PRO A CA  1 
ATOM   1187 C C   . PRO A 1 157 ? 9.050   8.117   -19.948 1.00 23.70 ? 156  PRO A C   1 
ATOM   1188 O O   . PRO A 1 157 ? 9.331   6.996   -19.548 1.00 23.01 ? 156  PRO A O   1 
ATOM   1189 C CB  . PRO A 1 157 ? 10.020  9.958   -18.517 1.00 23.78 ? 156  PRO A CB  1 
ATOM   1190 C CG  . PRO A 1 157 ? 10.388  9.363   -17.215 1.00 24.13 ? 156  PRO A CG  1 
ATOM   1191 C CD  . PRO A 1 157 ? 9.135   8.875   -16.553 1.00 23.39 ? 156  PRO A CD  1 
ATOM   1192 N N   . HIS A 1 158 ? 9.016   8.430   -21.234 1.00 25.31 ? 157  HIS A N   1 
ATOM   1193 C CA  . HIS A 1 158 ? 9.321   7.418   -22.266 1.00 26.77 ? 157  HIS A CA  1 
ATOM   1194 C C   . HIS A 1 158 ? 10.311  7.905   -23.352 1.00 28.64 ? 157  HIS A C   1 
ATOM   1195 O O   . HIS A 1 158 ? 9.965   7.976   -24.528 1.00 29.63 ? 157  HIS A O   1 
ATOM   1196 C CB  . HIS A 1 158 ? 8.013   6.946   -22.903 1.00 26.35 ? 157  HIS A CB  1 
ATOM   1197 C CG  . HIS A 1 158 ? 7.069   6.267   -21.947 1.00 24.53 ? 157  HIS A CG  1 
ATOM   1198 N ND1 . HIS A 1 158 ? 7.373   5.076   -21.326 1.00 26.04 ? 157  HIS A ND1 1 
ATOM   1199 C CD2 . HIS A 1 158 ? 5.819   6.594   -21.539 1.00 24.51 ? 157  HIS A CD2 1 
ATOM   1200 C CE1 . HIS A 1 158 ? 6.355   4.699   -20.571 1.00 24.72 ? 157  HIS A CE1 1 
ATOM   1201 N NE2 . HIS A 1 158 ? 5.401   5.604   -20.677 1.00 23.93 ? 157  HIS A NE2 1 
ATOM   1202 N N   . PRO A 1 159 ? 11.553  8.185   -22.956 1.00 30.35 ? 158  PRO A N   1 
ATOM   1203 C CA  . PRO A 1 159 ? 12.522  8.856   -23.837 1.00 30.74 ? 158  PRO A CA  1 
ATOM   1204 C C   . PRO A 1 159 ? 13.123  7.980   -24.926 1.00 32.42 ? 158  PRO A C   1 
ATOM   1205 O O   . PRO A 1 159 ? 13.380  6.793   -24.715 1.00 34.25 ? 158  PRO A O   1 
HETATM 1206 O O1  . LIK B 2 .   ? 1.669   -2.353  3.662   1.00 33.27 ? 999  LIK A O1  1 
HETATM 1207 C C21 . LIK B 2 .   ? 0.495   -2.367  3.204   1.00 28.64 ? 999  LIK A C21 1 
HETATM 1208 O O2  . LIK B 2 .   ? -0.152  -3.384  2.853   1.00 31.55 ? 999  LIK A O2  1 
HETATM 1209 C C14 . LIK B 2 .   ? -0.140  -1.045  2.924   1.00 22.97 ? 999  LIK A C14 1 
HETATM 1210 C C12 . LIK B 2 .   ? -0.755  -0.260  4.038   1.00 21.66 ? 999  LIK A C12 1 
HETATM 1211 C CC1 . LIK B 2 .   ? -0.831  -0.707  5.270   1.00 16.50 ? 999  LIK A CC1 1 
HETATM 1212 C C7  . LIK B 2 .   ? -1.343  1.078   3.725   1.00 19.95 ? 999  LIK A C7  1 
HETATM 1213 C C1  . LIK B 2 .   ? -0.845  1.646   2.395   1.00 20.63 ? 999  LIK A C1  1 
HETATM 1214 C C2  . LIK B 2 .   ? 0.671   1.763   2.320   1.00 22.68 ? 999  LIK A C2  1 
HETATM 1215 C CC3 . LIK B 2 .   ? 1.377   2.083   3.396   1.00 17.37 ? 999  LIK A CC3 1 
HETATM 1216 C C3  . LIK B 2 .   ? 1.378   1.536   1.012   1.00 23.12 ? 999  LIK A C3  1 
HETATM 1217 C C4  . LIK B 2 .   ? 2.642   0.686   1.167   1.00 29.16 ? 999  LIK A C4  1 
HETATM 1218 C C5  . LIK B 2 .   ? 3.568   0.766   -0.025  1.00 27.83 ? 999  LIK A C5  1 
HETATM 1219 C C6  . LIK B 2 .   ? 4.882   0.069   0.244   1.00 29.45 ? 999  LIK A C6  1 
HETATM 1220 C C1  . GOL C 3 .   ? 0.063   -2.310  13.962  1.00 42.13 ? 201  GOL A C1  1 
HETATM 1221 O O1  . GOL C 3 .   ? 0.290   -2.617  15.306  1.00 44.60 ? 201  GOL A O1  1 
HETATM 1222 C C2  . GOL C 3 .   ? 0.483   -0.874  13.737  1.00 42.32 ? 201  GOL A C2  1 
HETATM 1223 O O2  . GOL C 3 .   ? -0.181  0.040   14.595  1.00 42.42 ? 201  GOL A O2  1 
HETATM 1224 C C3  . GOL C 3 .   ? 0.129   -0.563  12.307  1.00 42.23 ? 201  GOL A C3  1 
HETATM 1225 O O3  . GOL C 3 .   ? 0.787   0.618   11.960  1.00 41.02 ? 201  GOL A O3  1 
HETATM 1226 O O   . HOH D 4 .   ? 7.294   9.105   7.825   1.00 16.41 ? 1000 HOH A O   1 
HETATM 1227 O O   . HOH D 4 .   ? 3.397   8.841   -10.235 1.00 21.07 ? 1001 HOH A O   1 
HETATM 1228 O O   . HOH D 4 .   ? 10.914  -9.975  11.455  1.00 39.71 ? 1002 HOH A O   1 
HETATM 1229 O O   . HOH D 4 .   ? 5.761   8.869   -6.912  1.00 17.60 ? 1003 HOH A O   1 
HETATM 1230 O O   . HOH D 4 .   ? 2.059   12.576  9.262   1.00 24.47 ? 1004 HOH A O   1 
HETATM 1231 O O   . HOH D 4 .   ? 13.692  4.759   9.752   1.00 18.38 ? 1005 HOH A O   1 
HETATM 1232 O O   . HOH D 4 .   ? -1.769  -0.677  -9.293  1.00 16.97 ? 1006 HOH A O   1 
HETATM 1233 O O   . HOH D 4 .   ? 4.469   6.846   -8.494  1.00 19.48 ? 1007 HOH A O   1 
HETATM 1234 O O   . HOH D 4 .   ? -6.093  11.257  -6.745  1.00 27.70 ? 1008 HOH A O   1 
HETATM 1235 O O   . HOH D 4 .   ? 2.646   -3.508  14.925  1.00 20.34 ? 1009 HOH A O   1 
HETATM 1236 O O   . HOH D 4 .   ? 0.184   5.416   -16.125 1.00 26.31 ? 1010 HOH A O   1 
HETATM 1237 O O   . HOH D 4 .   ? 13.786  -3.506  -5.572  1.00 23.37 ? 1011 HOH A O   1 
HETATM 1238 O O   . HOH D 4 .   ? 11.503  4.905   -8.387  1.00 24.51 ? 1012 HOH A O   1 
HETATM 1239 O O   . HOH D 4 .   ? -12.499 -0.670  8.350   1.00 23.70 ? 1013 HOH A O   1 
HETATM 1240 O O   . HOH D 4 .   ? 2.951   -7.115  20.421  1.00 26.43 ? 1014 HOH A O   1 
HETATM 1241 O O   . HOH D 4 .   ? 13.062  -0.688  -12.684 1.00 29.55 ? 1015 HOH A O   1 
HETATM 1242 O O   . HOH D 4 .   ? 11.903  -5.502  4.293   1.00 20.53 ? 1016 HOH A O   1 
HETATM 1243 O O   . HOH D 4 .   ? -8.654  3.629   -8.151  1.00 18.55 ? 1017 HOH A O   1 
HETATM 1244 O O   . HOH D 4 .   ? 13.675  6.435   -9.422  1.00 28.84 ? 1018 HOH A O   1 
HETATM 1245 O O   . HOH D 4 .   ? 7.533   -11.786 16.604  1.00 38.18 ? 1019 HOH A O   1 
HETATM 1246 O O   . HOH D 4 .   ? -3.426  8.930   12.315  1.00 25.09 ? 1020 HOH A O   1 
HETATM 1247 O O   . HOH D 4 .   ? 9.947   -15.414 2.062   1.00 33.44 ? 1021 HOH A O   1 
HETATM 1248 O O   . HOH D 4 .   ? 6.468   -14.220 0.298   1.00 25.28 ? 1022 HOH A O   1 
HETATM 1249 O O   . HOH D 4 .   ? -18.349 -3.988  8.209   1.00 21.94 ? 1023 HOH A O   1 
HETATM 1250 O O   . HOH D 4 .   ? -9.716  -1.131  -10.218 1.00 25.15 ? 1024 HOH A O   1 
HETATM 1251 O O   . HOH D 4 .   ? 12.167  -10.979 -6.237  0.50 26.15 ? 1025 HOH A O   1 
HETATM 1252 O O   . HOH D 4 .   ? 9.710   5.196   -17.781 1.00 36.78 ? 1026 HOH A O   1 
HETATM 1253 O O   . HOH D 4 .   ? 4.775   1.298   -14.530 1.00 36.03 ? 1027 HOH A O   1 
HETATM 1254 O O   . HOH D 4 .   ? -20.456 -4.182  -4.969  1.00 24.20 ? 1028 HOH A O   1 
HETATM 1255 O O   . HOH D 4 .   ? 10.303  -6.440  -10.277 1.00 36.37 ? 1029 HOH A O   1 
HETATM 1256 O O   . HOH D 4 .   ? 13.790  2.082   0.430   1.00 28.36 ? 1030 HOH A O   1 
HETATM 1257 O O   . HOH D 4 .   ? 11.345  12.030  -5.776  1.00 28.92 ? 1031 HOH A O   1 
HETATM 1258 O O   . HOH D 4 .   ? -1.659  -8.207  9.577   1.00 23.47 ? 1032 HOH A O   1 
HETATM 1259 O O   . HOH D 4 .   ? 6.098   -6.114  -12.526 1.00 37.54 ? 1033 HOH A O   1 
HETATM 1260 O O   . HOH D 4 .   ? 5.534   -2.164  -14.076 1.00 26.30 ? 1034 HOH A O   1 
HETATM 1261 O O   . HOH D 4 .   ? 8.462   -13.487 -4.219  1.00 31.41 ? 1035 HOH A O   1 
HETATM 1262 O O   . HOH D 4 .   ? 9.632   3.814   -22.194 1.00 33.32 ? 1036 HOH A O   1 
HETATM 1263 O O   . HOH D 4 .   ? 12.287  -3.221  -14.456 1.00 42.18 ? 1037 HOH A O   1 
HETATM 1264 O O   . HOH D 4 .   ? -2.238  2.863   14.509  1.00 38.16 ? 1038 HOH A O   1 
HETATM 1265 O O   . HOH D 4 .   ? 7.976   1.000   -13.394 1.00 28.56 ? 1039 HOH A O   1 
HETATM 1266 O O   . HOH D 4 .   ? 11.778  6.044   -15.948 1.00 29.56 ? 1040 HOH A O   1 
HETATM 1267 O O   . HOH D 4 .   ? 15.551  4.925   7.869   1.00 29.41 ? 1041 HOH A O   1 
HETATM 1268 O O   . HOH D 4 .   ? 8.369   11.806  7.115   1.00 32.38 ? 1042 HOH A O   1 
HETATM 1269 O O   . HOH D 4 .   ? 13.835  7.379   -17.503 1.00 31.39 ? 1043 HOH A O   1 
HETATM 1270 O O   . HOH D 4 .   ? -8.604  1.217   -9.329  1.00 30.47 ? 1044 HOH A O   1 
HETATM 1271 O O   . HOH D 4 .   ? 9.142   8.005   4.337   1.00 31.62 ? 1045 HOH A O   1 
HETATM 1272 O O   . HOH D 4 .   ? 18.400  7.462   11.218  1.00 25.20 ? 1046 HOH A O   1 
HETATM 1273 O O   . HOH D 4 .   ? -5.659  -7.072  -10.839 1.00 29.70 ? 1047 HOH A O   1 
HETATM 1274 O O   . HOH D 4 .   ? 6.417   -8.982  -10.855 1.00 38.56 ? 1048 HOH A O   1 
HETATM 1275 O O   . HOH D 4 .   ? -14.526 -1.194  11.978  1.00 31.79 ? 1049 HOH A O   1 
HETATM 1276 O O   . HOH D 4 .   ? 12.882  -6.258  1.206   1.00 28.20 ? 1050 HOH A O   1 
HETATM 1277 O O   . HOH D 4 .   ? -11.713 0.222   10.617  1.00 33.87 ? 1051 HOH A O   1 
HETATM 1278 O O   . HOH D 4 .   ? 11.550  -12.814 6.983   1.00 36.47 ? 1052 HOH A O   1 
HETATM 1279 O O   . HOH D 4 .   ? 7.296   -14.574 9.917   1.00 30.07 ? 1053 HOH A O   1 
HETATM 1280 O O   . HOH D 4 .   ? -11.424 12.152  8.514   1.00 49.48 ? 1054 HOH A O   1 
HETATM 1281 O O   . HOH D 4 .   ? -2.691  -7.994  15.230  1.00 33.69 ? 1055 HOH A O   1 
HETATM 1282 O O   . HOH D 4 .   ? -4.342  13.813  8.278   1.00 35.90 ? 1056 HOH A O   1 
HETATM 1283 O O   . HOH D 4 .   ? -4.565  10.932  -14.937 1.00 29.55 ? 1057 HOH A O   1 
HETATM 1284 O O   . HOH D 4 .   ? 8.275   -1.295  -16.517 1.00 32.89 ? 1058 HOH A O   1 
HETATM 1285 O O   . HOH D 4 .   ? 2.542   -11.754 20.643  1.00 49.49 ? 1059 HOH A O   1 
HETATM 1286 O O   . HOH D 4 .   ? 5.215   12.671  8.024   1.00 36.22 ? 1060 HOH A O   1 
HETATM 1287 O O   . HOH D 4 .   ? -17.855 -8.119  -8.340  1.00 28.22 ? 1061 HOH A O   1 
HETATM 1288 O O   . HOH D 4 .   ? -18.698 -3.237  -8.252  1.00 25.22 ? 1062 HOH A O   1 
HETATM 1289 O O   . HOH D 4 .   ? 5.185   13.651  10.851  1.00 41.39 ? 1063 HOH A O   1 
HETATM 1290 O O   . HOH D 4 .   ? -18.488 9.627   11.632  1.00 38.14 ? 1064 HOH A O   1 
HETATM 1291 O O   . HOH D 4 .   ? -2.173  13.260  -6.553  1.00 42.89 ? 1065 HOH A O   1 
HETATM 1292 O O   . HOH D 4 .   ? 0.470   -8.438  -12.477 1.00 33.31 ? 1066 HOH A O   1 
HETATM 1293 O O   . HOH D 4 .   ? 3.696   10.225  15.919  1.00 34.49 ? 1067 HOH A O   1 
HETATM 1294 O O   . HOH D 4 .   ? 14.673  2.746   3.810   1.00 32.93 ? 1068 HOH A O   1 
HETATM 1295 O O   . HOH D 4 .   ? 6.509   -3.856  -10.762 1.00 24.81 ? 1069 HOH A O   1 
HETATM 1296 O O   . HOH D 4 .   ? 8.503   -4.960  -9.131  1.00 19.55 ? 1070 HOH A O   1 
HETATM 1297 O O   . HOH D 4 .   ? 11.126  4.637   -3.552  1.00 31.52 ? 1071 HOH A O   1 
HETATM 1298 O O   . HOH D 4 .   ? 12.393  3.889   -5.799  1.00 33.20 ? 1072 HOH A O   1 
HETATM 1299 O O   . HOH D 4 .   ? 13.898  9.973   -17.931 0.50 32.22 ? 1073 HOH A O   1 
HETATM 1300 O O   . HOH D 4 .   ? 13.401  -3.591  1.509   1.00 34.16 ? 1074 HOH A O   1 
HETATM 1301 O O   . HOH D 4 .   ? 14.067  8.305   6.022   1.00 29.64 ? 1075 HOH A O   1 
HETATM 1302 O O   . HOH D 4 .   ? 15.770  6.058   5.434   1.00 41.04 ? 1076 HOH A O   1 
HETATM 1303 O O   . HOH D 4 .   ? -1.099  2.088   11.218  1.00 26.14 ? 1077 HOH A O   1 
HETATM 1304 O O   . HOH D 4 .   ? -4.702  13.568  5.779   1.00 24.85 ? 1078 HOH A O   1 
HETATM 1305 O O   . HOH D 4 .   ? -18.696 -4.970  4.673   1.00 37.19 ? 1079 HOH A O   1 
HETATM 1306 O O   . HOH D 4 .   ? 2.174   -14.016 -7.424  1.00 42.92 ? 1080 HOH A O   1 
HETATM 1307 O O   . HOH D 4 .   ? 3.841   -13.398 -11.455 1.00 34.21 ? 1081 HOH A O   1 
HETATM 1308 O O   . HOH D 4 .   ? 3.526   8.422   -19.494 1.00 45.60 ? 1082 HOH A O   1 
HETATM 1309 O O   . HOH D 4 .   ? 2.246   -14.014 5.605   1.00 36.17 ? 1083 HOH A O   1 
HETATM 1310 O O   . HOH D 4 .   ? 13.412  -2.417  -1.582  1.00 33.36 ? 1084 HOH A O   1 
HETATM 1311 O O   . HOH D 4 .   ? 10.906  -8.282  6.140   1.00 32.56 ? 1085 HOH A O   1 
HETATM 1312 O O   . HOH D 4 .   ? -12.320 -7.338  -6.387  1.00 31.48 ? 1086 HOH A O   1 
HETATM 1313 O O   . HOH D 4 .   ? -9.399  9.936   -4.320  1.00 38.71 ? 1087 HOH A O   1 
HETATM 1314 O O   . HOH D 4 .   ? -9.788  -13.039 -7.941  1.00 42.85 ? 1088 HOH A O   1 
HETATM 1315 O O   . HOH D 4 .   ? 14.257  6.986   -27.943 1.00 46.63 ? 1089 HOH A O   1 
HETATM 1316 O O   . HOH D 4 .   ? 10.731  11.690  0.862   1.00 38.58 ? 1090 HOH A O   1 
HETATM 1317 O O   . HOH D 4 .   ? -11.931 -15.283 -0.541  1.00 38.03 ? 1091 HOH A O   1 
HETATM 1318 O O   . HOH D 4 .   ? -1.211  0.310   -12.968 1.00 34.06 ? 1092 HOH A O   1 
HETATM 1319 O O   . HOH D 4 .   ? 9.700   1.137   -15.398 1.00 40.82 ? 1093 HOH A O   1 
HETATM 1320 O O   . HOH D 4 .   ? -12.770 17.315  0.916   1.00 38.44 ? 1094 HOH A O   1 
HETATM 1321 O O   . HOH D 4 .   ? 4.534   -1.198  3.640   1.00 43.36 ? 1095 HOH A O   1 
HETATM 1322 O O   . HOH D 4 .   ? -5.009  1.821   -11.951 1.00 35.61 ? 1096 HOH A O   1 
HETATM 1323 O O   . HOH D 4 .   ? -0.976  13.246  -16.324 1.00 51.73 ? 1097 HOH A O   1 
HETATM 1324 O O   . HOH D 4 .   ? 4.721   -8.764  22.046  1.00 44.93 ? 1098 HOH A O   1 
HETATM 1325 O O   . HOH D 4 .   ? 14.628  12.861  -13.744 0.50 36.97 ? 1099 HOH A O   1 
HETATM 1326 O O   . HOH D 4 .   ? -5.976  13.200  -4.665  1.00 37.57 ? 1100 HOH A O   1 
HETATM 1327 O O   . HOH D 4 .   ? -10.490 -10.552 6.672   1.00 33.57 ? 1101 HOH A O   1 
HETATM 1328 O O   . HOH D 4 .   ? -6.333  0.664   -10.026 1.00 44.65 ? 1102 HOH A O   1 
HETATM 1329 O O   . HOH D 4 .   ? -2.778  -10.713 8.449   1.00 40.42 ? 1103 HOH A O   1 
HETATM 1330 O O   . HOH D 4 .   ? 11.239  14.262  9.030   1.00 39.22 ? 1104 HOH A O   1 
HETATM 1331 O O   . HOH D 4 .   ? -2.223  -2.893  15.715  1.00 46.48 ? 1105 HOH A O   1 
HETATM 1332 O O   . HOH D 4 .   ? -13.570 -14.154 -1.983  1.00 51.23 ? 1106 HOH A O   1 
HETATM 1333 O O   . HOH D 4 .   ? -3.102  0.027   -11.519 1.00 44.82 ? 1107 HOH A O   1 
HETATM 1334 O O   . HOH D 4 .   ? 13.456  15.454  14.792  1.00 42.50 ? 1108 HOH A O   1 
HETATM 1335 O O   . HOH D 4 .   ? -12.593 17.370  -1.685  1.00 42.97 ? 1109 HOH A O   1 
HETATM 1336 O O   . HOH D 4 .   ? 15.877  1.785   7.584   1.00 46.34 ? 1110 HOH A O   1 
HETATM 1337 O O   . HOH D 4 .   ? 12.281  7.677   -20.991 1.00 35.35 ? 1111 HOH A O   1 
HETATM 1338 O O   . HOH D 4 .   ? -1.644  14.528  -4.243  1.00 63.75 ? 1112 HOH A O   1 
HETATM 1339 O O   . HOH D 4 .   ? -3.119  6.000   14.860  1.00 43.04 ? 1113 HOH A O   1 
HETATM 1340 O O   . HOH D 4 .   ? -2.261  -18.238 2.862   1.00 55.73 ? 1114 HOH A O   1 
HETATM 1341 O O   . HOH D 4 .   ? -10.635 1.693   12.238  1.00 52.61 ? 1115 HOH A O   1 
HETATM 1342 O O   . HOH D 4 .   ? -1.679  11.745  -12.956 1.00 46.62 ? 1116 HOH A O   1 
HETATM 1343 O O   . HOH D 4 .   ? 8.045   10.775  -21.699 1.00 51.88 ? 1117 HOH A O   1 
HETATM 1344 O O   . HOH D 4 .   ? 1.326   9.404   -20.591 1.00 43.10 ? 1118 HOH A O   1 
HETATM 1345 O O   . HOH D 4 .   ? 5.131   15.538  -3.011  1.00 66.51 ? 1119 HOH A O   1 
HETATM 1346 O O   . HOH D 4 .   ? -15.204 -7.271  2.873   1.00 54.68 ? 1120 HOH A O   1 
HETATM 1347 O O   . HOH D 4 .   ? 5.854   12.754  13.294  1.00 51.47 ? 1121 HOH A O   1 
HETATM 1348 O O   . HOH D 4 .   ? -7.802  -10.212 7.746   1.00 61.00 ? 1122 HOH A O   1 
HETATM 1349 O O   . HOH D 4 .   ? -12.070 15.254  4.540   1.00 43.21 ? 1123 HOH A O   1 
HETATM 1350 O O   . HOH D 4 .   ? 0.123   -10.765 20.750  1.00 51.16 ? 1124 HOH A O   1 
HETATM 1351 O O   . HOH D 4 .   ? -3.530  10.892  -18.756 1.00 49.52 ? 1125 HOH A O   1 
HETATM 1352 O O   . HOH D 4 .   ? 4.919   9.986   -8.989  1.00 89.83 ? 1126 HOH A O   1 
HETATM 1353 O O   . HOH D 4 .   ? 11.171  11.965  5.471   1.00 42.72 ? 1127 HOH A O   1 
HETATM 1354 O O   . HOH D 4 .   ? 9.748   12.676  -0.981  1.00 50.66 ? 1128 HOH A O   1 
HETATM 1355 O O   . HOH D 4 .   ? 1.527   -14.421 13.498  1.00 47.12 ? 1129 HOH A O   1 
HETATM 1356 O O   . HOH D 4 .   ? 1.113   10.358  -11.091 1.00 44.37 ? 1130 HOH A O   1 
# 
